data_6OAB
#
_entry.id   6OAB
#
loop_
_entity.id
_entity.type
_entity.pdbx_description
1 polymer 'Cell division control protein 48'
2 polymer 'poly(alanine) substrate'
3 non-polymer "ADENOSINE-5'-DIPHOSPHATE"
4 non-polymer 'BERYLLIUM TRIFLUORIDE ION'
#
loop_
_entity_poly.entity_id
_entity_poly.type
_entity_poly.pdbx_seq_one_letter_code
_entity_poly.pdbx_strand_id
1 'polypeptide(L)'
;MGEEHKPLLDASGVDPREEDKTATAILRRKKKDNMLLVDDAINDDNSVIAINSNTMDKLELFRGDTVLVKGKKRKDTVLI
VLIDDELEDGACRINRVVRNNLRIRLGDLVTIHPCPDIKYATRISVLPIADTIEGITGNLFDVFLKPYFVEAYRPVRKGD
HFVVRGGMRQVEFKVVDVEPEEYAVVAQDTIIHWEGEPINREDEENNMNEVGYDDIGGCRKQMAQIREMVELPLRHPQLF
KAIGIKPPRGVLMYGPPGTGKTLMARAVANETGAFFFLINGPEVMSKMAGESESNLRKAFEEAEKNAPAIIFIDEIDSIA
PKRDKTNGEVERRVVSQLLTLMDGMKARSNVVVIAATNRPNSIDPALRRFGRFDREVDIGIPDATGRLEVLRIHTKNMKL
ADDVDLEALAAETHGYVGADIASLCSEAAMQQIREKMDLIDLDEDEIDAEVLDSLGVTMDNFRFALGNSNPSALRETVVE
SVNVTWDDVGGLDEIKEELKETVEYPVLHPDQYTKFGLSPSKGVLFYGPPGTGKTLLAKAVATEVSANFISVKGPELLSM
WYGESESNIRDIFDKARAAAPTVVFLDELDSIAKARGGSLGDAGGASDRVVNQLLTEMDGMNAKKNVFVIGATNRPDQID
PAILRPGRLDQLIYVPLPDENARLSILNAQLRKTPLEPGLELTAIAKATQGFSGADLLYIVQRAAKYAIKDSIEAHRQHE
AEKEVKVEGEDVEMTDEGAKAEQEPEVDPVPYITKEHFAEAMKTAKRSVSDAELRRYEAYSQQMKASRGQFSNFNFNDAP
LGTTATDNANSNNSAPSGAGAAFGSNAEEDDDLYS
;
D,E,B,C,A
2 'polypeptide(L)' AAAAAAAAAAAAAAAAAAAAAAAA H
#
# COMPACT_ATOMS: atom_id res chain seq x y z
N ASN A 209 44.12 14.61 11.09
CA ASN A 209 43.72 14.36 9.72
C ASN A 209 42.63 13.30 9.63
N GLU A 210 42.73 12.28 10.47
CA GLU A 210 41.77 11.20 10.53
C GLU A 210 41.17 11.09 11.92
N VAL A 211 39.91 10.66 11.97
CA VAL A 211 39.23 10.50 13.25
C VAL A 211 39.67 9.19 13.91
N GLY A 212 39.44 9.10 15.21
CA GLY A 212 39.81 7.92 15.96
C GLY A 212 38.94 7.68 17.18
N TYR A 213 39.49 7.02 18.19
CA TYR A 213 38.74 6.73 19.41
C TYR A 213 38.61 7.94 20.32
N ASP A 214 39.37 9.00 20.08
CA ASP A 214 39.26 10.22 20.87
C ASP A 214 38.15 11.13 20.35
N ASP A 215 38.03 11.26 19.03
CA ASP A 215 36.98 12.09 18.44
C ASP A 215 35.62 11.40 18.44
N ILE A 216 35.56 10.12 18.79
CA ILE A 216 34.29 9.39 18.82
C ILE A 216 33.57 9.53 20.16
N GLY A 217 34.16 10.25 21.11
CA GLY A 217 33.62 10.36 22.45
C GLY A 217 32.29 11.10 22.51
N GLY A 218 31.69 11.04 23.69
CA GLY A 218 30.32 11.50 23.90
C GLY A 218 29.36 10.40 24.27
N CYS A 219 29.80 9.14 24.21
CA CYS A 219 29.00 7.99 24.60
C CYS A 219 29.92 6.93 25.18
N ARG A 220 29.43 6.23 26.19
CA ARG A 220 30.19 5.18 26.84
C ARG A 220 29.48 3.83 26.81
N LYS A 221 28.15 3.81 26.92
CA LYS A 221 27.41 2.57 26.94
C LYS A 221 27.38 1.90 25.56
N GLN A 222 27.10 2.68 24.52
CA GLN A 222 27.04 2.15 23.17
C GLN A 222 28.39 2.13 22.47
N MET A 223 29.41 2.74 23.05
CA MET A 223 30.73 2.73 22.43
C MET A 223 31.51 1.48 22.80
N ALA A 224 31.37 1.01 24.05
CA ALA A 224 32.07 -0.19 24.48
C ALA A 224 31.48 -1.46 23.88
N GLN A 225 30.23 -1.40 23.39
CA GLN A 225 29.63 -2.57 22.78
C GLN A 225 30.21 -2.82 21.38
N ILE A 226 30.60 -1.75 20.68
CA ILE A 226 31.17 -1.89 19.35
C ILE A 226 32.69 -2.06 19.38
N ARG A 227 33.34 -1.72 20.50
CA ARG A 227 34.79 -1.88 20.59
C ARG A 227 35.17 -3.33 20.88
N GLU A 228 34.42 -4.00 21.75
CA GLU A 228 34.66 -5.40 22.05
C GLU A 228 34.04 -6.35 21.03
N MET A 229 33.36 -5.82 20.01
CA MET A 229 32.73 -6.63 18.98
C MET A 229 33.65 -6.85 17.77
N VAL A 230 34.59 -5.93 17.55
CA VAL A 230 35.47 -5.97 16.38
C VAL A 230 36.94 -6.07 16.81
N GLU A 231 37.37 -5.19 17.70
CA GLU A 231 38.80 -5.10 18.01
C GLU A 231 39.26 -6.24 18.94
N LEU A 232 38.45 -6.55 19.94
CA LEU A 232 38.80 -7.55 20.96
C LEU A 232 38.95 -8.99 20.42
N PRO A 233 38.18 -9.47 19.43
CA PRO A 233 38.58 -10.75 18.80
C PRO A 233 39.86 -10.67 17.97
N LEU A 234 40.29 -9.49 17.57
CA LEU A 234 41.52 -9.35 16.79
C LEU A 234 42.73 -9.15 17.67
N ARG A 235 42.61 -8.34 18.72
CA ARG A 235 43.74 -8.08 19.61
C ARG A 235 43.93 -9.17 20.65
N HIS A 236 42.91 -9.99 20.90
CA HIS A 236 43.01 -11.10 21.85
C HIS A 236 42.25 -12.30 21.29
N PRO A 237 42.88 -13.12 20.46
CA PRO A 237 42.23 -14.33 19.96
C PRO A 237 42.53 -15.60 20.75
N GLN A 238 43.30 -15.51 21.82
CA GLN A 238 43.71 -16.72 22.53
C GLN A 238 42.62 -17.24 23.47
N LEU A 239 41.69 -16.39 23.89
CA LEU A 239 40.62 -16.82 24.76
C LEU A 239 39.35 -17.19 24.01
N PHE A 240 39.20 -16.75 22.76
CA PHE A 240 38.08 -17.16 21.93
C PHE A 240 38.25 -18.56 21.37
N LYS A 241 39.44 -19.14 21.46
CA LYS A 241 39.65 -20.53 21.10
C LYS A 241 39.50 -21.40 22.34
N ALA A 242 39.09 -22.65 22.12
CA ALA A 242 38.72 -23.63 23.16
C ALA A 242 37.65 -23.08 24.10
N ILE A 243 36.72 -22.32 23.54
CA ILE A 243 35.58 -21.80 24.30
C ILE A 243 34.24 -22.15 23.66
N GLY A 244 34.21 -22.55 22.40
CA GLY A 244 33.01 -23.11 21.80
C GLY A 244 32.09 -22.13 21.11
N ILE A 245 32.32 -20.82 21.23
CA ILE A 245 31.43 -19.81 20.66
C ILE A 245 32.20 -18.96 19.67
N LYS A 246 31.57 -18.67 18.52
CA LYS A 246 32.13 -17.76 17.54
C LYS A 246 31.92 -16.32 18.02
N PRO A 247 32.87 -15.44 17.75
CA PRO A 247 32.65 -14.00 18.03
C PRO A 247 31.58 -13.44 17.12
N PRO A 248 30.89 -12.38 17.53
CA PRO A 248 29.87 -11.77 16.66
C PRO A 248 30.49 -11.08 15.47
N ARG A 249 29.81 -11.19 14.33
CA ARG A 249 30.39 -10.80 13.06
C ARG A 249 29.66 -9.65 12.37
N GLY A 250 28.44 -9.32 12.79
CA GLY A 250 27.68 -8.27 12.11
C GLY A 250 27.14 -7.21 13.05
N VAL A 251 27.47 -5.95 12.77
CA VAL A 251 27.10 -4.83 13.63
C VAL A 251 26.16 -3.92 12.84
N LEU A 252 24.97 -3.69 13.40
CA LEU A 252 24.01 -2.76 12.81
C LEU A 252 23.50 -1.84 13.91
N MET A 253 23.58 -0.54 13.66
CA MET A 253 23.13 0.46 14.61
C MET A 253 21.92 1.20 14.06
N TYR A 254 21.07 1.65 14.97
CA TYR A 254 19.83 2.33 14.59
C TYR A 254 19.58 3.47 15.56
N GLY A 255 18.69 4.36 15.16
CA GLY A 255 18.36 5.52 15.96
C GLY A 255 17.97 6.71 15.12
N PRO A 256 18.04 7.91 15.71
CA PRO A 256 17.68 9.11 14.97
C PRO A 256 18.79 9.49 13.99
N PRO A 257 18.45 10.08 12.86
CA PRO A 257 19.50 10.48 11.90
C PRO A 257 20.23 11.73 12.37
N GLY A 258 21.54 11.63 12.49
CA GLY A 258 22.35 12.76 12.88
C GLY A 258 23.23 12.51 14.10
N THR A 259 23.12 11.33 14.69
CA THR A 259 23.89 11.00 15.88
C THR A 259 25.25 10.40 15.56
N GLY A 260 25.63 10.34 14.29
CA GLY A 260 26.91 9.80 13.90
C GLY A 260 26.95 8.29 13.84
N LYS A 261 26.00 7.70 13.11
CA LYS A 261 26.00 6.25 12.92
C LYS A 261 26.93 5.85 11.77
N THR A 262 27.24 6.78 10.86
CA THR A 262 28.20 6.51 9.79
C THR A 262 29.59 7.04 10.10
N LEU A 263 29.76 7.79 11.19
CA LEU A 263 31.08 8.27 11.56
C LEU A 263 31.88 7.19 12.27
N MET A 264 31.21 6.35 13.06
CA MET A 264 31.88 5.36 13.90
C MET A 264 32.56 4.26 13.10
N ALA A 265 32.10 4.00 11.87
CA ALA A 265 32.79 3.03 11.02
C ALA A 265 34.12 3.57 10.53
N ARG A 266 34.20 4.89 10.29
CA ARG A 266 35.46 5.51 9.91
C ARG A 266 36.42 5.63 11.08
N ALA A 267 35.91 5.64 12.32
CA ALA A 267 36.77 5.75 13.48
C ALA A 267 37.42 4.41 13.82
N VAL A 268 36.66 3.32 13.74
CA VAL A 268 37.21 1.99 14.02
C VAL A 268 37.97 1.41 12.85
N ALA A 269 37.94 2.06 11.68
CA ALA A 269 38.72 1.58 10.54
C ALA A 269 40.20 1.88 10.71
N ASN A 270 40.52 3.08 11.19
CA ASN A 270 41.91 3.48 11.35
C ASN A 270 42.49 3.11 12.70
N GLU A 271 41.69 2.58 13.62
CA GLU A 271 42.17 2.19 14.94
C GLU A 271 42.58 0.73 15.02
N THR A 272 41.86 -0.17 14.36
CA THR A 272 42.22 -1.58 14.37
C THR A 272 43.34 -1.91 13.40
N GLY A 273 43.56 -1.09 12.37
CA GLY A 273 44.64 -1.34 11.45
C GLY A 273 44.41 -2.48 10.48
N ALA A 274 43.16 -2.81 10.19
CA ALA A 274 42.82 -3.89 9.28
C ALA A 274 42.34 -3.31 7.95
N PHE A 275 42.03 -4.21 7.02
CA PHE A 275 41.53 -3.80 5.71
C PHE A 275 40.09 -3.32 5.82
N PHE A 276 39.80 -2.20 5.15
CA PHE A 276 38.49 -1.57 5.25
C PHE A 276 37.90 -1.40 3.86
N PHE A 277 36.62 -1.71 3.73
CA PHE A 277 35.88 -1.57 2.48
C PHE A 277 34.66 -0.70 2.71
N LEU A 278 34.29 0.07 1.69
CA LEU A 278 33.18 1.00 1.75
C LEU A 278 32.21 0.69 0.62
N ILE A 279 30.94 0.47 0.98
CA ILE A 279 29.88 0.18 0.02
C ILE A 279 28.74 1.13 0.29
N ASN A 280 28.34 1.90 -0.73
CA ASN A 280 27.22 2.81 -0.62
C ASN A 280 25.92 2.06 -0.91
N GLY A 281 24.81 2.74 -0.68
CA GLY A 281 23.49 2.15 -0.85
C GLY A 281 23.12 1.88 -2.29
N PRO A 282 22.82 2.94 -3.06
CA PRO A 282 22.41 2.75 -4.45
C PRO A 282 23.57 2.66 -5.43
N GLU A 283 24.81 2.57 -4.95
CA GLU A 283 25.96 2.41 -5.84
C GLU A 283 26.02 1.02 -6.45
N VAL A 284 25.43 0.02 -5.78
CA VAL A 284 25.41 -1.35 -6.30
C VAL A 284 24.34 -1.56 -7.34
N MET A 285 23.20 -0.87 -7.23
CA MET A 285 22.06 -1.06 -8.11
C MET A 285 22.35 -0.50 -9.49
N SER A 286 22.17 -1.34 -10.52
CA SER A 286 22.43 -0.94 -11.89
C SER A 286 21.58 -1.79 -12.83
N LYS A 287 21.41 -1.30 -14.05
CA LYS A 287 20.70 -2.05 -15.08
C LYS A 287 21.65 -3.06 -15.75
N MET A 288 21.18 -3.65 -16.85
CA MET A 288 21.76 -4.85 -17.47
C MET A 288 21.82 -5.98 -16.44
N ALA A 289 20.63 -6.52 -16.11
CA ALA A 289 20.34 -7.44 -15.00
C ALA A 289 21.42 -8.50 -14.79
N GLY A 290 21.86 -8.61 -13.55
CA GLY A 290 23.21 -9.03 -13.25
C GLY A 290 23.92 -7.77 -12.82
N GLU A 291 25.06 -7.90 -12.12
CA GLU A 291 25.92 -6.83 -11.60
C GLU A 291 25.27 -5.99 -10.50
N SER A 292 24.01 -6.24 -10.17
CA SER A 292 23.40 -5.68 -8.97
C SER A 292 23.63 -6.68 -7.84
N GLU A 293 23.83 -7.93 -8.22
CA GLU A 293 24.21 -9.00 -7.31
C GLU A 293 25.67 -9.39 -7.44
N SER A 294 26.26 -9.17 -8.61
CA SER A 294 27.68 -9.50 -8.81
C SER A 294 28.60 -8.48 -8.17
N ASN A 295 28.17 -7.22 -8.07
CA ASN A 295 28.97 -6.22 -7.37
C ASN A 295 28.98 -6.46 -5.86
N LEU A 296 27.91 -7.03 -5.31
CA LEU A 296 27.94 -7.48 -3.92
C LEU A 296 28.81 -8.71 -3.76
N ARG A 297 28.90 -9.55 -4.79
CA ARG A 297 29.73 -10.74 -4.72
C ARG A 297 31.21 -10.41 -4.91
N LYS A 298 31.53 -9.43 -5.75
CA LYS A 298 32.91 -9.06 -6.01
C LYS A 298 33.55 -8.28 -4.87
N ALA A 299 32.76 -7.76 -3.94
CA ALA A 299 33.29 -7.03 -2.79
C ALA A 299 33.50 -7.91 -1.57
N PHE A 300 32.73 -8.99 -1.45
CA PHE A 300 32.92 -9.89 -0.32
C PHE A 300 34.11 -10.81 -0.53
N GLU A 301 34.40 -11.17 -1.79
CA GLU A 301 35.56 -12.01 -2.07
C GLU A 301 36.85 -11.21 -1.97
N GLU A 302 36.79 -9.89 -2.18
CA GLU A 302 37.96 -9.05 -1.98
C GLU A 302 38.28 -8.92 -0.50
N ALA A 303 37.26 -8.82 0.34
CA ALA A 303 37.44 -8.81 1.78
C ALA A 303 37.61 -10.21 2.36
N GLU A 304 37.36 -11.26 1.57
CA GLU A 304 37.57 -12.62 2.04
C GLU A 304 39.05 -12.92 2.26
N LYS A 305 39.89 -12.45 1.34
CA LYS A 305 41.33 -12.47 1.56
C LYS A 305 41.73 -11.28 2.42
N ASN A 306 43.04 -11.23 2.73
CA ASN A 306 43.66 -10.24 3.63
C ASN A 306 42.96 -10.20 4.99
N ALA A 307 43.04 -11.34 5.68
CA ALA A 307 42.39 -11.45 6.99
C ALA A 307 43.20 -10.72 8.05
N PRO A 308 42.55 -9.92 8.91
CA PRO A 308 41.11 -9.63 8.92
C PRO A 308 40.74 -8.44 8.04
N ALA A 309 39.48 -8.36 7.63
CA ALA A 309 39.03 -7.31 6.74
C ALA A 309 37.59 -6.95 7.08
N ILE A 310 37.37 -5.73 7.57
CA ILE A 310 36.04 -5.25 7.85
C ILE A 310 35.47 -4.59 6.60
N ILE A 311 34.15 -4.59 6.48
CA ILE A 311 33.46 -4.08 5.31
C ILE A 311 32.22 -3.32 5.78
N PHE A 312 32.05 -2.09 5.28
CA PHE A 312 30.98 -1.20 5.71
C PHE A 312 29.96 -1.06 4.59
N ILE A 313 28.74 -1.55 4.83
CA ILE A 313 27.62 -1.40 3.91
C ILE A 313 26.71 -0.33 4.47
N ASP A 314 26.32 0.63 3.62
CA ASP A 314 25.52 1.77 4.04
C ASP A 314 24.16 1.75 3.34
N GLU A 315 23.22 2.46 3.97
CA GLU A 315 21.85 2.67 3.47
C GLU A 315 21.11 1.34 3.25
N ILE A 316 20.92 0.62 4.35
CA ILE A 316 20.12 -0.60 4.31
C ILE A 316 18.63 -0.27 4.35
N ASP A 317 18.26 0.98 4.62
CA ASP A 317 16.87 1.37 4.52
C ASP A 317 16.44 1.51 3.06
N SER A 318 17.37 1.86 2.18
CA SER A 318 17.04 2.06 0.77
C SER A 318 17.01 0.73 0.01
N ILE A 319 18.15 0.04 -0.04
CA ILE A 319 18.23 -1.24 -0.72
C ILE A 319 17.88 -2.35 0.25
N ALA A 320 17.51 -3.51 -0.31
CA ALA A 320 17.04 -4.71 0.36
C ALA A 320 15.89 -4.44 1.32
N PRO A 321 14.68 -4.14 0.82
CA PRO A 321 13.55 -3.91 1.72
C PRO A 321 12.85 -5.20 2.10
N LYS A 322 11.70 -5.10 2.78
CA LYS A 322 10.87 -6.26 3.00
C LYS A 322 10.28 -6.75 1.67
N ARG A 323 10.14 -8.06 1.55
CA ARG A 323 9.78 -8.65 0.26
C ARG A 323 8.30 -8.46 -0.07
N ASP A 324 7.43 -8.74 0.89
CA ASP A 324 5.98 -8.72 0.66
C ASP A 324 5.37 -7.34 0.86
N LYS A 325 6.19 -6.30 1.00
CA LYS A 325 5.69 -4.94 1.20
C LYS A 325 6.06 -3.99 0.08
N THR A 326 6.90 -4.41 -0.87
CA THR A 326 7.30 -3.58 -1.99
C THR A 326 6.97 -4.29 -3.30
N ASN A 327 7.09 -3.55 -4.40
CA ASN A 327 6.91 -4.09 -5.74
C ASN A 327 8.12 -3.67 -6.57
N GLY A 328 9.17 -4.49 -6.52
CA GLY A 328 10.36 -4.28 -7.31
C GLY A 328 10.96 -5.59 -7.79
N GLU A 329 11.27 -5.66 -9.08
CA GLU A 329 11.66 -6.93 -9.69
C GLU A 329 13.07 -7.34 -9.26
N VAL A 330 14.01 -6.39 -9.24
CA VAL A 330 15.35 -6.70 -8.77
C VAL A 330 15.39 -6.79 -7.25
N GLU A 331 14.41 -6.19 -6.56
CA GLU A 331 14.45 -6.11 -5.10
C GLU A 331 14.22 -7.45 -4.42
N ARG A 332 13.59 -8.41 -5.11
CA ARG A 332 13.54 -9.78 -4.59
C ARG A 332 14.86 -10.51 -4.73
N ARG A 333 15.77 -10.01 -5.58
CA ARG A 333 17.06 -10.67 -5.78
C ARG A 333 18.19 -10.05 -4.98
N VAL A 334 18.16 -8.74 -4.73
CA VAL A 334 19.21 -8.12 -3.92
C VAL A 334 19.05 -8.45 -2.44
N VAL A 335 17.81 -8.59 -1.97
CA VAL A 335 17.57 -8.90 -0.56
C VAL A 335 17.93 -10.35 -0.23
N SER A 336 18.01 -11.23 -1.23
CA SER A 336 18.35 -12.63 -1.00
C SER A 336 19.77 -12.99 -1.37
N GLN A 337 20.41 -12.22 -2.25
CA GLN A 337 21.83 -12.41 -2.51
C GLN A 337 22.67 -12.00 -1.31
N LEU A 338 22.22 -10.98 -0.57
CA LEU A 338 22.93 -10.56 0.63
C LEU A 338 22.79 -11.59 1.76
N LEU A 339 21.74 -12.42 1.70
CA LEU A 339 21.60 -13.50 2.68
C LEU A 339 22.65 -14.59 2.49
N THR A 340 22.86 -15.06 1.25
CA THR A 340 23.76 -16.18 1.05
C THR A 340 25.23 -15.75 1.09
N LEU A 341 25.49 -14.44 1.04
CA LEU A 341 26.86 -13.93 1.14
C LEU A 341 27.34 -13.80 2.58
N MET A 342 26.44 -13.91 3.55
CA MET A 342 26.79 -13.77 4.96
C MET A 342 26.66 -15.07 5.73
N ASP A 343 25.65 -15.89 5.42
CA ASP A 343 25.53 -17.25 5.98
C ASP A 343 24.97 -18.17 4.89
N GLY A 344 25.86 -18.81 4.15
CA GLY A 344 25.46 -19.71 3.08
C GLY A 344 25.87 -21.13 3.35
N MET A 345 26.91 -21.60 2.65
CA MET A 345 27.47 -22.93 2.86
C MET A 345 28.93 -22.75 3.26
N LYS A 346 29.18 -22.76 4.58
CA LYS A 346 30.49 -22.55 5.18
C LYS A 346 31.12 -21.22 4.74
N ALA A 347 30.36 -20.16 4.94
CA ALA A 347 30.81 -18.80 4.73
C ALA A 347 31.11 -18.17 6.09
N ARG A 348 31.32 -16.84 6.07
CA ARG A 348 31.62 -16.03 7.26
C ARG A 348 32.88 -16.55 7.96
N SER A 349 34.00 -16.39 7.25
CA SER A 349 35.30 -16.81 7.73
C SER A 349 36.11 -15.64 8.30
N ASN A 350 36.31 -14.58 7.52
CA ASN A 350 37.17 -13.48 7.93
C ASN A 350 36.54 -12.11 7.77
N VAL A 351 35.37 -12.00 7.16
CA VAL A 351 34.73 -10.71 6.92
C VAL A 351 33.93 -10.30 8.15
N VAL A 352 33.84 -8.99 8.36
CA VAL A 352 33.01 -8.40 9.42
C VAL A 352 32.20 -7.28 8.81
N VAL A 353 30.89 -7.44 8.76
CA VAL A 353 30.00 -6.47 8.13
C VAL A 353 29.48 -5.49 9.18
N ILE A 354 29.67 -4.20 8.89
CA ILE A 354 29.19 -3.12 9.75
C ILE A 354 28.17 -2.31 8.94
N ALA A 355 26.96 -2.17 9.48
CA ALA A 355 25.91 -1.43 8.80
C ALA A 355 25.49 -0.21 9.61
N ALA A 356 24.83 0.73 8.94
CA ALA A 356 24.37 1.96 9.57
C ALA A 356 23.05 2.35 8.92
N THR A 357 21.97 2.33 9.71
CA THR A 357 20.63 2.58 9.19
C THR A 357 19.88 3.44 10.18
N ASN A 358 19.10 4.40 9.67
CA ASN A 358 18.22 5.19 10.52
C ASN A 358 16.78 4.68 10.54
N ARG A 359 16.43 3.72 9.68
CA ARG A 359 15.09 3.14 9.62
C ARG A 359 15.21 1.62 9.72
N PRO A 360 15.22 1.06 10.93
CA PRO A 360 15.34 -0.40 11.06
C PRO A 360 14.07 -1.16 10.74
N ASN A 361 12.90 -0.50 10.74
CA ASN A 361 11.65 -1.17 10.45
C ASN A 361 11.43 -1.39 8.96
N SER A 362 12.23 -0.76 8.10
CA SER A 362 12.08 -0.88 6.66
C SER A 362 12.90 -2.01 6.05
N ILE A 363 13.87 -2.56 6.79
CA ILE A 363 14.71 -3.63 6.28
C ILE A 363 13.97 -4.95 6.40
N ASP A 364 14.51 -5.99 5.76
CA ASP A 364 13.86 -7.29 5.76
C ASP A 364 13.99 -7.95 7.14
N PRO A 365 12.94 -8.61 7.62
CA PRO A 365 13.00 -9.23 8.96
C PRO A 365 13.90 -10.45 9.04
N ALA A 366 14.34 -11.01 7.90
CA ALA A 366 15.30 -12.11 7.90
C ALA A 366 16.73 -11.62 7.80
N LEU A 367 17.01 -10.39 8.23
CA LEU A 367 18.34 -9.81 8.17
C LEU A 367 18.91 -9.47 9.54
N ARG A 368 18.07 -9.24 10.54
CA ARG A 368 18.50 -8.93 11.90
C ARG A 368 18.62 -10.18 12.76
N ARG A 369 18.93 -11.32 12.14
CA ARG A 369 19.01 -12.59 12.84
C ARG A 369 20.42 -12.76 13.40
N PHE A 370 20.70 -13.92 14.01
CA PHE A 370 21.97 -14.17 14.68
C PHE A 370 23.14 -14.32 13.72
N GLY A 371 22.93 -14.92 12.54
CA GLY A 371 24.04 -15.16 11.64
C GLY A 371 24.54 -13.91 10.94
N ARG A 372 23.61 -13.01 10.58
CA ARG A 372 23.96 -11.87 9.75
C ARG A 372 24.21 -10.60 10.56
N PHE A 373 23.19 -10.13 11.28
CA PHE A 373 23.29 -8.89 12.06
C PHE A 373 22.76 -9.18 13.46
N ASP A 374 23.65 -9.62 14.34
CA ASP A 374 23.30 -9.95 15.72
C ASP A 374 23.82 -8.87 16.65
N ARG A 375 23.29 -8.88 17.88
CA ARG A 375 23.70 -8.00 18.98
C ARG A 375 23.54 -6.52 18.61
N GLU A 376 22.27 -6.13 18.47
CA GLU A 376 21.93 -4.79 18.01
C GLU A 376 22.30 -3.74 19.06
N VAL A 377 22.61 -2.54 18.57
CA VAL A 377 23.00 -1.42 19.42
C VAL A 377 22.14 -0.22 19.05
N ASP A 378 21.79 0.59 20.05
CA ASP A 378 20.97 1.77 19.85
C ASP A 378 21.83 3.02 20.08
N ILE A 379 21.91 3.87 19.06
CA ILE A 379 22.66 5.12 19.15
C ILE A 379 21.62 6.23 19.24
N GLY A 380 21.28 6.61 20.47
CA GLY A 380 20.24 7.58 20.71
C GLY A 380 20.78 8.97 21.01
N ILE A 381 19.89 9.82 21.49
CA ILE A 381 20.21 11.20 21.83
C ILE A 381 20.88 11.23 23.20
N PRO A 382 22.10 11.77 23.32
CA PRO A 382 22.79 11.79 24.62
C PRO A 382 22.30 12.97 25.46
N ASP A 383 21.65 12.65 26.59
CA ASP A 383 21.15 13.67 27.50
C ASP A 383 21.63 13.52 28.93
N ALA A 384 21.78 12.29 29.45
CA ALA A 384 22.21 12.08 30.83
C ALA A 384 23.73 12.21 30.89
N THR A 385 24.18 13.46 30.98
CA THR A 385 25.59 13.88 30.96
C THR A 385 26.30 13.32 29.72
N GLY A 386 25.77 13.67 28.56
CA GLY A 386 26.35 13.24 27.30
C GLY A 386 26.66 14.39 26.37
N ARG A 387 25.97 15.52 26.54
CA ARG A 387 26.16 16.67 25.68
C ARG A 387 27.46 17.41 25.96
N LEU A 388 27.97 17.29 27.19
CA LEU A 388 29.18 18.02 27.57
C LEU A 388 30.43 17.45 26.91
N GLU A 389 30.48 16.13 26.70
CA GLU A 389 31.66 15.54 26.08
C GLU A 389 31.71 15.84 24.58
N VAL A 390 30.57 16.17 23.98
CA VAL A 390 30.55 16.55 22.57
C VAL A 390 31.21 17.91 22.37
N LEU A 391 30.98 18.84 23.29
CA LEU A 391 31.52 20.19 23.15
C LEU A 391 33.02 20.23 23.40
N ARG A 392 33.56 19.26 24.15
CA ARG A 392 34.99 19.22 24.43
C ARG A 392 35.80 18.57 23.32
N ILE A 393 35.16 18.07 22.26
CA ILE A 393 35.87 17.42 21.17
C ILE A 393 36.00 18.41 20.02
N HIS A 394 34.90 19.09 19.67
CA HIS A 394 34.86 20.00 18.54
C HIS A 394 35.33 21.41 18.90
N THR A 395 35.93 21.61 20.07
CA THR A 395 36.47 22.91 20.46
C THR A 395 37.93 22.87 20.86
N LYS A 396 38.54 21.69 20.99
CA LYS A 396 39.96 21.63 21.31
C LYS A 396 40.83 22.01 20.12
N ASN A 397 40.30 21.91 18.90
CA ASN A 397 40.99 22.37 17.71
C ASN A 397 40.72 23.83 17.40
N MET A 398 39.67 24.42 17.96
CA MET A 398 39.35 25.82 17.77
C MET A 398 39.92 26.65 18.91
N LYS A 399 40.16 27.93 18.61
CA LYS A 399 40.64 28.87 19.63
C LYS A 399 39.47 29.44 20.40
N LEU A 400 39.50 29.28 21.72
CA LEU A 400 38.43 29.75 22.60
C LEU A 400 39.03 30.60 23.71
N ALA A 401 38.42 31.75 23.97
CA ALA A 401 38.86 32.60 25.06
C ALA A 401 38.41 32.02 26.39
N ASP A 402 39.35 31.89 27.32
CA ASP A 402 39.07 31.29 28.63
C ASP A 402 38.44 32.34 29.54
N ASP A 403 37.14 32.58 29.34
CA ASP A 403 36.41 33.50 30.18
C ASP A 403 35.04 32.97 30.58
N VAL A 404 34.63 31.80 30.07
CA VAL A 404 33.30 31.25 30.34
C VAL A 404 33.45 29.76 30.59
N ASP A 405 32.43 29.18 31.21
CA ASP A 405 32.38 27.75 31.48
C ASP A 405 31.39 27.06 30.54
N LEU A 406 31.66 25.80 30.24
CA LEU A 406 30.80 25.00 29.37
C LEU A 406 29.89 24.06 30.14
N GLU A 407 29.96 24.05 31.47
CA GLU A 407 29.09 23.19 32.26
C GLU A 407 27.65 23.69 32.24
N ALA A 408 27.45 25.00 32.31
CA ALA A 408 26.11 25.56 32.24
C ALA A 408 25.57 25.58 30.81
N LEU A 409 26.45 25.48 29.80
CA LEU A 409 26.02 25.44 28.42
C LEU A 409 25.54 24.08 27.96
N ALA A 410 25.82 23.02 28.73
CA ALA A 410 25.33 21.69 28.38
C ALA A 410 23.86 21.52 28.68
N ALA A 411 23.30 22.31 29.60
CA ALA A 411 21.88 22.23 29.95
C ALA A 411 21.06 23.34 29.30
N GLU A 412 21.62 24.05 28.32
CA GLU A 412 20.85 25.08 27.64
C GLU A 412 19.90 24.49 26.60
N THR A 413 20.44 23.70 25.68
CA THR A 413 19.63 23.00 24.69
C THR A 413 19.52 21.54 25.06
N HIS A 414 18.45 20.89 24.58
CA HIS A 414 18.19 19.51 24.97
C HIS A 414 17.96 18.61 23.77
N GLY A 415 17.41 19.18 22.69
CA GLY A 415 17.06 18.37 21.53
C GLY A 415 18.15 18.25 20.50
N TYR A 416 19.41 18.27 20.95
CA TYR A 416 20.55 18.23 20.04
C TYR A 416 21.02 16.79 19.86
N VAL A 417 21.51 16.49 18.66
CA VAL A 417 21.84 15.12 18.27
C VAL A 417 23.35 14.95 18.10
N GLY A 418 24.11 15.96 18.50
CA GLY A 418 25.55 15.92 18.34
C GLY A 418 26.02 16.60 17.07
N ALA A 419 25.36 16.32 15.94
CA ALA A 419 25.64 17.09 14.73
C ALA A 419 25.12 18.52 14.85
N ASP A 420 24.05 18.73 15.60
CA ASP A 420 23.57 20.07 15.91
C ASP A 420 24.47 20.79 16.89
N ILE A 421 25.19 20.04 17.75
CA ILE A 421 26.19 20.65 18.61
C ILE A 421 27.37 21.13 17.77
N ALA A 422 27.69 20.41 16.70
CA ALA A 422 28.66 20.90 15.73
C ALA A 422 28.12 22.09 14.94
N SER A 423 26.80 22.18 14.77
CA SER A 423 26.20 23.34 14.14
C SER A 423 26.18 24.54 15.07
N LEU A 424 26.17 24.32 16.38
CA LEU A 424 26.17 25.43 17.33
C LEU A 424 27.53 26.10 17.39
N CYS A 425 28.61 25.31 17.34
CA CYS A 425 29.95 25.89 17.32
C CYS A 425 30.29 26.47 15.97
N SER A 426 29.67 25.98 14.89
CA SER A 426 29.88 26.56 13.58
C SER A 426 29.07 27.83 13.36
N GLU A 427 27.96 27.99 14.10
CA GLU A 427 27.20 29.23 14.00
C GLU A 427 27.93 30.37 14.69
N ALA A 428 28.61 30.09 15.81
CA ALA A 428 29.39 31.10 16.50
C ALA A 428 30.69 31.44 15.77
N ALA A 429 31.16 30.56 14.88
CA ALA A 429 32.36 30.86 14.12
C ALA A 429 32.08 31.88 13.02
N MET A 430 30.93 31.74 12.35
CA MET A 430 30.56 32.70 11.31
C MET A 430 30.11 34.02 11.90
N GLN A 431 29.58 34.01 13.13
CA GLN A 431 29.21 35.25 13.79
C GLN A 431 30.45 36.01 14.27
N GLN A 432 31.53 35.29 14.57
CA GLN A 432 32.74 35.95 15.04
C GLN A 432 33.47 36.67 13.91
N ILE A 433 33.53 36.05 12.73
CA ILE A 433 34.23 36.67 11.61
C ILE A 433 33.41 37.75 10.92
N ARG A 434 32.09 37.79 11.14
CA ARG A 434 31.26 38.82 10.54
C ARG A 434 31.11 40.05 11.43
N GLU A 435 31.47 39.94 12.71
CA GLU A 435 31.48 41.09 13.61
C GLU A 435 32.87 41.72 13.73
N LYS A 436 33.90 41.06 13.20
CA LYS A 436 35.26 41.60 13.20
C LYS A 436 35.71 41.99 11.80
N MET A 437 34.78 42.16 10.85
CA MET A 437 35.12 42.54 9.49
C MET A 437 35.46 44.02 9.40
N LEU A 455 42.14 35.55 17.12
CA LEU A 455 41.10 36.41 17.67
C LEU A 455 40.19 35.63 18.61
N GLY A 456 40.15 34.31 18.42
CA GLY A 456 39.35 33.45 19.28
C GLY A 456 37.86 33.58 19.04
N VAL A 457 37.10 33.18 20.06
CA VAL A 457 35.65 33.27 20.06
C VAL A 457 35.20 33.56 21.48
N THR A 458 34.03 34.16 21.63
CA THR A 458 33.55 34.62 22.93
C THR A 458 32.12 34.10 23.12
N MET A 459 31.51 34.31 24.30
CA MET A 459 30.17 33.78 24.58
C MET A 459 29.08 34.53 23.83
N ASP A 460 29.34 35.79 23.44
CA ASP A 460 28.32 36.56 22.73
C ASP A 460 28.07 36.03 21.32
N ASN A 461 29.05 35.34 20.73
CA ASN A 461 28.81 34.64 19.48
C ASN A 461 28.09 33.33 19.70
N PHE A 462 28.36 32.65 20.82
CA PHE A 462 27.64 31.43 21.15
C PHE A 462 26.23 31.72 21.67
N ARG A 463 26.01 32.91 22.25
CA ARG A 463 24.67 33.30 22.65
C ARG A 463 23.80 33.60 21.43
N PHE A 464 24.41 34.05 20.34
CA PHE A 464 23.67 34.19 19.09
C PHE A 464 23.38 32.82 18.46
N ALA A 465 24.19 31.82 18.77
CA ALA A 465 23.94 30.46 18.30
C ALA A 465 22.81 29.78 19.08
N LEU A 466 22.55 30.21 20.32
CA LEU A 466 21.43 29.66 21.07
C LEU A 466 20.10 30.13 20.49
N GLY A 467 19.98 31.40 20.16
CA GLY A 467 18.85 31.86 19.38
C GLY A 467 18.91 31.35 17.96
N ASN A 468 17.74 31.29 17.33
CA ASN A 468 17.44 30.62 16.04
C ASN A 468 18.20 29.30 15.87
N SER A 469 18.12 28.46 16.92
CA SER A 469 18.88 27.21 16.95
C SER A 469 18.33 26.19 15.96
N ASN A 470 17.05 25.78 16.15
CA ASN A 470 16.28 24.89 15.29
C ASN A 470 16.99 23.57 15.00
N PRO A 471 17.02 22.64 15.95
CA PRO A 471 17.71 21.35 15.71
C PRO A 471 16.96 20.50 14.69
N SER A 472 17.67 19.45 14.24
CA SER A 472 17.18 18.65 13.12
C SER A 472 15.98 17.78 13.51
N ALA A 473 15.83 17.48 14.79
CA ALA A 473 14.67 16.70 15.24
C ALA A 473 13.39 17.53 15.26
N LEU A 474 13.49 18.84 15.38
CA LEU A 474 12.34 19.73 15.44
C LEU A 474 12.40 20.78 14.34
N ARG A 475 12.80 20.37 13.13
CA ARG A 475 12.91 21.30 12.01
C ARG A 475 11.56 21.62 11.39
N GLU A 476 10.57 20.73 11.51
CA GLU A 476 9.28 20.97 10.90
C GLU A 476 8.47 22.03 11.64
N THR A 477 8.67 22.14 12.95
CA THR A 477 7.94 23.07 13.80
C THR A 477 8.85 24.22 14.18
N VAL A 478 8.42 25.45 13.87
CA VAL A 478 9.15 26.65 14.24
C VAL A 478 8.28 27.47 15.20
N VAL A 479 8.91 27.96 16.27
CA VAL A 479 8.20 28.70 17.31
C VAL A 479 8.90 30.02 17.58
N GLU A 480 10.12 30.17 17.07
CA GLU A 480 10.93 31.36 17.37
C GLU A 480 10.54 32.49 16.43
N SER A 481 9.36 33.05 16.71
CA SER A 481 8.87 34.21 15.97
C SER A 481 8.16 35.22 16.85
N VAL A 482 8.14 35.04 18.17
CA VAL A 482 7.39 35.89 19.06
C VAL A 482 8.30 36.86 19.82
N ASN A 483 7.66 37.78 20.53
CA ASN A 483 8.37 38.79 21.29
C ASN A 483 8.86 38.25 22.63
N VAL A 484 9.58 39.09 23.38
CA VAL A 484 10.03 38.69 24.71
C VAL A 484 8.85 38.70 25.68
N THR A 485 9.02 37.96 26.77
CA THR A 485 7.95 37.73 27.74
C THR A 485 8.51 37.95 29.13
N TRP A 486 7.76 37.47 30.15
CA TRP A 486 7.99 37.51 31.60
C TRP A 486 7.78 38.91 32.19
N ASP A 487 7.56 39.93 31.37
CA ASP A 487 7.34 41.27 31.85
C ASP A 487 6.04 41.90 31.32
N ASP A 488 5.37 41.26 30.37
CA ASP A 488 4.09 41.77 29.89
C ASP A 488 2.92 41.32 30.75
N VAL A 489 3.03 40.17 31.41
CA VAL A 489 1.97 39.70 32.28
C VAL A 489 2.12 40.37 33.65
N GLY A 490 1.01 40.39 34.40
CA GLY A 490 1.03 41.01 35.70
C GLY A 490 -0.25 40.79 36.47
N GLY A 491 -0.14 40.69 37.80
CA GLY A 491 -1.30 40.47 38.64
C GLY A 491 -1.54 39.01 38.95
N LEU A 492 -1.33 38.15 37.94
CA LEU A 492 -1.50 36.70 38.10
C LEU A 492 -0.20 36.06 38.60
N ASP A 493 0.11 36.35 39.86
CA ASP A 493 1.36 35.85 40.45
C ASP A 493 1.24 34.40 40.88
N GLU A 494 0.05 33.97 41.32
CA GLU A 494 -0.14 32.58 41.71
C GLU A 494 -0.27 31.64 40.52
N ILE A 495 -0.41 32.18 39.30
CA ILE A 495 -0.56 31.37 38.10
C ILE A 495 0.78 31.33 37.36
N LYS A 496 1.51 32.46 37.41
CA LYS A 496 2.83 32.52 36.79
C LYS A 496 3.85 31.68 37.56
N GLU A 497 3.76 31.69 38.89
CA GLU A 497 4.64 30.88 39.71
C GLU A 497 4.29 29.40 39.65
N GLU A 498 3.05 29.06 39.29
CA GLU A 498 2.70 27.65 39.09
C GLU A 498 3.33 27.10 37.82
N LEU A 499 3.51 27.94 36.80
CA LEU A 499 4.22 27.53 35.60
C LEU A 499 5.72 27.38 35.83
N LYS A 500 6.28 28.11 36.80
CA LYS A 500 7.70 27.96 37.11
C LYS A 500 7.97 26.66 37.87
N GLU A 501 7.00 26.19 38.65
CA GLU A 501 7.17 24.99 39.45
C GLU A 501 6.78 23.72 38.71
N THR A 502 6.59 23.79 37.40
CA THR A 502 6.21 22.64 36.59
C THR A 502 7.19 22.34 35.47
N VAL A 503 7.72 23.35 34.79
CA VAL A 503 8.59 23.15 33.65
C VAL A 503 10.05 23.46 33.96
N GLU A 504 10.36 24.02 35.14
CA GLU A 504 11.73 24.31 35.52
C GLU A 504 12.26 23.35 36.59
N TYR A 505 11.37 22.66 37.31
CA TYR A 505 11.82 21.74 38.36
C TYR A 505 12.52 20.49 37.82
N PRO A 506 11.97 19.70 36.87
CA PRO A 506 12.72 18.51 36.44
C PRO A 506 13.87 18.82 35.50
N VAL A 507 13.98 20.04 34.98
CA VAL A 507 15.09 20.36 34.08
C VAL A 507 16.29 20.91 34.82
N LEU A 508 16.09 21.81 35.80
CA LEU A 508 17.19 22.42 36.52
C LEU A 508 17.67 21.58 37.70
N HIS A 509 16.77 20.87 38.38
CA HIS A 509 17.12 20.01 39.50
C HIS A 509 16.59 18.60 39.23
N PRO A 510 17.33 17.79 38.47
CA PRO A 510 16.89 16.41 38.24
C PRO A 510 17.24 15.47 39.38
N ASP A 511 18.19 15.82 40.24
CA ASP A 511 18.58 14.96 41.35
C ASP A 511 17.56 14.96 42.49
N GLN A 512 16.72 15.99 42.58
CA GLN A 512 15.73 16.05 43.65
C GLN A 512 14.57 15.09 43.40
N TYR A 513 14.30 14.74 42.14
CA TYR A 513 13.24 13.80 41.85
C TYR A 513 13.71 12.35 41.99
N THR A 514 14.97 12.08 41.67
CA THR A 514 15.53 10.75 41.84
C THR A 514 15.84 10.47 43.31
N LYS A 515 16.00 11.49 44.13
CA LYS A 515 16.19 11.28 45.57
C LYS A 515 14.91 10.81 46.23
N PHE A 516 13.76 11.38 45.82
CA PHE A 516 12.47 10.88 46.27
C PHE A 516 12.02 9.66 45.48
N GLY A 517 12.42 9.55 44.21
CA GLY A 517 12.00 8.42 43.40
C GLY A 517 10.56 8.49 42.94
N LEU A 518 10.06 9.69 42.67
CA LEU A 518 8.68 9.88 42.23
C LEU A 518 8.65 10.58 40.89
N SER A 519 7.55 10.41 40.18
CA SER A 519 7.38 11.03 38.87
C SER A 519 7.00 12.51 39.05
N PRO A 520 7.51 13.39 38.19
CA PRO A 520 7.18 14.82 38.33
C PRO A 520 5.78 15.13 37.86
N SER A 521 5.35 16.36 38.11
CA SER A 521 4.03 16.79 37.71
C SER A 521 4.00 17.08 36.21
N LYS A 522 2.84 16.85 35.61
CA LYS A 522 2.70 16.93 34.16
C LYS A 522 2.30 18.35 33.77
N GLY A 523 1.85 18.52 32.52
CA GLY A 523 1.52 19.82 32.00
C GLY A 523 0.25 20.43 32.58
N VAL A 524 -0.05 21.64 32.12
CA VAL A 524 -1.13 22.43 32.66
C VAL A 524 -2.28 22.49 31.65
N LEU A 525 -3.43 23.01 32.10
CA LEU A 525 -4.57 23.27 31.23
C LEU A 525 -5.20 24.60 31.64
N PHE A 526 -5.51 25.44 30.66
CA PHE A 526 -6.05 26.77 30.91
C PHE A 526 -7.48 26.83 30.40
N TYR A 527 -8.37 27.39 31.23
CA TYR A 527 -9.77 27.55 30.85
C TYR A 527 -10.33 28.74 31.60
N GLY A 528 -11.28 29.42 30.95
CA GLY A 528 -11.91 30.57 31.54
C GLY A 528 -12.48 31.51 30.50
N PRO A 529 -12.50 32.81 30.79
CA PRO A 529 -13.02 33.78 29.83
C PRO A 529 -12.03 33.99 28.69
N PRO A 530 -12.51 34.14 27.45
CA PRO A 530 -11.61 34.43 26.34
C PRO A 530 -11.09 35.85 26.42
N GLY A 531 -9.79 36.02 26.23
CA GLY A 531 -9.17 37.32 26.36
C GLY A 531 -8.60 37.61 27.73
N THR A 532 -8.28 36.57 28.50
CA THR A 532 -7.79 36.74 29.87
C THR A 532 -6.27 36.62 29.94
N GLY A 533 -5.63 36.09 28.89
CA GLY A 533 -4.20 35.89 28.91
C GLY A 533 -3.83 34.42 29.01
N LYS A 534 -4.49 33.59 28.20
CA LYS A 534 -4.26 32.16 28.23
C LYS A 534 -3.32 31.64 27.13
N THR A 535 -3.10 32.39 26.04
CA THR A 535 -2.04 31.96 25.13
C THR A 535 -0.83 32.88 25.12
N LEU A 536 -0.90 34.04 25.78
CA LEU A 536 0.33 34.79 26.03
C LEU A 536 1.14 34.17 27.15
N LEU A 537 0.47 33.58 28.15
CA LEU A 537 1.17 32.84 29.20
C LEU A 537 1.80 31.57 28.64
N ALA A 538 1.21 30.99 27.59
CA ALA A 538 1.86 29.89 26.88
C ALA A 538 3.05 30.38 26.04
N LYS A 539 3.06 31.65 25.66
CA LYS A 539 4.25 32.23 25.06
C LYS A 539 5.28 32.64 26.11
N ALA A 540 4.87 32.73 27.37
CA ALA A 540 5.82 33.07 28.43
C ALA A 540 6.74 31.89 28.74
N VAL A 541 6.30 30.67 28.43
CA VAL A 541 7.11 29.48 28.63
C VAL A 541 7.74 29.08 27.30
N ALA A 542 7.63 29.94 26.30
CA ALA A 542 8.20 29.67 24.99
C ALA A 542 9.56 30.33 24.78
N THR A 543 9.82 31.48 25.42
CA THR A 543 11.08 32.18 25.24
C THR A 543 11.86 32.39 26.53
N GLU A 544 11.35 31.95 27.68
CA GLU A 544 12.03 32.13 28.95
C GLU A 544 12.74 30.87 29.42
N VAL A 545 12.07 29.72 29.36
CA VAL A 545 12.64 28.48 29.86
C VAL A 545 13.64 27.94 28.84
N SER A 546 14.45 26.97 29.26
CA SER A 546 15.46 26.38 28.40
C SER A 546 14.94 25.21 27.57
N ALA A 547 13.72 24.74 27.83
CA ALA A 547 13.16 23.64 27.08
C ALA A 547 12.69 24.10 25.71
N ASN A 548 12.51 23.13 24.81
CA ASN A 548 12.05 23.41 23.46
C ASN A 548 10.55 23.67 23.45
N PHE A 549 10.03 24.00 22.27
CA PHE A 549 8.62 24.28 22.09
C PHE A 549 8.15 23.74 20.75
N ILE A 550 6.96 23.13 20.76
CA ILE A 550 6.29 22.68 19.54
C ILE A 550 4.89 23.27 19.56
N SER A 551 4.56 24.05 18.54
CA SER A 551 3.30 24.77 18.48
C SER A 551 2.37 24.09 17.49
N VAL A 552 1.17 23.77 17.93
CA VAL A 552 0.11 23.22 17.10
C VAL A 552 -1.06 24.18 17.14
N LYS A 553 -1.40 24.78 15.99
CA LYS A 553 -2.41 25.82 15.93
C LYS A 553 -3.79 25.18 15.82
N GLY A 554 -4.28 24.72 16.97
CA GLY A 554 -5.62 24.17 17.06
C GLY A 554 -5.78 22.85 16.34
N PRO A 555 -6.75 22.77 15.42
CA PRO A 555 -6.94 21.56 14.61
C PRO A 555 -6.07 21.54 13.36
N GLU A 556 -4.76 21.75 13.55
CA GLU A 556 -3.82 21.74 12.45
C GLU A 556 -3.42 20.33 12.05
N LEU A 557 -3.45 19.39 13.00
CA LEU A 557 -3.00 18.02 12.77
C LEU A 557 -4.09 17.11 12.22
N LEU A 558 -5.25 17.67 11.86
CA LEU A 558 -6.34 16.90 11.27
C LEU A 558 -6.16 16.86 9.76
N SER A 559 -6.41 15.70 9.17
CA SER A 559 -6.24 15.52 7.73
C SER A 559 -7.54 14.99 7.14
N MET A 560 -7.68 15.16 5.82
CA MET A 560 -8.94 14.77 5.17
C MET A 560 -9.02 13.27 4.98
N TRP A 561 -7.87 12.60 4.92
CA TRP A 561 -7.87 11.15 4.76
C TRP A 561 -8.25 10.47 6.06
N TYR A 562 -8.98 9.35 5.94
CA TYR A 562 -9.38 8.60 7.13
C TYR A 562 -8.18 7.88 7.74
N GLY A 563 -7.29 7.38 6.89
CA GLY A 563 -6.28 6.45 7.37
C GLY A 563 -5.11 7.10 8.06
N GLU A 564 -4.72 8.31 7.62
CA GLU A 564 -3.59 8.98 8.26
C GLU A 564 -3.91 9.37 9.69
N SER A 565 -4.63 10.50 9.86
CA SER A 565 -5.49 10.91 10.99
C SER A 565 -5.01 10.66 12.42
N GLU A 566 -3.82 10.10 12.61
CA GLU A 566 -3.20 9.84 13.91
C GLU A 566 -1.70 10.07 13.91
N SER A 567 -1.07 9.99 12.75
CA SER A 567 0.38 10.12 12.64
C SER A 567 0.86 11.54 12.89
N ASN A 568 0.03 12.54 12.57
CA ASN A 568 0.37 13.90 12.94
C ASN A 568 0.26 14.11 14.45
N ILE A 569 -0.62 13.37 15.11
CA ILE A 569 -0.61 13.34 16.58
C ILE A 569 0.59 12.54 17.08
N ARG A 570 0.99 11.51 16.33
CA ARG A 570 2.09 10.66 16.76
C ARG A 570 3.44 11.34 16.57
N ASP A 571 3.69 11.88 15.37
CA ASP A 571 5.01 12.45 15.04
C ASP A 571 5.30 13.73 15.80
N ILE A 572 4.28 14.43 16.29
CA ILE A 572 4.53 15.51 17.23
C ILE A 572 5.03 14.96 18.56
N PHE A 573 4.36 13.93 19.08
CA PHE A 573 4.79 13.32 20.33
C PHE A 573 5.98 12.40 20.15
N ASP A 574 6.25 11.95 18.91
CA ASP A 574 7.46 11.17 18.68
C ASP A 574 8.69 12.06 18.71
N LYS A 575 8.60 13.27 18.14
CA LYS A 575 9.67 14.24 18.24
C LYS A 575 9.73 14.89 19.61
N ALA A 576 8.65 14.85 20.38
CA ALA A 576 8.65 15.42 21.72
C ALA A 576 9.41 14.54 22.70
N ARG A 577 9.23 13.21 22.60
CA ARG A 577 9.97 12.30 23.45
C ARG A 577 11.43 12.19 23.05
N ALA A 578 11.78 12.56 21.82
CA ALA A 578 13.18 12.60 21.39
C ALA A 578 13.87 13.90 21.79
N ALA A 579 13.12 14.91 22.23
CA ALA A 579 13.73 16.16 22.65
C ALA A 579 14.37 16.02 24.03
N ALA A 580 13.58 15.59 25.02
CA ALA A 580 13.98 15.26 26.39
C ALA A 580 14.72 16.40 27.10
N PRO A 581 14.02 17.45 27.58
CA PRO A 581 12.58 17.63 27.54
C PRO A 581 12.10 18.72 26.58
N THR A 582 10.78 18.87 26.49
CA THR A 582 10.15 19.90 25.69
C THR A 582 8.73 20.10 26.20
N VAL A 583 8.08 21.16 25.70
CA VAL A 583 6.67 21.39 25.97
C VAL A 583 5.96 21.61 24.65
N VAL A 584 4.71 21.16 24.58
CA VAL A 584 3.87 21.35 23.41
C VAL A 584 2.66 22.20 23.81
N PHE A 585 2.02 22.79 22.81
CA PHE A 585 0.88 23.67 23.05
C PHE A 585 -0.25 23.26 22.13
N LEU A 586 -1.40 22.95 22.70
CA LEU A 586 -2.60 22.56 21.96
C LEU A 586 -3.71 23.51 22.37
N ASP A 587 -3.79 24.66 21.72
CA ASP A 587 -4.85 25.61 22.01
C ASP A 587 -6.13 25.20 21.29
N GLU A 588 -7.25 25.76 21.78
CA GLU A 588 -8.61 25.48 21.30
C GLU A 588 -8.91 23.97 21.38
N LEU A 589 -8.95 23.49 22.62
CA LEU A 589 -9.15 22.07 22.89
C LEU A 589 -10.57 21.62 22.61
N ASP A 590 -11.51 22.55 22.42
CA ASP A 590 -12.87 22.20 22.01
C ASP A 590 -12.89 21.55 20.63
N SER A 591 -11.97 21.93 19.75
CA SER A 591 -11.80 21.29 18.46
C SER A 591 -10.91 20.06 18.51
N ILE A 592 -10.31 19.78 19.67
CA ILE A 592 -9.34 18.68 19.78
C ILE A 592 -9.89 17.55 20.62
N ALA A 593 -10.59 17.88 21.73
CA ALA A 593 -11.04 16.83 22.66
C ALA A 593 -12.20 16.04 22.07
N LYS A 594 -13.35 16.69 21.89
CA LYS A 594 -14.57 16.14 21.29
C LYS A 594 -15.01 14.86 22.01
N ALA A 595 -15.49 15.08 23.25
CA ALA A 595 -15.48 14.12 24.36
C ALA A 595 -15.83 12.67 24.03
N ARG A 596 -17.04 12.40 23.56
CA ARG A 596 -17.44 11.03 23.28
C ARG A 596 -18.35 11.01 22.07
N GLY A 597 -17.92 10.30 21.02
CA GLY A 597 -18.71 10.19 19.81
C GLY A 597 -19.96 9.34 19.96
N GLY A 598 -20.02 8.49 20.99
CA GLY A 598 -21.23 7.72 21.22
C GLY A 598 -22.34 8.56 21.82
N SER A 599 -21.98 9.54 22.66
CA SER A 599 -22.96 10.41 23.29
C SER A 599 -23.50 11.47 22.35
N LEU A 600 -22.79 11.80 21.29
CA LEU A 600 -23.26 12.78 20.31
C LEU A 600 -23.73 12.04 19.05
N GLY A 601 -25.01 12.19 18.74
CA GLY A 601 -25.57 11.64 17.53
C GLY A 601 -26.31 12.71 16.75
N ASP A 602 -26.48 13.87 17.39
CA ASP A 602 -27.19 14.99 16.77
C ASP A 602 -26.33 15.70 15.73
N ALA A 603 -25.01 15.67 15.87
CA ALA A 603 -24.14 16.16 14.83
C ALA A 603 -23.68 15.04 13.90
N GLY A 604 -23.58 13.82 14.42
CA GLY A 604 -23.11 12.71 13.62
C GLY A 604 -21.61 12.68 13.42
N GLY A 605 -20.84 13.15 14.39
CA GLY A 605 -19.39 13.15 14.27
C GLY A 605 -18.77 11.77 14.39
N ALA A 606 -18.74 11.24 15.62
CA ALA A 606 -18.19 9.93 15.96
C ALA A 606 -16.73 9.78 15.52
N SER A 607 -15.96 10.87 15.65
CA SER A 607 -14.54 10.85 15.31
C SER A 607 -13.73 10.59 16.58
N ASP A 608 -13.90 9.38 17.11
CA ASP A 608 -13.23 8.94 18.32
C ASP A 608 -11.85 8.36 18.04
N ARG A 609 -11.38 8.44 16.79
CA ARG A 609 -10.06 7.91 16.47
C ARG A 609 -8.95 8.84 16.93
N VAL A 610 -9.12 10.15 16.72
CA VAL A 610 -8.10 11.10 17.14
C VAL A 610 -8.20 11.39 18.64
N VAL A 611 -9.32 11.07 19.27
CA VAL A 611 -9.44 11.23 20.72
C VAL A 611 -8.64 10.15 21.43
N ASN A 612 -8.82 8.89 21.01
CA ASN A 612 -8.12 7.78 21.62
C ASN A 612 -6.65 7.74 21.28
N GLN A 613 -6.23 8.42 20.21
CA GLN A 613 -4.82 8.50 19.89
C GLN A 613 -4.09 9.44 20.84
N LEU A 614 -4.71 10.57 21.19
CA LEU A 614 -4.12 11.49 22.15
C LEU A 614 -4.14 10.92 23.56
N LEU A 615 -5.06 9.99 23.84
CA LEU A 615 -5.14 9.38 25.17
C LEU A 615 -4.01 8.38 25.38
N THR A 616 -3.50 7.78 24.32
CA THR A 616 -2.43 6.80 24.43
C THR A 616 -1.06 7.36 24.05
N GLU A 617 -0.93 8.68 23.96
CA GLU A 617 0.36 9.30 23.67
C GLU A 617 0.90 10.14 24.82
N MET A 618 0.03 10.71 25.65
CA MET A 618 0.49 11.51 26.77
C MET A 618 0.90 10.64 27.95
N ASP A 619 0.00 9.76 28.40
CA ASP A 619 0.37 8.74 29.38
C ASP A 619 0.75 7.44 28.68
N GLY A 620 -0.21 6.83 27.99
CA GLY A 620 0.09 5.78 27.04
C GLY A 620 0.58 4.48 27.66
N MET A 621 1.43 3.79 26.91
CA MET A 621 2.02 2.51 27.31
C MET A 621 3.51 2.61 27.60
N ASN A 622 4.26 3.34 26.79
CA ASN A 622 5.69 3.47 26.97
C ASN A 622 6.02 4.35 28.18
N ALA A 623 7.31 4.38 28.53
CA ALA A 623 7.76 5.12 29.69
C ALA A 623 7.75 6.62 29.44
N LYS A 624 7.64 7.38 30.51
CA LYS A 624 7.59 8.84 30.42
C LYS A 624 8.99 9.41 30.27
N LYS A 625 9.12 10.43 29.43
CA LYS A 625 10.40 11.06 29.15
C LYS A 625 10.30 12.58 29.30
N ASN A 626 9.48 13.02 30.26
CA ASN A 626 9.32 14.43 30.65
C ASN A 626 8.85 15.29 29.48
N VAL A 627 7.65 15.00 29.00
CA VAL A 627 7.01 15.78 27.94
C VAL A 627 5.74 16.39 28.52
N PHE A 628 5.66 17.72 28.56
CA PHE A 628 4.55 18.43 29.15
C PHE A 628 3.64 18.97 28.05
N VAL A 629 2.33 18.83 28.26
CA VAL A 629 1.33 19.28 27.31
C VAL A 629 0.57 20.45 27.92
N ILE A 630 0.42 21.52 27.14
CA ILE A 630 -0.25 22.74 27.58
C ILE A 630 -1.47 22.95 26.72
N GLY A 631 -2.63 23.08 27.34
CA GLY A 631 -3.87 23.28 26.60
C GLY A 631 -4.60 24.56 27.00
N ALA A 632 -5.13 25.27 26.00
CA ALA A 632 -5.85 26.51 26.22
C ALA A 632 -7.22 26.40 25.57
N THR A 633 -8.28 26.55 26.37
CA THR A 633 -9.64 26.56 25.87
C THR A 633 -10.43 27.58 26.69
N ASN A 634 -11.75 27.58 26.51
CA ASN A 634 -12.63 28.50 27.22
C ASN A 634 -13.60 27.80 28.16
N ARG A 635 -14.18 26.67 27.76
CA ARG A 635 -15.09 25.93 28.59
C ARG A 635 -14.65 24.49 28.72
N PRO A 636 -14.71 23.90 29.91
CA PRO A 636 -14.31 22.49 30.09
C PRO A 636 -15.45 21.48 29.99
N ASP A 637 -16.67 21.90 29.66
CA ASP A 637 -17.78 20.95 29.61
C ASP A 637 -17.74 20.08 28.37
N GLN A 638 -17.14 20.57 27.28
CA GLN A 638 -17.01 19.82 26.04
C GLN A 638 -15.70 19.06 25.95
N ILE A 639 -14.96 18.96 27.06
CA ILE A 639 -13.70 18.24 27.11
C ILE A 639 -13.94 16.89 27.77
N ASP A 640 -13.26 15.86 27.28
CA ASP A 640 -13.47 14.49 27.77
C ASP A 640 -12.94 14.35 29.19
N PRO A 641 -13.67 13.67 30.09
CA PRO A 641 -13.13 13.43 31.44
C PRO A 641 -11.96 12.45 31.47
N ALA A 642 -11.73 11.70 30.41
CA ALA A 642 -10.58 10.81 30.37
C ALA A 642 -9.27 11.58 30.20
N ILE A 643 -9.33 12.77 29.61
CA ILE A 643 -8.13 13.61 29.47
C ILE A 643 -8.01 14.60 30.62
N LEU A 644 -9.08 14.80 31.40
CA LEU A 644 -9.05 15.71 32.53
C LEU A 644 -8.47 15.10 33.79
N ARG A 645 -8.19 13.80 33.78
CA ARG A 645 -7.65 13.12 34.95
C ARG A 645 -6.18 13.50 35.13
N PRO A 646 -5.67 13.43 36.36
CA PRO A 646 -4.23 13.60 36.57
C PRO A 646 -3.43 12.47 35.95
N GLY A 647 -2.16 12.76 35.68
CA GLY A 647 -1.30 11.89 34.92
C GLY A 647 -1.15 12.30 33.47
N ARG A 648 -2.18 12.90 32.89
CA ARG A 648 -2.13 13.50 31.57
C ARG A 648 -2.26 15.01 31.61
N LEU A 649 -3.33 15.52 32.23
CA LEU A 649 -3.51 16.96 32.46
C LEU A 649 -4.01 17.10 33.90
N ASP A 650 -3.07 17.25 34.82
CA ASP A 650 -3.41 17.26 36.25
C ASP A 650 -3.79 18.64 36.76
N GLN A 651 -3.25 19.71 36.17
CA GLN A 651 -3.53 21.06 36.63
C GLN A 651 -4.82 21.56 36.02
N LEU A 652 -5.80 21.89 36.86
CA LEU A 652 -7.09 22.39 36.41
C LEU A 652 -7.33 23.79 36.95
N ILE A 653 -6.33 24.65 36.83
CA ILE A 653 -6.39 26.00 37.36
C ILE A 653 -7.31 26.85 36.51
N TYR A 654 -8.06 27.73 37.16
CA TYR A 654 -8.96 28.67 36.48
C TYR A 654 -8.46 30.09 36.72
N VAL A 655 -8.15 30.80 35.64
CA VAL A 655 -7.67 32.17 35.77
C VAL A 655 -8.86 33.10 35.99
N PRO A 656 -8.83 33.95 37.00
CA PRO A 656 -9.99 34.80 37.30
C PRO A 656 -9.90 36.14 36.59
N LEU A 657 -10.94 36.95 36.79
CA LEU A 657 -10.99 38.30 36.28
C LEU A 657 -10.33 39.26 37.28
N PRO A 658 -9.60 40.26 36.78
CA PRO A 658 -8.94 41.21 37.68
C PRO A 658 -9.92 42.17 38.33
N ASP A 659 -9.70 42.44 39.62
CA ASP A 659 -10.58 43.33 40.37
C ASP A 659 -9.77 43.96 41.51
N GLU A 660 -9.35 45.22 41.31
CA GLU A 660 -8.83 46.14 42.32
C GLU A 660 -7.44 45.75 42.85
N ASN A 661 -6.91 44.62 42.39
CA ASN A 661 -5.57 44.18 42.76
C ASN A 661 -4.70 43.88 41.55
N ALA A 662 -5.26 43.31 40.50
CA ALA A 662 -4.52 42.97 39.30
C ALA A 662 -4.75 43.96 38.16
N ARG A 663 -5.57 44.99 38.38
CA ARG A 663 -5.86 45.94 37.31
C ARG A 663 -4.89 47.11 37.30
N LEU A 664 -4.10 47.26 38.36
CA LEU A 664 -3.12 48.34 38.41
C LEU A 664 -1.76 47.88 37.89
N SER A 665 -1.41 46.61 38.11
CA SER A 665 -0.10 46.10 37.69
C SER A 665 -0.07 45.75 36.21
N ILE A 666 -1.23 45.55 35.58
CA ILE A 666 -1.27 45.32 34.14
C ILE A 666 -0.99 46.59 33.34
N LEU A 667 -1.34 47.76 33.86
CA LEU A 667 -1.12 49.00 33.12
C LEU A 667 0.34 49.43 33.19
N ASN A 668 1.08 48.94 34.16
CA ASN A 668 2.52 49.17 34.20
C ASN A 668 3.29 48.09 33.45
N ALA A 669 2.70 46.91 33.26
CA ALA A 669 3.38 45.84 32.54
C ALA A 669 3.24 46.01 31.03
N GLN A 670 2.05 46.39 30.56
CA GLN A 670 1.84 46.58 29.14
C GLN A 670 2.26 47.97 28.65
N LEU A 671 2.73 48.83 29.54
CA LEU A 671 3.31 50.12 29.19
C LEU A 671 4.75 50.20 29.69
N ARG A 672 5.48 49.10 29.53
CA ARG A 672 6.83 49.02 30.07
C ARG A 672 7.83 49.75 29.17
N LYS A 673 7.81 49.46 27.87
CA LYS A 673 8.71 50.08 26.90
C LYS A 673 8.06 51.27 26.20
N THR A 674 7.11 51.94 26.86
CA THR A 674 6.38 53.05 26.28
C THR A 674 6.70 54.35 27.02
N PRO A 675 6.80 55.48 26.31
CA PRO A 675 7.05 56.75 27.00
C PRO A 675 5.81 57.24 27.74
N LEU A 676 6.04 57.80 28.92
CA LEU A 676 4.96 58.30 29.76
C LEU A 676 5.21 59.76 30.11
N GLU A 677 4.16 60.41 30.58
CA GLU A 677 4.22 61.79 31.05
C GLU A 677 4.70 61.78 32.50
N PRO A 678 4.87 62.96 33.12
CA PRO A 678 4.94 63.02 34.59
C PRO A 678 3.70 62.43 35.25
N GLY A 679 3.89 61.99 36.49
CA GLY A 679 3.04 61.04 37.21
C GLY A 679 1.53 61.20 37.17
N LEU A 680 0.87 60.25 36.53
CA LEU A 680 -0.58 60.19 36.43
C LEU A 680 -1.08 58.92 37.12
N GLU A 681 -2.13 59.06 37.91
CA GLU A 681 -2.68 57.92 38.65
C GLU A 681 -3.40 56.98 37.69
N LEU A 682 -3.26 55.68 37.92
CA LEU A 682 -3.97 54.67 37.14
C LEU A 682 -4.99 53.92 37.95
N THR A 683 -5.23 54.33 39.21
CA THR A 683 -6.23 53.71 40.06
C THR A 683 -7.65 54.00 39.57
N ALA A 684 -7.89 55.20 39.06
CA ALA A 684 -9.22 55.58 38.57
C ALA A 684 -9.63 54.82 37.31
N ILE A 685 -8.66 54.28 36.55
CA ILE A 685 -9.00 53.42 35.42
C ILE A 685 -9.53 52.08 35.92
N ALA A 686 -8.99 51.58 37.03
CA ALA A 686 -9.49 50.35 37.62
C ALA A 686 -10.83 50.54 38.31
N LYS A 687 -11.14 51.76 38.76
CA LYS A 687 -12.41 52.00 39.43
C LYS A 687 -13.57 52.04 38.43
N ALA A 688 -13.33 52.60 37.25
CA ALA A 688 -14.38 52.69 36.24
C ALA A 688 -14.62 51.35 35.55
N THR A 689 -13.54 50.65 35.19
CA THR A 689 -13.65 49.37 34.51
C THR A 689 -13.99 48.29 35.53
N GLN A 690 -15.21 47.78 35.48
CA GLN A 690 -15.67 46.71 36.36
C GLN A 690 -16.09 45.52 35.51
N GLY A 691 -15.58 44.34 35.87
CA GLY A 691 -15.87 43.15 35.09
C GLY A 691 -15.18 43.11 33.75
N PHE A 692 -14.05 43.81 33.61
CA PHE A 692 -13.33 43.89 32.34
C PHE A 692 -12.31 42.76 32.26
N SER A 693 -12.17 42.18 31.07
CA SER A 693 -11.21 41.11 30.84
C SER A 693 -9.84 41.71 30.51
N GLY A 694 -8.85 40.86 30.27
CA GLY A 694 -7.52 41.35 29.95
C GLY A 694 -7.43 41.93 28.55
N ALA A 695 -8.15 41.34 27.60
CA ALA A 695 -8.26 41.93 26.28
C ALA A 695 -9.16 43.16 26.27
N ASP A 696 -10.08 43.26 27.24
CA ASP A 696 -10.88 44.47 27.38
C ASP A 696 -10.08 45.64 27.92
N LEU A 697 -8.99 45.38 28.66
CA LEU A 697 -8.10 46.45 29.07
C LEU A 697 -7.18 46.87 27.94
N LEU A 698 -7.00 46.01 26.94
CA LEU A 698 -6.51 46.47 25.65
C LEU A 698 -7.63 47.21 24.94
N TYR A 699 -7.24 48.08 24.00
CA TYR A 699 -8.01 49.10 23.26
C TYR A 699 -8.42 50.27 24.17
N ILE A 700 -8.15 50.21 25.47
CA ILE A 700 -8.27 51.40 26.31
C ILE A 700 -6.99 52.22 26.23
N VAL A 701 -5.83 51.55 26.26
CA VAL A 701 -4.56 52.24 26.08
C VAL A 701 -4.05 52.11 24.65
N GLN A 702 -4.59 51.18 23.85
CA GLN A 702 -4.21 51.10 22.44
C GLN A 702 -4.85 52.22 21.63
N ARG A 703 -6.08 52.62 22.00
CA ARG A 703 -6.70 53.79 21.40
C ARG A 703 -6.03 55.08 21.87
N ALA A 704 -5.36 55.05 23.01
CA ALA A 704 -4.59 56.21 23.46
C ALA A 704 -3.38 56.45 22.57
N ALA A 705 -2.71 55.38 22.13
CA ALA A 705 -1.60 55.52 21.20
C ALA A 705 -2.07 55.78 19.77
N LYS A 706 -3.36 55.54 19.49
CA LYS A 706 -3.90 55.86 18.18
C LYS A 706 -4.06 57.37 18.01
N TYR A 707 -4.55 58.04 19.05
CA TYR A 707 -4.67 59.49 19.03
C TYR A 707 -3.38 60.19 19.41
N ALA A 708 -2.37 59.46 19.90
CA ALA A 708 -1.08 60.05 20.22
C ALA A 708 -0.22 60.28 18.98
N ILE A 709 -0.60 59.72 17.85
CA ILE A 709 0.08 59.96 16.59
C ILE A 709 -0.75 60.85 15.67
N LYS A 710 -1.91 61.32 16.14
CA LYS A 710 -2.74 62.23 15.34
C LYS A 710 -2.11 63.61 15.26
N ASP A 711 -1.53 64.09 16.38
CA ASP A 711 -0.82 65.36 16.37
C ASP A 711 0.54 65.27 15.68
N SER A 712 1.07 64.06 15.48
CA SER A 712 2.30 63.90 14.73
C SER A 712 2.11 64.14 13.24
N ILE A 713 0.89 63.99 12.74
CA ILE A 713 0.61 64.33 11.35
C ILE A 713 0.59 65.85 11.17
N GLU A 714 0.23 66.59 12.23
CA GLU A 714 0.22 68.04 12.20
C GLU A 714 1.58 68.66 12.51
N ALA A 715 2.65 67.89 12.46
CA ALA A 715 4.01 68.39 12.70
C ALA A 715 4.62 69.06 11.47
N HIS A 716 3.92 69.06 10.34
CA HIS A 716 4.41 69.71 9.14
C HIS A 716 4.29 71.23 9.24
N ARG A 717 4.96 71.92 8.33
CA ARG A 717 4.95 73.38 8.32
C ARG A 717 3.67 73.91 7.68
N VAL A 747 8.26 68.04 13.06
CA VAL A 747 8.77 67.84 14.41
C VAL A 747 7.64 67.94 15.42
N ASP A 748 7.32 66.81 16.05
CA ASP A 748 6.30 66.77 17.09
C ASP A 748 6.95 67.02 18.44
N PRO A 749 6.68 68.16 19.11
CA PRO A 749 7.40 68.54 20.33
C PRO A 749 6.83 67.93 21.62
N VAL A 750 6.55 66.62 21.58
CA VAL A 750 6.09 65.87 22.74
C VAL A 750 6.49 64.41 22.55
N PRO A 751 7.63 63.98 23.12
CA PRO A 751 8.06 62.57 23.04
C PRO A 751 7.51 61.71 24.17
N TYR A 752 6.21 61.85 24.45
CA TYR A 752 5.54 61.08 25.50
C TYR A 752 4.03 61.17 25.26
N ILE A 753 3.30 60.47 26.11
CA ILE A 753 1.84 60.44 26.03
C ILE A 753 1.27 61.13 27.26
N THR A 754 0.59 62.24 27.04
CA THR A 754 -0.19 62.89 28.10
C THR A 754 -1.60 62.28 28.08
N LYS A 755 -2.54 62.85 28.85
CA LYS A 755 -3.83 62.21 29.07
C LYS A 755 -4.69 62.10 27.81
N GLU A 756 -5.31 63.21 27.37
CA GLU A 756 -5.83 63.41 26.01
C GLU A 756 -6.88 62.44 25.48
N HIS A 757 -7.24 61.41 26.25
CA HIS A 757 -8.02 60.31 25.68
C HIS A 757 -9.23 59.93 26.52
N PHE A 758 -9.12 60.03 27.84
CA PHE A 758 -10.13 59.47 28.74
C PHE A 758 -11.44 60.25 28.76
N ALA A 759 -11.49 61.40 28.09
CA ALA A 759 -12.77 62.08 27.88
C ALA A 759 -13.55 61.48 26.71
N GLU A 760 -12.90 60.67 25.87
CA GLU A 760 -13.56 60.04 24.73
C GLU A 760 -13.29 58.54 24.60
N ALA A 761 -12.27 58.00 25.26
CA ALA A 761 -11.96 56.57 25.20
C ALA A 761 -12.44 55.82 26.43
N MET A 762 -12.37 56.44 27.61
CA MET A 762 -12.87 55.81 28.83
C MET A 762 -14.39 55.79 28.90
N LYS A 763 -15.07 56.66 28.15
CA LYS A 763 -16.52 56.66 28.13
C LYS A 763 -17.10 55.50 27.33
N THR A 764 -16.29 54.88 26.47
CA THR A 764 -16.73 53.73 25.68
C THR A 764 -16.28 52.47 26.42
N ALA A 765 -17.03 52.12 27.47
CA ALA A 765 -16.74 50.96 28.29
C ALA A 765 -17.24 49.70 27.58
N LYS A 766 -16.40 49.18 26.69
CA LYS A 766 -16.76 48.01 25.91
C LYS A 766 -16.51 46.74 26.71
N ARG A 767 -17.51 45.86 26.75
CA ARG A 767 -17.43 44.59 27.47
C ARG A 767 -17.58 43.47 26.44
N SER A 768 -16.49 42.75 26.17
CA SER A 768 -16.55 41.64 25.24
C SER A 768 -17.22 40.41 25.83
N VAL A 769 -17.29 40.32 27.16
CA VAL A 769 -17.91 39.20 27.85
C VAL A 769 -19.22 39.69 28.45
N SER A 770 -20.33 39.07 28.07
CA SER A 770 -21.64 39.47 28.55
C SER A 770 -21.87 38.95 29.97
N ASP A 771 -22.96 39.44 30.58
CA ASP A 771 -23.29 39.01 31.93
C ASP A 771 -23.87 37.60 31.94
N ALA A 772 -24.61 37.23 30.90
CA ALA A 772 -25.14 35.87 30.82
C ALA A 772 -24.07 34.86 30.46
N GLU A 773 -23.07 35.27 29.69
CA GLU A 773 -21.97 34.38 29.32
C GLU A 773 -20.99 34.16 30.47
N LEU A 774 -20.91 35.11 31.41
CA LEU A 774 -20.01 34.95 32.55
C LEU A 774 -20.56 33.97 33.59
N ARG A 775 -21.86 33.69 33.55
CA ARG A 775 -22.46 32.78 34.53
C ARG A 775 -22.06 31.32 34.28
N ARG A 776 -21.60 30.98 33.07
CA ARG A 776 -21.16 29.62 32.81
C ARG A 776 -19.80 29.34 33.43
N TYR A 777 -18.97 30.37 33.59
CA TYR A 777 -17.66 30.18 34.21
C TYR A 777 -17.76 30.12 35.73
N GLU A 778 -18.67 30.91 36.31
CA GLU A 778 -18.87 30.93 37.76
C GLU A 778 -19.96 29.93 38.19
N ALA A 779 -19.79 28.68 37.76
CA ALA A 779 -20.74 27.62 38.10
C ALA A 779 -20.09 26.36 38.63
N TYR A 780 -18.78 26.20 38.35
CA TYR A 780 -18.02 24.99 38.78
C TYR A 780 -17.94 24.93 40.31
N SER A 781 -17.04 25.73 40.89
CA SER A 781 -16.82 25.79 42.36
C SER A 781 -16.49 24.39 42.90
N GLN A 782 -15.30 23.87 42.56
CA GLN A 782 -14.83 22.53 42.98
C GLN A 782 -15.12 22.31 44.47
N GLN A 783 -15.82 21.22 44.79
CA GLN A 783 -16.53 21.08 46.09
C GLN A 783 -15.55 20.55 47.15
N MET A 784 -14.34 20.18 46.75
CA MET A 784 -13.36 19.67 47.71
C MET A 784 -12.64 20.84 48.35
N LYS A 785 -12.76 20.96 49.67
CA LYS A 785 -12.19 22.07 50.42
C LYS A 785 -10.97 21.61 51.22
N ALA A 786 -10.40 22.55 51.97
CA ALA A 786 -9.22 22.29 52.77
C ALA A 786 -9.63 21.85 54.17
N SER A 787 -8.65 21.84 55.09
CA SER A 787 -8.82 21.46 56.51
C SER A 787 -9.36 20.04 56.65
N ARG A 788 -8.63 19.10 56.07
CA ARG A 788 -8.97 17.69 56.14
C ARG A 788 -7.75 16.85 56.51
N GLY A 789 -6.81 17.42 57.27
CA GLY A 789 -5.63 16.70 57.69
C GLY A 789 -5.91 15.77 58.86
N GLN A 790 -4.86 15.06 59.28
CA GLN A 790 -5.01 14.11 60.37
C GLN A 790 -4.94 14.85 61.71
N PHE A 791 -5.28 14.13 62.77
CA PHE A 791 -5.26 14.68 64.12
C PHE A 791 -4.65 13.69 65.11
N ASN B 209 28.52 41.42 -20.47
CA ASN B 209 27.88 40.20 -20.94
C ASN B 209 27.32 39.38 -19.77
N GLU B 210 27.95 39.51 -18.61
CA GLU B 210 27.55 38.79 -17.42
C GLU B 210 27.10 39.78 -16.34
N VAL B 211 26.26 39.30 -15.43
CA VAL B 211 25.73 40.10 -14.34
C VAL B 211 26.08 39.42 -13.02
N GLY B 212 26.30 40.22 -11.98
CA GLY B 212 26.61 39.67 -10.67
C GLY B 212 26.41 40.66 -9.53
N TYR B 213 25.64 40.24 -8.53
CA TYR B 213 25.37 40.94 -7.27
C TYR B 213 24.68 42.29 -7.45
N ASP B 214 24.08 42.56 -8.62
CA ASP B 214 23.35 43.81 -8.82
C ASP B 214 22.09 43.59 -9.66
N ASP B 215 21.49 42.42 -9.54
CA ASP B 215 20.33 42.06 -10.35
C ASP B 215 19.00 42.32 -9.65
N ILE B 216 18.95 42.21 -8.32
CA ILE B 216 17.70 42.34 -7.58
C ILE B 216 17.84 43.43 -6.52
N GLY B 217 16.71 44.08 -6.25
CA GLY B 217 16.58 44.93 -5.09
C GLY B 217 15.64 44.33 -4.06
N GLY B 218 15.34 45.12 -3.04
CA GLY B 218 14.46 44.65 -1.98
C GLY B 218 15.24 43.97 -0.87
N CYS B 219 15.25 42.65 -0.87
CA CYS B 219 16.03 41.91 0.10
C CYS B 219 17.47 41.75 -0.39
N ARG B 220 18.42 42.06 0.49
CA ARG B 220 19.84 41.85 0.18
C ARG B 220 20.63 41.19 1.30
N LYS B 221 20.06 41.03 2.50
CA LYS B 221 20.76 40.29 3.55
C LYS B 221 20.72 38.79 3.28
N GLN B 222 19.78 38.33 2.46
CA GLN B 222 19.76 36.93 2.04
C GLN B 222 20.85 36.63 1.01
N MET B 223 21.09 37.56 0.09
CA MET B 223 22.17 37.39 -0.87
C MET B 223 23.54 37.63 -0.22
N ALA B 224 23.59 38.48 0.79
CA ALA B 224 24.84 38.70 1.51
C ALA B 224 25.17 37.53 2.43
N GLN B 225 24.17 36.76 2.84
CA GLN B 225 24.44 35.58 3.66
C GLN B 225 25.13 34.49 2.85
N ILE B 226 24.82 34.38 1.56
CA ILE B 226 25.54 33.47 0.69
C ILE B 226 26.91 34.05 0.34
N ARG B 227 27.03 35.38 0.34
CA ARG B 227 28.31 36.02 0.06
C ARG B 227 29.34 35.74 1.15
N GLU B 228 28.89 35.61 2.40
CA GLU B 228 29.77 35.22 3.50
C GLU B 228 29.75 33.71 3.73
N MET B 229 29.17 32.93 2.81
CA MET B 229 29.11 31.48 2.93
C MET B 229 30.06 30.77 1.98
N VAL B 230 30.07 31.15 0.70
CA VAL B 230 30.82 30.45 -0.32
C VAL B 230 31.91 31.32 -0.93
N GLU B 231 31.76 32.65 -0.86
CA GLU B 231 32.77 33.53 -1.43
C GLU B 231 33.85 33.89 -0.42
N LEU B 232 33.45 34.13 0.83
CA LEU B 232 34.34 34.47 1.93
C LEU B 232 35.36 33.38 2.32
N PRO B 233 35.07 32.06 2.22
CA PRO B 233 36.18 31.11 2.41
C PRO B 233 37.26 31.17 1.34
N LEU B 234 36.88 31.24 0.06
CA LEU B 234 37.90 31.29 -0.99
C LEU B 234 38.56 32.67 -1.11
N ARG B 235 37.94 33.72 -0.57
CA ARG B 235 38.58 35.02 -0.58
C ARG B 235 39.71 35.10 0.44
N HIS B 236 39.49 34.57 1.64
CA HIS B 236 40.52 34.52 2.69
C HIS B 236 40.60 33.10 3.20
N PRO B 237 41.39 32.24 2.54
CA PRO B 237 41.53 30.85 3.03
C PRO B 237 42.36 30.73 4.28
N GLN B 238 43.18 31.73 4.60
CA GLN B 238 44.00 31.67 5.82
C GLN B 238 43.19 31.95 7.08
N LEU B 239 42.00 32.55 6.95
CA LEU B 239 41.16 32.78 8.12
C LEU B 239 40.50 31.48 8.58
N PHE B 240 40.02 30.66 7.65
CA PHE B 240 39.43 29.37 8.01
C PHE B 240 40.47 28.30 8.27
N LYS B 241 41.75 28.57 7.99
CA LYS B 241 42.82 27.64 8.32
C LYS B 241 43.18 27.79 9.79
N ALA B 242 43.36 26.65 10.46
CA ALA B 242 43.66 26.54 11.90
C ALA B 242 42.60 27.25 12.75
N ILE B 243 41.35 27.16 12.32
CA ILE B 243 40.22 27.71 13.09
C ILE B 243 39.35 26.61 13.69
N GLY B 244 39.51 25.36 13.26
CA GLY B 244 38.72 24.28 13.80
C GLY B 244 37.57 23.83 12.91
N ILE B 245 36.36 24.26 13.25
CA ILE B 245 35.18 23.82 12.53
C ILE B 245 35.12 24.52 11.16
N LYS B 246 34.37 23.90 10.22
CA LYS B 246 34.23 24.32 8.83
C LYS B 246 32.86 24.93 8.58
N PRO B 247 32.76 25.85 7.62
CA PRO B 247 31.45 26.41 7.25
C PRO B 247 30.59 25.36 6.56
N PRO B 248 29.26 25.54 6.55
CA PRO B 248 28.39 24.55 5.90
C PRO B 248 28.54 24.55 4.38
N ARG B 249 28.28 23.39 3.79
CA ARG B 249 28.45 23.17 2.36
C ARG B 249 27.11 23.01 1.64
N GLY B 250 26.08 23.73 2.07
CA GLY B 250 24.78 23.63 1.44
C GLY B 250 23.77 24.61 1.98
N VAL B 251 22.98 25.21 1.09
CA VAL B 251 21.95 26.16 1.48
C VAL B 251 20.62 25.70 0.90
N LEU B 252 19.54 26.09 1.58
CA LEU B 252 18.17 25.75 1.20
C LEU B 252 17.38 27.04 1.01
N MET B 253 16.94 27.28 -0.22
CA MET B 253 16.17 28.47 -0.56
C MET B 253 14.73 28.05 -0.86
N TYR B 254 13.81 28.44 0.03
CA TYR B 254 12.40 28.08 -0.11
C TYR B 254 11.57 29.34 -0.30
N GLY B 255 10.29 29.14 -0.62
CA GLY B 255 9.36 30.22 -0.79
C GLY B 255 8.34 29.95 -1.88
N PRO B 256 7.66 31.00 -2.35
CA PRO B 256 6.73 30.82 -3.45
C PRO B 256 7.47 30.59 -4.75
N PRO B 257 6.88 29.82 -5.70
CA PRO B 257 7.56 29.49 -6.96
C PRO B 257 7.40 30.55 -8.04
N GLY B 258 7.71 31.79 -7.69
CA GLY B 258 7.62 32.88 -8.66
C GLY B 258 8.99 33.38 -9.09
N THR B 259 9.95 33.40 -8.16
CA THR B 259 11.29 33.85 -8.50
C THR B 259 12.03 32.82 -9.33
N GLY B 260 12.07 31.57 -8.87
CA GLY B 260 12.77 30.52 -9.58
C GLY B 260 14.16 30.20 -9.06
N LYS B 261 14.87 31.20 -8.54
CA LYS B 261 16.17 31.12 -7.86
C LYS B 261 17.32 30.74 -8.80
N THR B 262 17.06 30.52 -10.09
CA THR B 262 18.13 30.15 -11.01
C THR B 262 19.01 31.34 -11.37
N LEU B 263 18.41 32.50 -11.62
CA LEU B 263 19.17 33.70 -11.91
C LEU B 263 19.70 34.37 -10.63
N MET B 264 19.27 33.89 -9.46
CA MET B 264 19.93 34.31 -8.22
C MET B 264 21.26 33.58 -8.03
N ALA B 265 21.29 32.27 -8.31
CA ALA B 265 22.50 31.48 -8.11
C ALA B 265 23.54 31.75 -9.19
N ARG B 266 23.13 32.28 -10.35
CA ARG B 266 24.09 32.66 -11.37
C ARG B 266 24.81 33.95 -11.03
N ALA B 267 24.25 34.78 -10.15
CA ALA B 267 24.91 36.01 -9.76
C ALA B 267 26.06 35.79 -8.78
N VAL B 268 25.93 34.78 -7.91
CA VAL B 268 26.97 34.51 -6.93
C VAL B 268 28.08 33.63 -7.55
N ALA B 269 27.73 32.75 -8.50
CA ALA B 269 28.73 31.87 -9.09
C ALA B 269 29.61 32.59 -10.11
N ASN B 270 29.06 33.61 -10.80
CA ASN B 270 29.83 34.34 -11.79
C ASN B 270 30.76 35.37 -11.17
N GLU B 271 30.47 35.83 -9.95
CA GLU B 271 31.35 36.78 -9.27
C GLU B 271 32.64 36.09 -8.82
N THR B 272 32.55 34.86 -8.34
CA THR B 272 33.72 34.12 -7.91
C THR B 272 34.38 33.35 -9.05
N GLY B 273 33.70 33.19 -10.18
CA GLY B 273 34.24 32.46 -11.30
C GLY B 273 34.10 30.97 -11.24
N ALA B 274 33.27 30.44 -10.33
CA ALA B 274 33.08 29.01 -10.22
C ALA B 274 32.20 28.49 -11.36
N PHE B 275 32.22 27.17 -11.52
CA PHE B 275 31.45 26.53 -12.59
C PHE B 275 29.99 26.37 -12.18
N PHE B 276 29.12 26.43 -13.18
CA PHE B 276 27.67 26.33 -12.98
C PHE B 276 27.14 25.22 -13.88
N PHE B 277 26.91 24.05 -13.29
CA PHE B 277 26.43 22.87 -14.02
C PHE B 277 25.03 22.55 -13.50
N LEU B 278 24.02 23.19 -14.08
CA LEU B 278 22.64 22.99 -13.65
C LEU B 278 22.12 21.66 -14.14
N ILE B 279 21.35 20.98 -13.29
CA ILE B 279 20.68 19.73 -13.64
C ILE B 279 19.20 19.87 -13.30
N ASN B 280 18.37 19.20 -14.10
CA ASN B 280 16.93 19.30 -13.97
C ASN B 280 16.42 18.27 -12.95
N GLY B 281 15.25 18.55 -12.39
CA GLY B 281 14.67 17.73 -11.36
C GLY B 281 14.18 16.37 -11.84
N PRO B 282 13.10 16.35 -12.63
CA PRO B 282 12.55 15.05 -13.08
C PRO B 282 13.31 14.43 -14.25
N GLU B 283 14.38 15.06 -14.74
CA GLU B 283 15.14 14.50 -15.84
C GLU B 283 16.19 13.50 -15.37
N VAL B 284 16.65 13.62 -14.11
CA VAL B 284 17.68 12.72 -13.61
C VAL B 284 17.14 11.32 -13.36
N MET B 285 16.05 11.20 -12.62
CA MET B 285 15.44 9.90 -12.32
C MET B 285 14.54 9.48 -13.47
N SER B 286 14.47 8.17 -13.71
CA SER B 286 13.69 7.62 -14.81
C SER B 286 13.43 6.13 -14.54
N LYS B 287 12.69 5.51 -15.45
CA LYS B 287 12.36 4.06 -15.35
C LYS B 287 13.50 3.26 -15.98
N MET B 288 14.62 3.12 -15.25
CA MET B 288 15.79 2.41 -15.73
C MET B 288 16.33 1.38 -14.74
N ALA B 289 16.06 1.56 -13.43
CA ALA B 289 16.60 0.74 -12.33
C ALA B 289 18.11 0.60 -12.43
N GLY B 290 18.80 1.72 -12.32
CA GLY B 290 20.11 1.85 -12.91
C GLY B 290 20.69 3.24 -12.73
N GLU B 291 21.04 3.88 -13.85
CA GLU B 291 21.74 5.16 -13.79
C GLU B 291 20.83 6.31 -13.33
N SER B 292 19.55 6.04 -13.07
CA SER B 292 18.63 7.00 -12.47
C SER B 292 19.11 7.48 -11.11
N GLU B 293 19.71 6.59 -10.33
CA GLU B 293 20.36 6.95 -9.08
C GLU B 293 21.87 7.16 -9.23
N SER B 294 22.37 7.32 -10.46
CA SER B 294 23.77 7.62 -10.68
C SER B 294 23.98 8.78 -11.65
N ASN B 295 22.92 9.28 -12.30
CA ASN B 295 23.06 10.47 -13.14
C ASN B 295 23.36 11.71 -12.30
N LEU B 296 22.89 11.74 -11.05
CA LEU B 296 23.30 12.80 -10.15
C LEU B 296 24.62 12.48 -9.46
N ARG B 297 25.01 11.21 -9.42
CA ARG B 297 26.31 10.84 -8.86
C ARG B 297 27.44 11.24 -9.79
N LYS B 298 27.27 11.02 -11.10
CA LYS B 298 28.23 11.50 -12.07
C LYS B 298 28.18 13.01 -12.25
N ALA B 299 27.08 13.66 -11.85
CA ALA B 299 27.02 15.11 -11.87
C ALA B 299 27.90 15.72 -10.78
N PHE B 300 27.98 15.06 -9.62
CA PHE B 300 28.91 15.48 -8.58
C PHE B 300 30.36 15.20 -8.97
N GLU B 301 30.57 14.18 -9.80
CA GLU B 301 31.92 13.91 -10.30
C GLU B 301 32.32 14.91 -11.38
N GLU B 302 31.35 15.41 -12.15
CA GLU B 302 31.65 16.42 -13.16
C GLU B 302 31.97 17.76 -12.52
N ALA B 303 31.36 18.08 -11.38
CA ALA B 303 31.65 19.29 -10.65
C ALA B 303 32.82 19.14 -9.68
N GLU B 304 33.45 17.96 -9.65
CA GLU B 304 34.57 17.74 -8.75
C GLU B 304 35.90 18.13 -9.38
N LYS B 305 36.03 17.96 -10.70
CA LYS B 305 37.30 18.22 -11.37
C LYS B 305 37.56 19.72 -11.53
N ASN B 306 36.51 20.49 -11.81
CA ASN B 306 36.65 21.92 -12.00
C ASN B 306 36.31 22.68 -10.72
N ALA B 307 37.14 22.53 -9.69
CA ALA B 307 36.90 23.19 -8.43
C ALA B 307 37.33 24.66 -8.52
N PRO B 308 36.51 25.60 -8.02
CA PRO B 308 35.21 25.39 -7.39
C PRO B 308 34.05 25.33 -8.39
N ALA B 309 32.94 24.74 -7.99
CA ALA B 309 31.79 24.59 -8.88
C ALA B 309 30.51 24.62 -8.06
N ILE B 310 29.40 24.96 -8.72
CA ILE B 310 28.09 25.01 -8.11
C ILE B 310 27.21 23.99 -8.82
N ILE B 311 26.70 23.01 -8.06
CA ILE B 311 25.86 21.98 -8.65
C ILE B 311 24.45 22.50 -8.90
N PHE B 312 23.83 23.07 -7.86
CA PHE B 312 22.55 23.78 -7.93
C PHE B 312 21.42 22.88 -8.46
N ILE B 313 21.06 21.91 -7.62
CA ILE B 313 19.87 21.09 -7.90
C ILE B 313 18.62 21.95 -7.72
N ASP B 314 17.56 21.59 -8.43
CA ASP B 314 16.32 22.36 -8.40
C ASP B 314 15.12 21.41 -8.29
N GLU B 315 13.96 22.01 -7.96
CA GLU B 315 12.65 21.39 -7.76
C GLU B 315 12.70 20.08 -6.98
N ILE B 316 13.06 20.16 -5.70
CA ILE B 316 13.14 18.97 -4.85
C ILE B 316 11.73 18.76 -4.29
N ASP B 317 10.88 18.18 -5.13
CA ASP B 317 9.51 17.79 -4.78
C ASP B 317 9.28 16.29 -4.93
N SER B 318 9.69 15.73 -6.07
CA SER B 318 9.58 14.30 -6.33
C SER B 318 10.87 13.57 -6.02
N ILE B 319 12.01 14.11 -6.45
CA ILE B 319 13.31 13.59 -6.06
C ILE B 319 13.54 13.86 -4.58
N ALA B 320 14.01 12.83 -3.85
CA ALA B 320 14.23 12.78 -2.41
C ALA B 320 13.00 13.23 -1.61
N PRO B 321 11.90 12.45 -1.61
CA PRO B 321 10.72 12.86 -0.85
C PRO B 321 10.78 12.40 0.59
N LYS B 322 9.72 12.65 1.35
CA LYS B 322 9.61 12.09 2.68
C LYS B 322 9.36 10.59 2.60
N ARG B 323 10.07 9.83 3.46
CA ARG B 323 10.01 8.39 3.45
C ARG B 323 8.90 7.82 4.33
N ASP B 324 7.92 8.65 4.71
CA ASP B 324 6.78 8.16 5.46
C ASP B 324 5.76 7.47 4.54
N LYS B 325 5.80 7.77 3.24
CA LYS B 325 4.85 7.20 2.31
C LYS B 325 5.33 5.88 1.70
N THR B 326 6.66 5.64 1.72
CA THR B 326 7.36 4.39 1.29
C THR B 326 6.89 3.85 -0.07
N ASN B 327 6.42 4.76 -0.94
CA ASN B 327 5.79 4.39 -2.20
C ASN B 327 6.80 4.64 -3.31
N GLY B 328 7.03 3.62 -4.14
CA GLY B 328 7.96 3.75 -5.25
C GLY B 328 9.37 3.35 -4.88
N GLU B 329 9.92 2.37 -5.57
CA GLU B 329 11.29 1.93 -5.30
C GLU B 329 12.31 2.93 -5.83
N VAL B 330 12.01 3.60 -6.95
CA VAL B 330 12.91 4.63 -7.46
C VAL B 330 12.86 5.89 -6.62
N GLU B 331 11.79 6.08 -5.84
CA GLU B 331 11.69 7.19 -4.90
C GLU B 331 12.50 6.96 -3.62
N ARG B 332 12.63 5.71 -3.19
CA ARG B 332 13.33 5.39 -1.95
C ARG B 332 14.84 5.23 -2.15
N ARG B 333 15.33 5.28 -3.39
CA ARG B 333 16.76 5.15 -3.65
C ARG B 333 17.44 6.46 -4.00
N VAL B 334 16.71 7.43 -4.55
CA VAL B 334 17.29 8.75 -4.75
C VAL B 334 17.36 9.54 -3.45
N VAL B 335 16.56 9.16 -2.44
CA VAL B 335 16.57 9.86 -1.17
C VAL B 335 17.81 9.48 -0.35
N SER B 336 18.45 8.36 -0.67
CA SER B 336 19.64 7.91 0.04
C SER B 336 20.92 8.04 -0.78
N GLN B 337 20.82 8.44 -2.05
CA GLN B 337 22.03 8.62 -2.85
C GLN B 337 22.78 9.88 -2.45
N LEU B 338 22.05 10.97 -2.20
CA LEU B 338 22.66 12.20 -1.71
C LEU B 338 23.06 12.11 -0.25
N LEU B 339 22.58 11.11 0.48
CA LEU B 339 22.97 10.96 1.88
C LEU B 339 24.39 10.43 2.03
N THR B 340 24.87 9.64 1.07
CA THR B 340 26.17 8.99 1.22
C THR B 340 27.28 9.67 0.43
N LEU B 341 26.97 10.59 -0.47
CA LEU B 341 28.01 11.29 -1.20
C LEU B 341 28.30 12.69 -0.66
N MET B 342 27.39 13.26 0.15
CA MET B 342 27.60 14.60 0.65
C MET B 342 28.19 14.62 2.06
N ASP B 343 28.08 13.52 2.82
CA ASP B 343 28.72 13.48 4.13
C ASP B 343 30.23 13.30 4.03
N GLY B 344 30.68 12.48 3.07
CA GLY B 344 32.11 12.31 2.84
C GLY B 344 32.58 13.14 1.67
N MET B 345 31.92 14.26 1.43
CA MET B 345 32.26 15.14 0.33
C MET B 345 33.50 15.96 0.64
N LYS B 346 34.09 16.54 -0.40
CA LYS B 346 35.30 17.33 -0.25
C LYS B 346 35.01 18.65 0.46
N ALA B 347 35.94 19.07 1.32
CA ALA B 347 35.78 20.26 2.12
C ALA B 347 36.37 21.48 1.39
N ARG B 348 36.56 22.57 2.15
CA ARG B 348 37.27 23.79 1.74
C ARG B 348 36.54 24.54 0.62
N SER B 349 35.21 24.42 0.57
CA SER B 349 34.30 25.27 -0.22
C SER B 349 34.62 25.24 -1.72
N ASN B 350 34.46 24.06 -2.31
CA ASN B 350 34.62 23.90 -3.75
C ASN B 350 33.50 23.13 -4.42
N VAL B 351 32.79 22.25 -3.72
CA VAL B 351 31.73 21.43 -4.30
C VAL B 351 30.42 21.71 -3.59
N VAL B 352 30.22 22.96 -3.15
CA VAL B 352 29.02 23.34 -2.42
C VAL B 352 27.80 23.30 -3.34
N VAL B 353 26.65 23.00 -2.76
CA VAL B 353 25.39 22.86 -3.49
C VAL B 353 24.42 23.92 -3.00
N ILE B 354 23.56 24.38 -3.91
CA ILE B 354 22.48 25.31 -3.59
C ILE B 354 21.16 24.64 -3.96
N ALA B 355 20.23 24.59 -3.02
CA ALA B 355 18.95 23.93 -3.25
C ALA B 355 17.85 24.97 -3.44
N ALA B 356 16.96 24.69 -4.40
CA ALA B 356 15.80 25.53 -4.67
C ALA B 356 14.56 24.65 -4.56
N THR B 357 13.86 24.74 -3.43
CA THR B 357 12.73 23.88 -3.13
C THR B 357 11.47 24.71 -2.96
N ASN B 358 10.37 24.23 -3.56
CA ASN B 358 9.10 24.93 -3.48
C ASN B 358 8.49 24.85 -2.07
N ARG B 359 8.28 23.63 -1.56
CA ARG B 359 7.62 23.47 -0.28
C ARG B 359 8.62 23.04 0.79
N PRO B 360 8.67 23.74 1.92
CA PRO B 360 9.66 23.40 2.97
C PRO B 360 9.23 22.27 3.91
N ASN B 361 8.04 21.71 3.73
CA ASN B 361 7.54 20.65 4.59
C ASN B 361 7.54 19.29 3.89
N SER B 362 8.07 19.21 2.68
CA SER B 362 8.14 17.95 1.94
C SER B 362 9.51 17.30 2.01
N ILE B 363 10.50 17.96 2.62
CA ILE B 363 11.83 17.39 2.74
C ILE B 363 11.89 16.52 3.99
N ASP B 364 12.49 15.33 3.86
CA ASP B 364 12.61 14.42 4.99
C ASP B 364 13.58 14.98 6.02
N PRO B 365 13.35 14.74 7.32
CA PRO B 365 14.27 15.29 8.33
C PRO B 365 15.63 14.63 8.37
N ALA B 366 15.81 13.47 7.72
CA ALA B 366 17.11 12.81 7.70
C ALA B 366 18.09 13.49 6.75
N LEU B 367 17.60 14.31 5.82
CA LEU B 367 18.48 15.02 4.91
C LEU B 367 19.06 16.28 5.54
N ARG B 368 18.24 17.02 6.29
CA ARG B 368 18.63 18.36 6.75
C ARG B 368 19.40 18.27 8.07
N ARG B 369 20.59 17.68 7.98
CA ARG B 369 21.54 17.69 9.09
C ARG B 369 22.61 18.75 8.82
N PHE B 370 23.67 18.79 9.63
CA PHE B 370 24.76 19.72 9.48
C PHE B 370 25.61 19.44 8.24
N GLY B 371 25.66 18.19 7.78
CA GLY B 371 26.48 17.88 6.62
C GLY B 371 25.84 18.33 5.31
N ARG B 372 24.59 17.91 5.06
CA ARG B 372 23.96 18.18 3.78
C ARG B 372 23.41 19.59 3.68
N PHE B 373 22.41 19.92 4.51
CA PHE B 373 21.70 21.20 4.42
C PHE B 373 21.36 21.68 5.83
N ASP B 374 22.01 22.77 6.26
CA ASP B 374 21.71 23.33 7.58
C ASP B 374 21.68 24.85 7.53
N ARG B 375 21.31 25.42 6.38
CA ARG B 375 21.27 26.87 6.21
C ARG B 375 19.96 27.24 5.52
N GLU B 376 18.98 27.66 6.31
CA GLU B 376 17.66 28.02 5.79
C GLU B 376 17.58 29.53 5.59
N VAL B 377 17.17 29.94 4.40
CA VAL B 377 16.95 31.35 4.08
C VAL B 377 15.53 31.54 3.56
N ASP B 378 15.00 32.74 3.71
CA ASP B 378 13.64 33.06 3.31
C ASP B 378 13.65 33.90 2.02
N ILE B 379 13.00 33.38 0.99
CA ILE B 379 12.86 34.06 -0.30
C ILE B 379 11.36 34.21 -0.54
N GLY B 380 10.81 35.38 -0.22
CA GLY B 380 9.38 35.58 -0.36
C GLY B 380 8.99 36.85 -1.10
N ILE B 381 7.82 37.39 -0.76
CA ILE B 381 7.31 38.58 -1.44
C ILE B 381 8.08 39.80 -0.94
N PRO B 382 8.64 40.61 -1.84
CA PRO B 382 9.31 41.84 -1.40
C PRO B 382 8.31 42.85 -0.87
N ASP B 383 8.75 43.61 0.12
CA ASP B 383 7.90 44.57 0.82
C ASP B 383 7.87 45.89 0.06
N ALA B 384 7.33 46.92 0.70
CA ALA B 384 7.30 48.26 0.11
C ALA B 384 8.72 48.83 0.00
N THR B 385 8.87 49.82 -0.90
CA THR B 385 10.13 50.40 -1.42
C THR B 385 11.24 49.36 -1.63
N GLY B 386 10.86 48.20 -2.17
CA GLY B 386 11.81 47.17 -2.52
C GLY B 386 11.72 46.79 -3.98
N ARG B 387 10.53 46.94 -4.57
CA ARG B 387 10.33 46.71 -5.99
C ARG B 387 10.80 47.88 -6.85
N LEU B 388 11.09 49.03 -6.24
CA LEU B 388 11.64 50.16 -6.97
C LEU B 388 13.05 49.86 -7.47
N GLU B 389 13.86 49.21 -6.64
CA GLU B 389 15.24 48.89 -7.03
C GLU B 389 15.30 47.78 -8.06
N VAL B 390 14.29 46.92 -8.14
CA VAL B 390 14.26 45.87 -9.16
C VAL B 390 13.98 46.46 -10.53
N LEU B 391 13.10 47.47 -10.60
CA LEU B 391 12.77 48.10 -11.86
C LEU B 391 13.89 48.97 -12.40
N ARG B 392 14.79 49.45 -11.54
CA ARG B 392 15.92 50.26 -12.00
C ARG B 392 16.98 49.40 -12.68
N ILE B 393 17.03 48.10 -12.38
CA ILE B 393 18.00 47.23 -13.02
C ILE B 393 17.54 46.82 -14.42
N HIS B 394 16.26 46.49 -14.56
CA HIS B 394 15.73 46.03 -15.84
C HIS B 394 15.49 47.17 -16.83
N THR B 395 15.63 48.43 -16.41
CA THR B 395 15.43 49.57 -17.28
C THR B 395 16.73 50.34 -17.51
N LYS B 396 17.86 49.63 -17.59
CA LYS B 396 19.12 50.29 -17.89
C LYS B 396 19.35 50.41 -19.39
N ASN B 397 18.74 49.53 -20.18
CA ASN B 397 18.76 49.60 -21.63
C ASN B 397 17.34 49.78 -22.13
N MET B 398 17.20 50.55 -23.22
CA MET B 398 15.92 51.02 -23.75
C MET B 398 15.10 51.72 -22.67
N LYS B 399 15.67 52.83 -22.20
CA LYS B 399 15.24 53.49 -20.98
C LYS B 399 13.86 54.15 -21.16
N LEU B 400 13.26 54.49 -20.03
CA LEU B 400 11.94 55.08 -19.96
C LEU B 400 12.02 56.60 -20.04
N ALA B 401 10.89 57.20 -20.42
CA ALA B 401 10.80 58.64 -20.62
C ALA B 401 10.54 59.35 -19.29
N ASP B 402 10.37 60.66 -19.36
CA ASP B 402 10.21 61.48 -18.17
C ASP B 402 8.78 61.54 -17.66
N ASP B 403 7.81 61.05 -18.45
CA ASP B 403 6.42 61.12 -18.01
C ASP B 403 6.07 59.99 -17.04
N VAL B 404 6.67 58.81 -17.21
CA VAL B 404 6.41 57.67 -16.36
C VAL B 404 7.31 57.75 -15.13
N ASP B 405 6.76 57.43 -13.96
CA ASP B 405 7.47 57.50 -12.69
C ASP B 405 7.69 56.09 -12.17
N LEU B 406 8.89 55.82 -11.67
CA LEU B 406 9.19 54.50 -11.14
C LEU B 406 8.59 54.30 -9.75
N GLU B 407 8.37 55.39 -9.01
CA GLU B 407 7.71 55.27 -7.71
C GLU B 407 6.22 55.00 -7.88
N ALA B 408 5.64 55.47 -8.99
CA ALA B 408 4.23 55.19 -9.25
C ALA B 408 3.99 53.75 -9.68
N LEU B 409 4.97 53.13 -10.36
CA LEU B 409 4.82 51.73 -10.75
C LEU B 409 5.03 50.79 -9.57
N ALA B 410 5.84 51.18 -8.58
CA ALA B 410 6.04 50.36 -7.40
C ALA B 410 4.81 50.37 -6.49
N ALA B 411 4.05 51.46 -6.50
CA ALA B 411 2.82 51.52 -5.70
C ALA B 411 1.70 50.69 -6.32
N GLU B 412 1.73 50.49 -7.65
CA GLU B 412 0.72 49.66 -8.28
C GLU B 412 1.02 48.18 -8.11
N THR B 413 2.30 47.81 -8.06
CA THR B 413 2.69 46.43 -7.79
C THR B 413 2.56 46.19 -6.30
N HIS B 414 1.41 45.63 -5.90
CA HIS B 414 1.12 45.48 -4.47
C HIS B 414 1.82 44.26 -3.89
N GLY B 415 1.49 43.07 -4.37
CA GLY B 415 2.04 41.85 -3.81
C GLY B 415 2.78 41.00 -4.82
N TYR B 416 3.53 41.64 -5.71
CA TYR B 416 4.28 40.92 -6.72
C TYR B 416 5.56 40.34 -6.12
N VAL B 417 6.14 39.38 -6.84
CA VAL B 417 7.31 38.65 -6.34
C VAL B 417 8.62 39.26 -6.84
N GLY B 418 8.59 40.13 -7.84
CA GLY B 418 9.80 40.72 -8.36
C GLY B 418 10.25 40.11 -9.67
N ALA B 419 10.01 38.80 -9.84
CA ALA B 419 10.32 38.16 -11.10
C ALA B 419 9.17 38.31 -12.09
N ASP B 420 7.95 38.50 -11.59
CA ASP B 420 6.81 38.71 -12.47
C ASP B 420 6.84 40.10 -13.09
N ILE B 421 7.35 41.10 -12.36
CA ILE B 421 7.49 42.44 -12.91
C ILE B 421 8.71 42.58 -13.81
N ALA B 422 9.61 41.59 -13.80
CA ALA B 422 10.70 41.59 -14.77
C ALA B 422 10.20 41.27 -16.16
N SER B 423 9.16 40.44 -16.27
CA SER B 423 8.51 40.22 -17.56
C SER B 423 7.54 41.33 -17.92
N LEU B 424 7.15 42.17 -16.96
CA LEU B 424 6.30 43.31 -17.25
C LEU B 424 7.07 44.41 -17.99
N CYS B 425 8.38 44.47 -17.78
CA CYS B 425 9.21 45.42 -18.52
C CYS B 425 9.33 45.02 -19.98
N SER B 426 9.45 43.72 -20.26
CA SER B 426 9.49 43.25 -21.63
C SER B 426 8.11 43.29 -22.28
N GLU B 427 7.05 43.19 -21.47
CA GLU B 427 5.69 43.27 -22.01
C GLU B 427 5.33 44.72 -22.35
N ALA B 428 5.77 45.67 -21.53
CA ALA B 428 5.53 47.08 -21.83
C ALA B 428 6.38 47.56 -22.99
N ALA B 429 7.55 46.96 -23.18
CA ALA B 429 8.38 47.29 -24.34
C ALA B 429 7.82 46.71 -25.64
N MET B 430 7.04 45.64 -25.56
CA MET B 430 6.42 45.08 -26.76
C MET B 430 5.27 45.94 -27.25
N GLN B 431 4.61 46.67 -26.35
CA GLN B 431 3.53 47.56 -26.77
C GLN B 431 4.05 48.79 -27.48
N GLN B 432 5.30 49.19 -27.18
CA GLN B 432 5.91 50.31 -27.89
C GLN B 432 6.25 49.95 -29.33
N ILE B 433 6.61 48.68 -29.58
CA ILE B 433 6.87 48.23 -30.94
C ILE B 433 5.57 48.12 -31.71
N ARG B 434 4.49 47.69 -31.05
CA ARG B 434 3.19 47.63 -31.70
C ARG B 434 2.57 49.01 -31.90
N GLU B 435 3.01 50.01 -31.15
CA GLU B 435 2.49 51.37 -31.31
C GLU B 435 3.04 52.03 -32.56
N LYS B 436 4.24 51.66 -33.00
CA LYS B 436 4.84 52.23 -34.19
C LYS B 436 4.21 51.66 -35.45
N VAL B 457 9.33 53.49 -23.83
CA VAL B 457 8.07 53.18 -23.18
C VAL B 457 7.43 54.44 -22.60
N THR B 458 6.11 54.43 -22.47
CA THR B 458 5.34 55.57 -22.00
C THR B 458 4.54 55.18 -20.76
N MET B 459 3.68 56.10 -20.31
CA MET B 459 2.84 55.85 -19.14
C MET B 459 1.74 54.85 -19.47
N ASP B 460 1.17 54.94 -20.67
CA ASP B 460 0.09 54.04 -21.06
C ASP B 460 0.57 52.63 -21.37
N ASN B 461 1.86 52.45 -21.67
CA ASN B 461 2.37 51.11 -21.95
C ASN B 461 2.48 50.27 -20.69
N PHE B 462 2.83 50.90 -19.56
CA PHE B 462 2.95 50.17 -18.30
C PHE B 462 1.58 49.89 -17.69
N ARG B 463 0.62 50.80 -17.89
CA ARG B 463 -0.71 50.63 -17.32
C ARG B 463 -1.51 49.55 -18.03
N PHE B 464 -1.26 49.33 -19.33
CA PHE B 464 -1.96 48.27 -20.04
C PHE B 464 -1.44 46.89 -19.64
N ALA B 465 -0.16 46.79 -19.27
CA ALA B 465 0.43 45.52 -18.85
C ALA B 465 0.17 45.18 -17.40
N LEU B 466 -0.56 46.02 -16.66
CA LEU B 466 -0.83 45.72 -15.26
C LEU B 466 -1.88 44.63 -15.10
N GLY B 467 -2.99 44.73 -15.86
CA GLY B 467 -4.05 43.75 -15.74
C GLY B 467 -3.75 42.41 -16.38
N ASN B 468 -2.82 42.38 -17.34
CA ASN B 468 -2.45 41.15 -18.01
C ASN B 468 -1.19 40.52 -17.44
N SER B 469 -0.78 40.94 -16.25
CA SER B 469 0.46 40.45 -15.64
C SER B 469 0.23 39.31 -14.66
N ASN B 470 -1.01 38.78 -14.57
CA ASN B 470 -1.53 37.59 -13.89
C ASN B 470 -0.83 37.19 -12.58
N PRO B 471 -0.89 38.03 -11.53
CA PRO B 471 -0.15 37.73 -10.30
C PRO B 471 -0.79 36.59 -9.52
N SER B 472 -0.02 36.02 -8.60
CA SER B 472 -0.41 34.81 -7.90
C SER B 472 -1.56 35.03 -6.91
N ALA B 473 -1.77 36.27 -6.46
CA ALA B 473 -2.83 36.52 -5.49
C ALA B 473 -4.22 36.49 -6.12
N LEU B 474 -4.33 36.83 -7.41
CA LEU B 474 -5.61 36.85 -8.11
C LEU B 474 -5.60 35.95 -9.34
N ARG B 475 -4.86 34.84 -9.30
CA ARG B 475 -4.81 33.94 -10.45
C ARG B 475 -5.79 32.79 -10.31
N GLU B 476 -6.06 32.35 -9.08
CA GLU B 476 -6.91 31.18 -8.88
C GLU B 476 -8.38 31.47 -9.14
N THR B 477 -8.82 32.72 -8.97
CA THR B 477 -10.21 33.09 -9.18
C THR B 477 -10.30 34.16 -10.26
N VAL B 478 -11.35 34.08 -11.08
CA VAL B 478 -11.59 35.03 -12.17
C VAL B 478 -13.08 34.97 -12.53
N VAL B 479 -13.70 36.14 -12.63
CA VAL B 479 -15.11 36.25 -13.04
C VAL B 479 -15.17 37.22 -14.21
N GLU B 480 -15.61 36.74 -15.37
CA GLU B 480 -15.70 37.56 -16.56
C GLU B 480 -16.92 38.47 -16.50
N SER B 481 -16.74 39.76 -16.81
CA SER B 481 -15.44 40.36 -17.14
C SER B 481 -14.82 41.00 -15.91
N VAL B 482 -13.53 41.35 -16.01
CA VAL B 482 -12.82 41.97 -14.91
C VAL B 482 -13.27 43.42 -14.74
N ASN B 483 -13.49 43.83 -13.49
CA ASN B 483 -13.97 45.16 -13.17
C ASN B 483 -13.17 45.70 -11.99
N VAL B 484 -12.32 46.69 -12.25
CA VAL B 484 -11.58 47.39 -11.22
C VAL B 484 -12.13 48.82 -11.16
N THR B 485 -12.05 49.44 -9.99
CA THR B 485 -12.55 50.80 -9.80
C THR B 485 -11.48 51.68 -9.18
N TRP B 486 -11.47 52.94 -9.59
CA TRP B 486 -10.52 53.93 -9.07
C TRP B 486 -11.15 55.25 -8.68
N ASP B 487 -12.34 55.58 -9.19
CA ASP B 487 -12.99 56.87 -8.95
C ASP B 487 -14.07 56.77 -7.89
N ASP B 488 -13.89 55.93 -6.88
CA ASP B 488 -14.87 55.72 -5.83
C ASP B 488 -14.36 56.28 -4.52
N VAL B 489 -15.14 57.16 -3.90
CA VAL B 489 -14.80 57.72 -2.59
C VAL B 489 -15.79 57.29 -1.51
N GLY B 490 -17.09 57.28 -1.78
CA GLY B 490 -18.07 56.86 -0.80
C GLY B 490 -18.64 58.02 0.00
N GLY B 491 -19.91 57.91 0.38
CA GLY B 491 -20.58 58.93 1.17
C GLY B 491 -20.46 58.78 2.66
N LEU B 492 -19.79 57.72 3.14
CA LEU B 492 -19.61 57.51 4.57
C LEU B 492 -18.35 58.24 5.02
N ASP B 493 -18.52 59.55 5.23
CA ASP B 493 -17.39 60.40 5.61
C ASP B 493 -17.03 60.29 7.09
N GLU B 494 -18.00 59.95 7.95
CA GLU B 494 -17.72 59.81 9.37
C GLU B 494 -16.97 58.54 9.71
N ILE B 495 -16.90 57.57 8.80
CA ILE B 495 -16.15 56.34 9.01
C ILE B 495 -14.94 56.23 8.08
N LYS B 496 -14.85 57.08 7.06
CA LYS B 496 -13.66 57.06 6.20
C LYS B 496 -12.44 57.62 6.93
N GLU B 497 -12.64 58.59 7.82
CA GLU B 497 -11.56 59.07 8.65
C GLU B 497 -11.09 58.05 9.68
N GLU B 498 -12.01 57.18 10.13
CA GLU B 498 -11.61 56.08 11.00
C GLU B 498 -10.90 54.98 10.24
N LEU B 499 -11.32 54.71 9.00
CA LEU B 499 -10.64 53.71 8.18
C LEU B 499 -9.26 54.18 7.76
N LYS B 500 -9.06 55.50 7.62
CA LYS B 500 -7.73 56.04 7.36
C LYS B 500 -6.86 56.10 8.61
N GLU B 501 -7.42 55.77 9.77
CA GLU B 501 -6.68 55.86 11.02
C GLU B 501 -6.15 54.51 11.48
N THR B 502 -6.90 53.43 11.23
CA THR B 502 -6.53 52.11 11.74
C THR B 502 -5.60 51.36 10.77
N VAL B 503 -5.99 51.25 9.51
CA VAL B 503 -5.24 50.43 8.55
C VAL B 503 -4.33 51.25 7.65
N GLU B 504 -4.36 52.58 7.72
CA GLU B 504 -3.53 53.41 6.86
C GLU B 504 -2.35 54.05 7.59
N TYR B 505 -2.47 54.29 8.89
CA TYR B 505 -1.40 54.93 9.66
C TYR B 505 -0.18 54.05 9.95
N PRO B 506 -0.29 52.76 10.33
CA PRO B 506 0.95 51.99 10.50
C PRO B 506 1.64 51.61 9.20
N VAL B 507 0.88 51.48 8.10
CA VAL B 507 1.52 51.12 6.84
C VAL B 507 2.21 52.33 6.20
N LEU B 508 1.82 53.55 6.56
CA LEU B 508 2.48 54.74 6.05
C LEU B 508 3.57 55.27 6.98
N HIS B 509 3.39 55.17 8.29
CA HIS B 509 4.36 55.60 9.29
C HIS B 509 4.68 54.42 10.20
N PRO B 510 5.59 53.53 9.79
CA PRO B 510 5.91 52.37 10.64
C PRO B 510 6.79 52.73 11.82
N ASP B 511 7.57 53.81 11.68
CA ASP B 511 8.48 54.24 12.72
C ASP B 511 7.78 54.91 13.90
N GLN B 512 6.53 55.36 13.72
CA GLN B 512 5.82 56.00 14.81
C GLN B 512 5.38 55.00 15.88
N TYR B 513 4.96 53.81 15.46
CA TYR B 513 4.57 52.79 16.43
C TYR B 513 5.77 52.14 17.12
N THR B 514 6.95 52.22 16.52
CA THR B 514 8.15 51.70 17.17
C THR B 514 8.66 52.63 18.26
N LYS B 515 8.51 53.93 18.09
CA LYS B 515 8.92 54.89 19.11
C LYS B 515 7.93 55.01 20.25
N PHE B 516 6.71 54.49 20.08
CA PHE B 516 5.73 54.48 21.15
C PHE B 516 5.61 53.13 21.83
N GLY B 517 5.87 52.04 21.11
CA GLY B 517 5.93 50.73 21.72
C GLY B 517 4.60 50.07 21.99
N LEU B 518 3.63 50.20 21.08
CA LEU B 518 2.37 49.50 21.21
C LEU B 518 2.03 48.85 19.87
N SER B 519 1.20 47.81 19.94
CA SER B 519 0.74 47.12 18.74
C SER B 519 -0.32 47.95 18.04
N PRO B 520 -0.30 48.02 16.72
CA PRO B 520 -1.28 48.82 15.98
C PRO B 520 -2.63 48.11 15.90
N SER B 521 -3.55 48.73 15.18
CA SER B 521 -4.88 48.17 15.01
C SER B 521 -4.85 47.01 14.03
N LYS B 522 -5.57 45.94 14.37
CA LYS B 522 -5.52 44.70 13.59
C LYS B 522 -6.63 44.64 12.54
N GLY B 523 -7.88 44.69 12.98
CA GLY B 523 -8.97 44.56 12.04
C GLY B 523 -10.25 45.12 12.60
N VAL B 524 -11.25 45.22 11.73
CA VAL B 524 -12.54 45.79 12.10
C VAL B 524 -13.66 44.81 11.79
N LEU B 525 -14.90 45.19 12.11
CA LEU B 525 -16.07 44.36 11.87
C LEU B 525 -17.26 45.25 11.61
N PHE B 526 -17.98 44.99 10.52
CA PHE B 526 -19.15 45.77 10.14
C PHE B 526 -20.41 44.92 10.26
N TYR B 527 -21.48 45.53 10.75
CA TYR B 527 -22.74 44.82 10.91
C TYR B 527 -23.90 45.82 10.75
N GLY B 528 -25.04 45.29 10.32
CA GLY B 528 -26.22 46.09 10.10
C GLY B 528 -27.13 45.48 9.06
N PRO B 529 -27.95 46.32 8.42
CA PRO B 529 -28.85 45.82 7.37
C PRO B 529 -28.07 45.48 6.12
N PRO B 530 -28.59 44.57 5.28
CA PRO B 530 -27.90 44.28 4.02
C PRO B 530 -28.27 45.28 2.93
N GLY B 531 -27.33 45.46 2.00
CA GLY B 531 -27.56 46.32 0.87
C GLY B 531 -27.13 47.77 1.03
N THR B 532 -26.69 48.18 2.22
CA THR B 532 -26.27 49.57 2.46
C THR B 532 -24.76 49.74 2.26
N GLY B 533 -24.28 49.20 1.15
CA GLY B 533 -22.89 49.42 0.76
C GLY B 533 -21.85 48.60 1.50
N LYS B 534 -21.88 47.28 1.36
CA LYS B 534 -20.88 46.44 2.02
C LYS B 534 -19.70 46.09 1.13
N THR B 535 -19.94 45.85 -0.16
CA THR B 535 -18.88 45.47 -1.09
C THR B 535 -18.13 46.66 -1.67
N LEU B 536 -18.61 47.89 -1.43
CA LEU B 536 -17.94 49.08 -1.93
C LEU B 536 -16.92 49.63 -0.95
N LEU B 537 -17.19 49.54 0.36
CA LEU B 537 -16.21 49.95 1.35
C LEU B 537 -15.07 48.95 1.45
N ALA B 538 -15.33 47.68 1.10
CA ALA B 538 -14.28 46.68 1.10
C ALA B 538 -13.35 46.82 -0.09
N LYS B 539 -13.82 47.45 -1.17
CA LYS B 539 -12.96 47.68 -2.33
C LYS B 539 -12.29 49.04 -2.27
N ALA B 540 -12.90 50.01 -1.60
CA ALA B 540 -12.32 51.34 -1.51
C ALA B 540 -11.10 51.39 -0.59
N VAL B 541 -11.03 50.48 0.39
CA VAL B 541 -9.87 50.44 1.29
C VAL B 541 -8.65 49.85 0.59
N ALA B 542 -8.84 48.92 -0.35
CA ALA B 542 -7.72 48.23 -0.98
C ALA B 542 -7.11 49.03 -2.14
N THR B 543 -7.93 49.80 -2.86
CA THR B 543 -7.40 50.59 -3.97
C THR B 543 -6.60 51.79 -3.49
N GLU B 544 -6.95 52.37 -2.34
CA GLU B 544 -6.22 53.53 -1.84
C GLU B 544 -4.93 53.16 -1.13
N VAL B 545 -4.75 51.90 -0.77
CA VAL B 545 -3.53 51.44 -0.12
C VAL B 545 -2.72 50.70 -1.18
N SER B 546 -1.40 50.61 -0.95
CA SER B 546 -0.51 49.88 -1.85
C SER B 546 -0.47 48.38 -1.57
N ALA B 547 -1.43 47.85 -0.83
CA ALA B 547 -1.47 46.43 -0.53
C ALA B 547 -2.53 45.73 -1.39
N ASN B 548 -2.31 44.44 -1.61
CA ASN B 548 -3.22 43.65 -2.43
C ASN B 548 -4.43 43.18 -1.60
N PHE B 549 -5.42 42.65 -2.30
CA PHE B 549 -6.72 42.34 -1.73
C PHE B 549 -7.01 40.85 -1.90
N ILE B 550 -7.29 40.17 -0.79
CA ILE B 550 -7.67 38.77 -0.80
C ILE B 550 -9.15 38.70 -0.45
N SER B 551 -9.94 38.14 -1.36
CA SER B 551 -11.39 38.12 -1.21
C SER B 551 -11.87 36.72 -0.90
N VAL B 552 -12.79 36.61 0.06
CA VAL B 552 -13.46 35.37 0.42
C VAL B 552 -14.96 35.58 0.19
N LYS B 553 -15.58 34.61 -0.47
CA LYS B 553 -16.97 34.73 -0.91
C LYS B 553 -17.93 34.05 0.06
N GLY B 554 -17.63 34.12 1.36
CA GLY B 554 -18.50 33.59 2.37
C GLY B 554 -18.40 32.09 2.50
N PRO B 555 -19.52 31.37 2.35
CA PRO B 555 -19.52 29.91 2.47
C PRO B 555 -19.20 29.21 1.16
N GLU B 556 -18.09 29.60 0.53
CA GLU B 556 -17.62 28.96 -0.68
C GLU B 556 -16.38 28.12 -0.48
N LEU B 557 -15.59 28.40 0.55
CA LEU B 557 -14.45 27.56 0.94
C LEU B 557 -14.84 26.52 1.96
N LEU B 558 -16.09 26.52 2.43
CA LEU B 558 -16.58 25.57 3.41
C LEU B 558 -16.78 24.22 2.73
N SER B 559 -15.76 23.38 2.81
CA SER B 559 -15.82 22.06 2.18
C SER B 559 -16.63 21.10 3.06
N MET B 560 -17.08 20.01 2.44
CA MET B 560 -17.87 18.99 3.12
C MET B 560 -17.04 17.78 3.52
N TRP B 561 -15.72 17.87 3.50
CA TRP B 561 -14.89 16.76 3.93
C TRP B 561 -14.47 16.93 5.39
N TYR B 562 -13.61 16.02 5.84
CA TYR B 562 -13.25 16.00 7.25
C TYR B 562 -12.17 17.03 7.57
N GLY B 563 -11.09 17.03 6.80
CA GLY B 563 -9.95 17.85 7.15
C GLY B 563 -9.56 18.90 6.12
N GLU B 564 -10.45 19.14 5.16
CA GLU B 564 -10.17 20.15 4.15
C GLU B 564 -10.89 21.45 4.47
N SER B 565 -11.94 21.39 5.27
CA SER B 565 -12.63 22.59 5.71
C SER B 565 -11.78 23.41 6.68
N GLU B 566 -11.01 22.76 7.55
CA GLU B 566 -10.12 23.49 8.45
C GLU B 566 -8.83 23.90 7.74
N SER B 567 -8.42 23.13 6.73
CA SER B 567 -7.24 23.46 5.95
C SER B 567 -7.47 24.60 4.97
N ASN B 568 -8.73 24.95 4.69
CA ASN B 568 -9.04 26.08 3.84
C ASN B 568 -8.84 27.42 4.54
N ILE B 569 -8.71 27.43 5.86
CA ILE B 569 -8.40 28.66 6.57
C ILE B 569 -6.89 28.85 6.72
N ARG B 570 -6.13 27.75 6.81
CA ARG B 570 -4.70 27.86 7.05
C ARG B 570 -3.94 28.27 5.80
N ASP B 571 -4.41 27.84 4.62
CA ASP B 571 -3.68 28.11 3.38
C ASP B 571 -3.91 29.52 2.86
N ILE B 572 -4.82 30.29 3.45
CA ILE B 572 -5.03 31.67 3.04
C ILE B 572 -4.22 32.63 3.92
N PHE B 573 -4.15 32.35 5.22
CA PHE B 573 -3.51 33.28 6.15
C PHE B 573 -1.99 33.25 6.03
N ASP B 574 -1.40 32.09 5.72
CA ASP B 574 0.05 32.02 5.58
C ASP B 574 0.51 32.67 4.27
N LYS B 575 -0.32 32.61 3.23
CA LYS B 575 -0.06 33.38 2.02
C LYS B 575 -0.17 34.87 2.28
N ALA B 576 -1.10 35.28 3.15
CA ALA B 576 -1.22 36.68 3.53
C ALA B 576 -0.06 37.11 4.43
N ARG B 577 0.46 36.19 5.25
CA ARG B 577 1.60 36.53 6.10
C ARG B 577 2.89 36.64 5.29
N ALA B 578 2.98 35.90 4.18
CA ALA B 578 4.15 36.02 3.30
C ALA B 578 4.10 37.27 2.44
N ALA B 579 2.91 37.80 2.16
CA ALA B 579 2.73 39.01 1.35
C ALA B 579 2.40 40.22 2.20
N ALA B 580 2.99 40.33 3.39
CA ALA B 580 2.71 41.46 4.27
C ALA B 580 3.35 42.73 3.71
N PRO B 581 2.61 43.86 3.68
CA PRO B 581 1.24 44.02 4.20
C PRO B 581 0.14 43.69 3.21
N THR B 582 -1.02 43.30 3.71
CA THR B 582 -2.15 42.94 2.87
C THR B 582 -3.43 43.12 3.67
N VAL B 583 -4.56 43.04 2.97
CA VAL B 583 -5.87 43.03 3.61
C VAL B 583 -6.62 41.80 3.15
N VAL B 584 -7.51 41.29 4.01
CA VAL B 584 -8.36 40.16 3.68
C VAL B 584 -9.78 40.50 4.14
N PHE B 585 -10.77 39.93 3.46
CA PHE B 585 -12.16 40.29 3.69
C PHE B 585 -12.96 39.02 3.97
N LEU B 586 -13.69 39.01 5.09
CA LEU B 586 -14.58 37.90 5.47
C LEU B 586 -15.98 38.46 5.62
N ASP B 587 -16.95 37.80 4.99
CA ASP B 587 -18.33 38.25 5.00
C ASP B 587 -19.28 37.07 5.19
N GLU B 588 -20.53 37.41 5.51
CA GLU B 588 -21.62 36.50 5.94
C GLU B 588 -21.14 35.39 6.88
N LEU B 589 -20.63 35.83 8.03
CA LEU B 589 -20.15 34.93 9.07
C LEU B 589 -21.27 34.39 9.97
N ASP B 590 -22.52 34.75 9.70
CA ASP B 590 -23.62 34.25 10.53
C ASP B 590 -23.94 32.79 10.25
N SER B 591 -23.70 32.33 9.03
CA SER B 591 -24.02 30.97 8.64
C SER B 591 -22.89 29.97 8.93
N ILE B 592 -21.81 30.42 9.56
CA ILE B 592 -20.64 29.57 9.80
C ILE B 592 -20.47 29.26 11.28
N ALA B 593 -20.63 30.26 12.14
CA ALA B 593 -20.22 30.12 13.53
C ALA B 593 -21.28 29.46 14.42
N LYS B 594 -22.43 30.16 14.61
CA LYS B 594 -23.56 29.95 15.53
C LYS B 594 -23.14 30.30 16.98
N ALA B 595 -21.83 30.50 17.17
CA ALA B 595 -21.14 31.33 18.15
C ALA B 595 -21.08 30.81 19.58
N ARG B 596 -21.97 29.91 19.99
CA ARG B 596 -21.70 29.06 21.14
C ARG B 596 -22.42 27.73 21.07
N GLY B 597 -23.19 27.45 20.02
CA GLY B 597 -24.20 26.42 20.10
C GLY B 597 -23.74 24.98 20.05
N GLY B 598 -23.78 24.32 21.22
CA GLY B 598 -23.91 22.88 21.41
C GLY B 598 -23.23 21.91 20.45
N SER B 599 -23.97 20.87 20.09
CA SER B 599 -23.58 19.92 19.06
C SER B 599 -24.58 19.96 17.90
N LEU B 600 -25.26 21.09 17.72
CA LEU B 600 -26.30 21.26 16.71
C LEU B 600 -25.94 22.38 15.75
N GLY B 601 -26.78 22.56 14.74
CA GLY B 601 -26.58 23.62 13.77
C GLY B 601 -27.82 23.79 12.92
N ASP B 602 -27.75 24.75 12.00
CA ASP B 602 -28.88 25.01 11.11
C ASP B 602 -29.00 23.95 10.02
N ALA B 603 -27.89 23.41 9.55
CA ALA B 603 -27.93 22.34 8.55
C ALA B 603 -27.90 20.96 9.18
N GLY B 604 -27.07 20.74 10.18
CA GLY B 604 -26.99 19.45 10.84
C GLY B 604 -25.57 18.94 11.02
N GLY B 605 -24.62 19.61 10.38
CA GLY B 605 -23.23 19.18 10.44
C GLY B 605 -22.56 19.48 11.77
N ALA B 606 -22.71 20.73 12.22
CA ALA B 606 -22.17 21.24 13.49
C ALA B 606 -20.65 21.06 13.56
N SER B 607 -19.96 21.67 12.60
CA SER B 607 -18.50 21.61 12.51
C SER B 607 -17.94 22.80 13.28
N ASP B 608 -17.62 22.59 14.56
CA ASP B 608 -17.04 23.63 15.39
C ASP B 608 -15.53 23.75 15.23
N ARG B 609 -14.90 22.85 14.48
CA ARG B 609 -13.45 22.90 14.31
C ARG B 609 -13.03 23.95 13.30
N VAL B 610 -13.90 24.28 12.34
CA VAL B 610 -13.56 25.33 11.38
C VAL B 610 -13.69 26.70 12.02
N VAL B 611 -14.50 26.84 13.07
CA VAL B 611 -14.55 28.08 13.82
C VAL B 611 -13.31 28.25 14.70
N ASN B 612 -12.91 27.19 15.40
CA ASN B 612 -11.73 27.25 16.25
C ASN B 612 -10.43 27.35 15.48
N GLN B 613 -10.42 26.89 14.21
CA GLN B 613 -9.24 27.06 13.39
C GLN B 613 -9.06 28.53 12.98
N LEU B 614 -10.14 29.18 12.57
CA LEU B 614 -10.07 30.60 12.26
C LEU B 614 -9.93 31.45 13.51
N LEU B 615 -10.34 30.93 14.66
CA LEU B 615 -10.20 31.67 15.91
C LEU B 615 -8.74 31.79 16.33
N THR B 616 -7.94 30.76 16.07
CA THR B 616 -6.52 30.79 16.43
C THR B 616 -5.64 31.26 15.28
N GLU B 617 -6.21 31.61 14.13
CA GLU B 617 -5.41 32.15 13.03
C GLU B 617 -5.27 33.66 13.07
N MET B 618 -5.98 34.34 13.98
CA MET B 618 -5.84 35.79 14.08
C MET B 618 -4.50 36.16 14.69
N ASP B 619 -4.24 35.68 15.91
CA ASP B 619 -2.94 35.88 16.55
C ASP B 619 -2.18 34.57 16.71
N GLY B 620 -2.75 33.58 17.42
CA GLY B 620 -2.10 32.28 17.58
C GLY B 620 -0.80 32.38 18.34
N MET B 621 0.24 31.72 17.82
CA MET B 621 1.61 31.91 18.24
C MET B 621 2.43 32.13 16.97
N ASN B 622 2.49 33.38 16.52
CA ASN B 622 3.19 33.74 15.31
C ASN B 622 3.79 35.13 15.48
N ALA B 623 4.40 35.63 14.41
CA ALA B 623 4.92 36.98 14.41
C ALA B 623 3.81 37.99 14.12
N LYS B 624 3.93 39.17 14.72
CA LYS B 624 2.94 40.23 14.55
C LYS B 624 3.13 40.85 13.18
N LYS B 625 2.43 40.32 12.19
CA LYS B 625 2.51 40.79 10.82
C LYS B 625 1.57 41.99 10.61
N ASN B 626 1.44 42.41 9.36
CA ASN B 626 0.61 43.55 9.00
C ASN B 626 -0.63 43.14 8.22
N VAL B 627 -1.13 41.93 8.43
CA VAL B 627 -2.34 41.47 7.77
C VAL B 627 -3.55 42.06 8.47
N PHE B 628 -4.44 42.68 7.70
CA PHE B 628 -5.67 43.28 8.21
C PHE B 628 -6.85 42.40 7.83
N VAL B 629 -7.67 42.06 8.81
CA VAL B 629 -8.84 41.20 8.60
C VAL B 629 -10.07 42.07 8.74
N ILE B 630 -10.73 42.34 7.62
CA ILE B 630 -11.95 43.14 7.59
C ILE B 630 -13.14 42.20 7.58
N GLY B 631 -13.96 42.26 8.63
CA GLY B 631 -15.10 41.39 8.76
C GLY B 631 -16.40 42.03 8.33
N ALA B 632 -17.41 41.18 8.11
CA ALA B 632 -18.74 41.64 7.73
C ALA B 632 -19.74 40.57 8.13
N THR B 633 -20.85 41.00 8.72
CA THR B 633 -21.93 40.09 9.08
C THR B 633 -23.26 40.83 8.98
N ASN B 634 -24.34 40.09 9.18
CA ASN B 634 -25.69 40.63 9.00
C ASN B 634 -26.42 40.87 10.32
N ARG B 635 -26.54 39.84 11.17
CA ARG B 635 -27.30 39.95 12.39
C ARG B 635 -26.40 39.68 13.59
N PRO B 636 -26.50 40.50 14.66
CA PRO B 636 -25.62 40.29 15.82
C PRO B 636 -26.13 39.27 16.83
N ASP B 637 -27.09 38.42 16.42
CA ASP B 637 -27.56 37.38 17.33
C ASP B 637 -26.49 36.30 17.52
N GLN B 638 -25.79 35.94 16.44
CA GLN B 638 -24.62 35.07 16.51
C GLN B 638 -23.40 35.99 16.48
N ILE B 639 -23.09 36.58 17.65
CA ILE B 639 -22.11 37.64 17.74
C ILE B 639 -20.69 37.12 17.97
N ASP B 640 -20.53 35.90 18.53
CA ASP B 640 -19.26 35.24 18.84
C ASP B 640 -18.35 36.11 19.71
N PRO B 641 -18.62 36.19 21.02
CA PRO B 641 -17.77 37.03 21.90
C PRO B 641 -16.34 36.55 22.05
N ALA B 642 -16.00 35.33 21.59
CA ALA B 642 -14.60 34.92 21.52
C ALA B 642 -13.88 35.53 20.32
N ILE B 643 -14.62 36.11 19.38
CA ILE B 643 -14.01 36.74 18.20
C ILE B 643 -14.23 38.24 18.16
N LEU B 644 -15.10 38.79 19.01
CA LEU B 644 -15.28 40.23 19.15
C LEU B 644 -13.98 40.91 19.56
N ARG B 645 -13.55 40.66 20.81
CA ARG B 645 -12.19 40.76 21.34
C ARG B 645 -11.44 42.02 20.92
N PRO B 646 -11.64 43.18 21.61
CA PRO B 646 -11.00 44.45 21.21
C PRO B 646 -9.49 44.45 20.96
N GLY B 647 -8.77 43.42 21.45
CA GLY B 647 -7.40 43.23 21.00
C GLY B 647 -7.31 42.63 19.62
N ARG B 648 -8.26 41.78 19.24
CA ARG B 648 -8.31 41.18 17.90
C ARG B 648 -9.02 42.09 16.91
N LEU B 649 -10.30 42.39 17.16
CA LEU B 649 -11.08 43.31 16.35
C LEU B 649 -11.49 44.48 17.21
N ASP B 650 -10.94 45.66 16.93
CA ASP B 650 -11.04 46.77 17.86
C ASP B 650 -12.37 47.51 17.77
N GLN B 651 -12.95 47.59 16.58
CA GLN B 651 -14.11 48.44 16.32
C GLN B 651 -15.33 47.59 15.99
N LEU B 652 -16.34 47.65 16.84
CA LEU B 652 -17.64 47.04 16.57
C LEU B 652 -18.61 48.10 16.06
N ILE B 653 -18.29 48.65 14.90
CA ILE B 653 -19.03 49.77 14.34
C ILE B 653 -20.29 49.28 13.65
N TYR B 654 -21.42 49.94 13.93
CA TYR B 654 -22.69 49.64 13.29
C TYR B 654 -22.93 50.68 12.19
N VAL B 655 -23.06 50.21 10.95
CA VAL B 655 -23.29 51.11 9.82
C VAL B 655 -24.78 51.45 9.75
N PRO B 656 -25.14 52.73 9.72
CA PRO B 656 -26.56 53.11 9.69
C PRO B 656 -27.11 53.20 8.28
N LEU B 657 -28.39 53.56 8.16
CA LEU B 657 -29.00 53.76 6.86
C LEU B 657 -28.59 55.11 6.28
N PRO B 658 -28.42 55.20 4.96
CA PRO B 658 -28.08 56.49 4.35
C PRO B 658 -29.28 57.45 4.39
N ASP B 659 -29.05 58.63 4.95
CA ASP B 659 -30.09 59.64 5.10
C ASP B 659 -30.11 60.56 3.88
N GLU B 660 -30.85 61.68 3.98
CA GLU B 660 -30.94 62.61 2.86
C GLU B 660 -29.62 63.36 2.65
N ASN B 661 -28.84 63.57 3.71
CA ASN B 661 -27.53 64.18 3.56
C ASN B 661 -26.53 63.23 2.92
N ALA B 662 -26.74 61.93 3.07
CA ALA B 662 -25.88 60.94 2.41
C ALA B 662 -26.37 60.59 1.02
N ARG B 663 -27.65 60.82 0.72
CA ARG B 663 -28.20 60.50 -0.59
C ARG B 663 -27.80 61.51 -1.66
N LEU B 664 -27.35 62.70 -1.26
CA LEU B 664 -26.92 63.69 -2.24
C LEU B 664 -25.48 63.45 -2.69
N SER B 665 -24.72 62.69 -1.91
CA SER B 665 -23.35 62.33 -2.27
C SER B 665 -23.26 60.98 -2.96
N ILE B 666 -24.39 60.30 -3.19
CA ILE B 666 -24.39 59.00 -3.83
C ILE B 666 -24.72 59.07 -5.32
N LEU B 667 -25.25 60.19 -5.80
CA LEU B 667 -25.58 60.36 -7.21
C LEU B 667 -24.38 60.81 -8.04
N ASN B 668 -23.61 61.77 -7.52
CA ASN B 668 -22.44 62.28 -8.23
C ASN B 668 -21.28 61.30 -8.25
N ALA B 669 -21.19 60.43 -7.25
CA ALA B 669 -20.11 59.44 -7.20
C ALA B 669 -20.30 58.31 -8.19
N GLN B 670 -21.53 58.04 -8.62
CA GLN B 670 -21.81 56.98 -9.57
C GLN B 670 -21.73 57.49 -11.01
N ASN C 209 11.98 -49.07 -22.61
CA ASN C 209 12.03 -47.71 -22.10
C ASN C 209 11.01 -46.82 -22.79
N GLU C 210 10.28 -47.40 -23.74
CA GLU C 210 9.24 -46.66 -24.46
C GLU C 210 7.98 -46.61 -23.62
N VAL C 211 7.18 -45.58 -23.85
CA VAL C 211 5.95 -45.39 -23.08
C VAL C 211 4.72 -45.90 -23.82
N GLY C 212 4.73 -45.84 -25.15
CA GLY C 212 3.59 -46.31 -25.93
C GLY C 212 2.36 -45.42 -25.77
N TYR C 213 1.21 -46.05 -26.00
CA TYR C 213 -0.08 -45.41 -25.80
C TYR C 213 -0.82 -45.94 -24.58
N ASP C 214 -0.36 -47.04 -23.99
CA ASP C 214 -1.02 -47.58 -22.81
C ASP C 214 -0.69 -46.78 -21.56
N ASP C 215 0.44 -46.07 -21.57
CA ASP C 215 0.83 -45.25 -20.43
C ASP C 215 -0.01 -43.99 -20.28
N ILE C 216 -0.68 -43.55 -21.35
CA ILE C 216 -1.54 -42.37 -21.29
C ILE C 216 -2.94 -42.84 -20.93
N GLY C 217 -3.29 -42.76 -19.65
CA GLY C 217 -4.59 -43.22 -19.18
C GLY C 217 -5.63 -42.12 -19.12
N GLY C 218 -6.86 -42.46 -19.48
CA GLY C 218 -7.91 -41.47 -19.47
C GLY C 218 -7.88 -40.62 -20.74
N CYS C 219 -8.76 -39.60 -20.74
CA CYS C 219 -8.92 -38.59 -21.81
C CYS C 219 -9.06 -39.22 -23.19
N ARG C 220 -9.96 -40.20 -23.30
CA ARG C 220 -10.15 -40.92 -24.56
C ARG C 220 -10.86 -40.06 -25.60
N LYS C 221 -11.55 -39.01 -25.17
CA LYS C 221 -12.16 -38.07 -26.11
C LYS C 221 -11.11 -37.19 -26.78
N GLN C 222 -9.92 -37.10 -26.19
CA GLN C 222 -8.85 -36.26 -26.72
C GLN C 222 -7.79 -37.06 -27.46
N MET C 223 -7.68 -38.36 -27.18
CA MET C 223 -6.61 -39.17 -27.76
C MET C 223 -6.83 -39.41 -29.24
N ALA C 224 -8.08 -39.39 -29.69
CA ALA C 224 -8.37 -39.59 -31.11
C ALA C 224 -8.04 -38.34 -31.93
N GLN C 225 -7.92 -37.19 -31.26
CA GLN C 225 -7.65 -35.94 -31.98
C GLN C 225 -6.18 -35.82 -32.36
N ILE C 226 -5.27 -36.22 -31.48
CA ILE C 226 -3.84 -36.06 -31.71
C ILE C 226 -3.25 -37.24 -32.47
N ARG C 227 -3.99 -38.34 -32.59
CA ARG C 227 -3.48 -39.51 -33.30
C ARG C 227 -3.77 -39.43 -34.79
N GLU C 228 -4.90 -38.80 -35.15
CA GLU C 228 -5.30 -38.71 -36.54
C GLU C 228 -4.52 -37.62 -37.28
N MET C 229 -3.85 -36.74 -36.54
CA MET C 229 -3.07 -35.67 -37.15
C MET C 229 -1.60 -36.00 -37.31
N VAL C 230 -1.10 -37.05 -36.66
CA VAL C 230 0.30 -37.43 -36.74
C VAL C 230 0.47 -38.78 -37.44
N GLU C 231 -0.28 -39.80 -37.03
CA GLU C 231 -0.10 -41.14 -37.57
C GLU C 231 -0.71 -41.26 -38.97
N LEU C 232 -1.94 -40.77 -39.15
CA LEU C 232 -2.67 -40.88 -40.41
C LEU C 232 -2.03 -40.13 -41.59
N PRO C 233 -1.38 -38.96 -41.42
CA PRO C 233 -0.53 -38.48 -42.53
C PRO C 233 0.72 -39.31 -42.75
N LEU C 234 1.23 -40.00 -41.72
CA LEU C 234 2.45 -40.78 -41.86
C LEU C 234 2.19 -42.20 -42.33
N ARG C 235 1.11 -42.83 -41.84
CA ARG C 235 0.82 -44.21 -42.21
C ARG C 235 0.26 -44.30 -43.63
N HIS C 236 -0.71 -43.44 -43.97
CA HIS C 236 -1.32 -43.40 -45.30
C HIS C 236 -1.13 -42.02 -45.88
N PRO C 237 0.02 -41.74 -46.53
CA PRO C 237 0.20 -40.43 -47.16
C PRO C 237 -0.62 -40.26 -48.43
N GLN C 238 -1.01 -41.36 -49.09
CA GLN C 238 -1.84 -41.28 -50.27
C GLN C 238 -3.31 -41.07 -49.95
N LEU C 239 -3.70 -41.22 -48.68
CA LEU C 239 -5.09 -40.98 -48.30
C LEU C 239 -5.43 -39.50 -48.33
N PHE C 240 -4.45 -38.63 -48.06
CA PHE C 240 -4.67 -37.19 -48.14
C PHE C 240 -4.60 -36.65 -49.56
N LYS C 241 -4.27 -37.49 -50.54
CA LYS C 241 -4.24 -37.05 -51.93
C LYS C 241 -5.66 -37.04 -52.50
N ALA C 242 -5.85 -36.15 -53.49
CA ALA C 242 -7.09 -35.98 -54.27
C ALA C 242 -8.30 -35.61 -53.42
N ILE C 243 -8.09 -35.07 -52.21
CA ILE C 243 -9.18 -34.58 -51.38
C ILE C 243 -8.83 -33.17 -50.92
N GLY C 244 -7.89 -32.53 -51.62
CA GLY C 244 -7.47 -31.19 -51.29
C GLY C 244 -6.21 -31.17 -50.45
N ILE C 245 -5.96 -30.00 -49.86
CA ILE C 245 -4.79 -29.80 -49.03
C ILE C 245 -5.00 -30.49 -47.68
N LYS C 246 -3.89 -30.99 -47.11
CA LYS C 246 -3.93 -31.65 -45.81
C LYS C 246 -4.16 -30.62 -44.70
N PRO C 247 -5.19 -30.79 -43.88
CA PRO C 247 -5.52 -29.79 -42.83
C PRO C 247 -4.46 -29.67 -41.73
N PRO C 248 -4.08 -30.72 -41.00
CA PRO C 248 -3.50 -30.46 -39.66
C PRO C 248 -2.02 -30.11 -39.73
N ARG C 249 -1.70 -28.85 -39.41
CA ARG C 249 -0.34 -28.36 -39.45
C ARG C 249 0.23 -28.00 -38.08
N GLY C 250 -0.58 -27.93 -37.04
CA GLY C 250 -0.11 -27.51 -35.74
C GLY C 250 -1.16 -27.69 -34.67
N VAL C 251 -0.70 -27.85 -33.43
CA VAL C 251 -1.58 -28.06 -32.29
C VAL C 251 -0.94 -27.44 -31.06
N LEU C 252 -1.76 -26.80 -30.22
CA LEU C 252 -1.31 -26.21 -28.96
C LEU C 252 -1.95 -26.97 -27.82
N MET C 253 -1.13 -27.60 -26.99
CA MET C 253 -1.60 -28.36 -25.84
C MET C 253 -1.53 -27.45 -24.62
N TYR C 254 -2.64 -26.80 -24.29
CA TYR C 254 -2.72 -25.86 -23.19
C TYR C 254 -3.58 -26.44 -22.06
N GLY C 255 -3.77 -25.64 -21.02
CA GLY C 255 -4.53 -26.04 -19.87
C GLY C 255 -3.68 -26.07 -18.62
N PRO C 256 -4.07 -26.92 -17.65
CA PRO C 256 -3.28 -27.04 -16.44
C PRO C 256 -1.99 -27.79 -16.70
N PRO C 257 -0.93 -27.54 -15.92
CA PRO C 257 0.38 -28.12 -16.24
C PRO C 257 0.49 -29.61 -15.97
N GLY C 258 -0.03 -30.13 -14.86
CA GLY C 258 0.17 -31.52 -14.51
C GLY C 258 -0.89 -32.48 -14.99
N THR C 259 -1.23 -32.40 -16.28
CA THR C 259 -2.26 -33.27 -16.85
C THR C 259 -1.71 -34.36 -17.75
N GLY C 260 -0.40 -34.50 -17.84
CA GLY C 260 0.16 -35.51 -18.73
C GLY C 260 0.45 -34.95 -20.11
N LYS C 261 1.20 -33.84 -20.19
CA LYS C 261 1.37 -33.16 -21.46
C LYS C 261 2.77 -33.26 -22.04
N THR C 262 3.74 -33.75 -21.29
CA THR C 262 5.08 -34.02 -21.81
C THR C 262 5.23 -35.47 -22.26
N LEU C 263 4.50 -36.39 -21.63
CA LEU C 263 4.52 -37.79 -22.05
C LEU C 263 3.79 -38.01 -23.37
N MET C 264 2.95 -37.05 -23.81
CA MET C 264 2.37 -37.13 -25.13
C MET C 264 3.43 -36.95 -26.22
N ALA C 265 4.47 -36.17 -25.94
CA ALA C 265 5.60 -36.07 -26.85
C ALA C 265 6.48 -37.31 -26.80
N ARG C 266 6.53 -37.99 -25.66
CA ARG C 266 7.24 -39.26 -25.58
C ARG C 266 6.47 -40.36 -26.28
N ALA C 267 5.14 -40.24 -26.33
CA ALA C 267 4.31 -41.28 -26.94
C ALA C 267 4.44 -41.26 -28.46
N VAL C 268 4.52 -40.07 -29.04
CA VAL C 268 4.68 -39.94 -30.49
C VAL C 268 6.12 -40.11 -30.93
N ALA C 269 7.06 -40.19 -30.00
CA ALA C 269 8.47 -40.36 -30.36
C ALA C 269 8.92 -41.82 -30.34
N ASN C 270 8.08 -42.75 -29.89
CA ASN C 270 8.44 -44.15 -29.80
C ASN C 270 7.49 -45.10 -30.48
N GLU C 271 6.21 -44.77 -30.62
CA GLU C 271 5.27 -45.68 -31.27
C GLU C 271 5.48 -45.72 -32.77
N THR C 272 5.68 -44.58 -33.40
CA THR C 272 5.92 -44.51 -34.84
C THR C 272 7.42 -44.42 -35.11
N GLY C 273 7.82 -44.94 -36.26
CA GLY C 273 9.23 -44.95 -36.64
C GLY C 273 9.63 -43.72 -37.41
N ALA C 274 10.20 -42.73 -36.72
CA ALA C 274 10.63 -41.50 -37.34
C ALA C 274 11.77 -40.92 -36.50
N PHE C 275 12.33 -39.80 -36.95
CA PHE C 275 13.39 -39.11 -36.25
C PHE C 275 12.80 -38.10 -35.30
N PHE C 276 13.31 -38.05 -34.07
CA PHE C 276 12.80 -37.16 -33.04
C PHE C 276 13.89 -36.18 -32.64
N PHE C 277 13.76 -34.93 -33.10
CA PHE C 277 14.62 -33.85 -32.67
C PHE C 277 13.83 -33.01 -31.66
N LEU C 278 14.43 -32.79 -30.49
CA LEU C 278 13.72 -32.17 -29.38
C LEU C 278 14.23 -30.73 -29.20
N ILE C 279 13.29 -29.82 -29.01
CA ILE C 279 13.59 -28.43 -28.70
C ILE C 279 13.00 -28.11 -27.34
N ASN C 280 13.85 -27.67 -26.42
CA ASN C 280 13.44 -27.31 -25.06
C ASN C 280 12.86 -25.89 -25.07
N GLY C 281 12.80 -25.26 -23.90
CA GLY C 281 12.33 -23.90 -23.80
C GLY C 281 13.38 -22.92 -24.27
N PRO C 282 13.58 -21.83 -23.52
CA PRO C 282 14.64 -20.89 -23.90
C PRO C 282 16.00 -21.50 -23.65
N GLU C 283 16.60 -22.00 -24.73
CA GLU C 283 17.92 -22.62 -24.70
C GLU C 283 18.70 -22.14 -25.92
N VAL C 284 17.98 -21.58 -26.89
CA VAL C 284 18.56 -21.12 -28.14
C VAL C 284 19.19 -19.74 -28.01
N MET C 285 19.02 -19.09 -26.86
CA MET C 285 19.61 -17.78 -26.65
C MET C 285 21.12 -17.91 -26.39
N SER C 286 21.89 -17.06 -27.06
CA SER C 286 23.34 -17.07 -26.93
C SER C 286 23.86 -15.68 -27.23
N LYS C 287 25.12 -15.45 -26.85
CA LYS C 287 25.75 -14.15 -27.06
C LYS C 287 26.51 -14.14 -28.39
N MET C 288 25.78 -13.87 -29.48
CA MET C 288 26.40 -13.79 -30.80
C MET C 288 25.75 -12.68 -31.61
N ALA C 289 26.06 -12.62 -32.91
CA ALA C 289 25.48 -11.62 -33.81
C ALA C 289 24.23 -12.20 -34.46
N GLY C 290 23.24 -12.50 -33.62
CA GLY C 290 21.98 -13.03 -34.08
C GLY C 290 22.01 -14.53 -34.30
N GLU C 291 22.35 -15.28 -33.25
CA GLU C 291 22.38 -16.74 -33.36
C GLU C 291 21.01 -17.33 -33.04
N SER C 292 20.23 -16.66 -32.20
CA SER C 292 18.92 -17.14 -31.76
C SER C 292 17.93 -17.20 -32.91
N GLU C 293 18.05 -16.30 -33.88
CA GLU C 293 17.22 -16.37 -35.07
C GLU C 293 17.70 -17.42 -36.06
N SER C 294 18.93 -17.91 -35.91
CA SER C 294 19.48 -18.94 -36.78
C SER C 294 19.52 -20.31 -36.14
N ASN C 295 19.74 -20.41 -34.83
CA ASN C 295 19.73 -21.71 -34.15
C ASN C 295 18.31 -22.27 -34.08
N LEU C 296 17.31 -21.41 -33.91
CA LEU C 296 15.93 -21.84 -34.08
C LEU C 296 15.65 -22.19 -35.53
N ARG C 297 16.26 -21.47 -36.46
CA ARG C 297 16.15 -21.80 -37.88
C ARG C 297 16.91 -23.09 -38.21
N LYS C 298 17.99 -23.38 -37.47
CA LYS C 298 18.74 -24.61 -37.69
C LYS C 298 17.96 -25.84 -37.21
N ALA C 299 17.06 -25.66 -36.25
CA ALA C 299 16.23 -26.77 -35.79
C ALA C 299 15.20 -27.18 -36.83
N PHE C 300 14.77 -26.25 -37.66
CA PHE C 300 13.78 -26.56 -38.69
C PHE C 300 14.41 -27.01 -40.00
N GLU C 301 15.67 -26.65 -40.24
CA GLU C 301 16.36 -27.12 -41.45
C GLU C 301 16.94 -28.51 -41.28
N GLU C 302 17.15 -28.96 -40.04
CA GLU C 302 17.49 -30.36 -39.81
C GLU C 302 16.28 -31.26 -39.96
N ALA C 303 15.10 -30.73 -39.66
CA ALA C 303 13.86 -31.48 -39.89
C ALA C 303 13.52 -31.57 -41.38
N GLU C 304 13.93 -30.56 -42.15
CA GLU C 304 13.69 -30.59 -43.59
C GLU C 304 14.65 -31.55 -44.29
N LYS C 305 15.82 -31.80 -43.71
CA LYS C 305 16.77 -32.72 -44.31
C LYS C 305 16.37 -34.18 -44.09
N ASN C 306 15.85 -34.49 -42.91
CA ASN C 306 15.49 -35.87 -42.54
C ASN C 306 13.98 -36.09 -42.60
N ALA C 307 13.31 -35.50 -43.59
CA ALA C 307 11.87 -35.67 -43.73
C ALA C 307 11.56 -37.08 -44.25
N PRO C 308 10.57 -37.76 -43.64
CA PRO C 308 9.73 -37.30 -42.53
C PRO C 308 10.34 -37.53 -41.16
N ALA C 309 9.99 -36.66 -40.21
CA ALA C 309 10.46 -36.75 -38.84
C ALA C 309 9.39 -36.16 -37.93
N ILE C 310 9.71 -36.02 -36.65
CA ILE C 310 8.82 -35.39 -35.68
C ILE C 310 9.65 -34.46 -34.80
N ILE C 311 9.25 -33.19 -34.75
CA ILE C 311 9.90 -32.20 -33.92
C ILE C 311 8.99 -31.89 -32.74
N PHE C 312 9.59 -31.37 -31.66
CA PHE C 312 8.83 -31.03 -30.47
C PHE C 312 9.45 -29.79 -29.82
N ILE C 313 8.67 -28.72 -29.72
CA ILE C 313 9.11 -27.49 -29.09
C ILE C 313 8.37 -27.37 -27.76
N ASP C 314 9.08 -26.92 -26.73
CA ASP C 314 8.56 -26.92 -25.37
C ASP C 314 8.58 -25.52 -24.79
N GLU C 315 7.66 -25.29 -23.85
CA GLU C 315 7.57 -24.09 -23.01
C GLU C 315 7.41 -22.82 -23.85
N ILE C 316 6.25 -22.74 -24.51
CA ILE C 316 5.88 -21.54 -25.27
C ILE C 316 5.19 -20.61 -24.28
N ASP C 317 6.01 -19.91 -23.50
CA ASP C 317 5.53 -18.87 -22.61
C ASP C 317 6.45 -17.66 -22.72
N SER C 318 7.66 -17.91 -23.20
CA SER C 318 8.68 -16.87 -23.36
C SER C 318 9.22 -16.73 -24.77
N ILE C 319 9.20 -17.81 -25.56
CA ILE C 319 9.72 -17.73 -26.92
C ILE C 319 8.75 -16.96 -27.81
N ALA C 320 7.45 -17.18 -27.65
CA ALA C 320 6.42 -16.46 -28.41
C ALA C 320 5.45 -15.77 -27.47
N PRO C 321 5.84 -14.61 -26.92
CA PRO C 321 4.90 -13.84 -26.10
C PRO C 321 4.07 -12.87 -26.92
N LYS C 322 3.24 -12.08 -26.27
CA LYS C 322 2.55 -10.99 -26.95
C LYS C 322 3.55 -9.90 -27.31
N ARG C 323 3.37 -9.33 -28.51
CA ARG C 323 4.32 -8.35 -29.01
C ARG C 323 4.20 -7.00 -28.31
N ASP C 324 2.99 -6.65 -27.86
CA ASP C 324 2.78 -5.35 -27.24
C ASP C 324 3.25 -5.33 -25.80
N LYS C 325 3.15 -6.47 -25.11
CA LYS C 325 3.50 -6.52 -23.69
C LYS C 325 4.99 -6.71 -23.49
N THR C 326 5.66 -7.40 -24.42
CA THR C 326 7.07 -7.73 -24.25
C THR C 326 7.95 -6.49 -24.43
N ASN C 327 9.20 -6.62 -23.99
CA ASN C 327 10.20 -5.58 -24.17
C ASN C 327 11.55 -6.27 -24.34
N GLY C 328 12.40 -5.67 -25.16
CA GLY C 328 13.70 -6.20 -25.46
C GLY C 328 13.94 -6.17 -26.96
N GLU C 329 15.06 -6.76 -27.39
CA GLU C 329 15.40 -6.87 -28.81
C GLU C 329 15.65 -8.31 -29.21
N VAL C 330 15.98 -9.18 -28.25
CA VAL C 330 16.13 -10.60 -28.56
C VAL C 330 14.78 -11.31 -28.45
N GLU C 331 14.00 -10.95 -27.42
CA GLU C 331 12.71 -11.59 -27.19
C GLU C 331 11.64 -11.16 -28.19
N ARG C 332 11.80 -9.98 -28.81
CA ARG C 332 10.86 -9.51 -29.81
C ARG C 332 11.25 -9.91 -31.22
N ARG C 333 12.40 -10.56 -31.40
CA ARG C 333 12.80 -11.03 -32.73
C ARG C 333 12.66 -12.53 -32.88
N VAL C 334 12.66 -13.29 -31.78
CA VAL C 334 12.35 -14.70 -31.86
C VAL C 334 10.85 -14.91 -32.00
N VAL C 335 10.06 -13.91 -31.60
CA VAL C 335 8.62 -13.96 -31.86
C VAL C 335 8.35 -13.58 -33.31
N SER C 336 9.32 -12.94 -33.97
CA SER C 336 9.14 -12.57 -35.37
C SER C 336 9.73 -13.63 -36.29
N GLN C 337 10.78 -14.33 -35.83
CA GLN C 337 11.44 -15.32 -36.67
C GLN C 337 10.58 -16.56 -36.84
N LEU C 338 9.83 -16.93 -35.81
CA LEU C 338 9.00 -18.13 -35.88
C LEU C 338 7.76 -17.89 -36.73
N LEU C 339 7.39 -16.63 -36.94
CA LEU C 339 6.25 -16.33 -37.80
C LEU C 339 6.58 -16.53 -39.28
N THR C 340 7.83 -16.30 -39.66
CA THR C 340 8.17 -16.37 -41.09
C THR C 340 8.52 -17.79 -41.53
N LEU C 341 9.15 -18.56 -40.66
CA LEU C 341 9.62 -19.88 -41.07
C LEU C 341 8.51 -20.93 -40.95
N MET C 342 7.39 -20.57 -40.31
CA MET C 342 6.29 -21.52 -40.16
C MET C 342 5.44 -21.59 -41.42
N ASP C 343 4.92 -20.44 -41.87
CA ASP C 343 4.05 -20.44 -43.05
C ASP C 343 4.84 -20.61 -44.34
N GLY C 344 6.12 -20.23 -44.33
CA GLY C 344 6.94 -20.41 -45.51
C GLY C 344 7.30 -21.86 -45.76
N MET C 345 7.38 -22.65 -44.69
CA MET C 345 7.65 -24.08 -44.82
C MET C 345 6.38 -24.80 -45.29
N LYS C 346 6.44 -25.40 -46.48
CA LYS C 346 5.28 -26.02 -47.10
C LYS C 346 5.54 -27.46 -47.54
N ALA C 347 6.45 -28.16 -46.89
CA ALA C 347 6.81 -29.51 -47.32
C ALA C 347 5.75 -30.52 -46.92
N ARG C 348 5.47 -31.47 -47.83
CA ARG C 348 4.56 -32.57 -47.58
C ARG C 348 5.24 -33.64 -46.73
N SER C 349 4.42 -34.34 -45.92
CA SER C 349 4.85 -35.36 -44.97
C SER C 349 5.89 -34.82 -44.01
N ASN C 350 5.48 -33.82 -43.23
CA ASN C 350 6.40 -32.97 -42.50
C ASN C 350 6.33 -33.23 -41.01
N VAL C 351 7.06 -32.42 -40.24
CA VAL C 351 7.39 -32.66 -38.85
C VAL C 351 6.44 -31.93 -37.91
N VAL C 352 5.24 -31.60 -38.41
CA VAL C 352 4.34 -30.52 -37.97
C VAL C 352 4.22 -30.37 -36.46
N VAL C 353 4.37 -29.14 -35.97
CA VAL C 353 4.90 -28.84 -34.65
C VAL C 353 3.89 -29.18 -33.57
N ILE C 354 4.42 -29.62 -32.43
CA ILE C 354 3.64 -29.86 -31.21
C ILE C 354 4.27 -29.04 -30.10
N ALA C 355 3.44 -28.46 -29.25
CA ALA C 355 3.90 -27.62 -28.15
C ALA C 355 3.11 -27.92 -26.90
N ALA C 356 3.80 -27.98 -25.76
CA ALA C 356 3.19 -28.31 -24.47
C ALA C 356 3.53 -27.20 -23.49
N THR C 357 2.55 -26.35 -23.20
CA THR C 357 2.76 -25.24 -22.28
C THR C 357 1.41 -24.84 -21.68
N ASN C 358 1.47 -24.01 -20.66
CA ASN C 358 0.30 -23.46 -20.00
C ASN C 358 0.08 -22.02 -20.46
N ARG C 359 -0.91 -21.36 -19.85
CA ARG C 359 -1.34 -19.98 -20.11
C ARG C 359 -1.64 -19.73 -21.58
N PRO C 360 -2.77 -20.23 -22.09
CA PRO C 360 -3.10 -20.00 -23.51
C PRO C 360 -3.42 -18.55 -23.83
N ASN C 361 -3.76 -17.73 -22.83
CA ASN C 361 -3.98 -16.31 -23.06
C ASN C 361 -2.68 -15.52 -23.24
N SER C 362 -1.52 -16.12 -22.94
CA SER C 362 -0.23 -15.50 -23.18
C SER C 362 0.32 -15.80 -24.56
N ILE C 363 -0.47 -16.39 -25.44
CA ILE C 363 -0.06 -16.72 -26.80
C ILE C 363 -0.49 -15.59 -27.73
N ASP C 364 0.41 -15.19 -28.62
CA ASP C 364 0.09 -14.14 -29.57
C ASP C 364 -0.94 -14.63 -30.59
N PRO C 365 -1.89 -13.78 -31.00
CA PRO C 365 -2.89 -14.22 -31.98
C PRO C 365 -2.35 -14.41 -33.40
N ALA C 366 -1.12 -13.97 -33.68
CA ALA C 366 -0.49 -14.29 -34.95
C ALA C 366 -0.02 -15.73 -35.03
N LEU C 367 -0.02 -16.46 -33.91
CA LEU C 367 0.35 -17.87 -33.91
C LEU C 367 -0.84 -18.81 -34.14
N ARG C 368 -2.06 -18.26 -34.26
CA ARG C 368 -3.27 -19.08 -34.34
C ARG C 368 -4.13 -18.73 -35.54
N ARG C 369 -3.55 -18.22 -36.63
CA ARG C 369 -4.37 -17.60 -37.66
C ARG C 369 -4.98 -18.63 -38.61
N PHE C 370 -4.17 -19.28 -39.42
CA PHE C 370 -4.71 -20.22 -40.39
C PHE C 370 -3.97 -21.56 -40.44
N GLY C 371 -2.65 -21.53 -40.29
CA GLY C 371 -1.87 -22.70 -40.58
C GLY C 371 -0.71 -22.97 -39.63
N ARG C 372 -0.56 -22.11 -38.62
CA ARG C 372 0.50 -22.33 -37.64
C ARG C 372 0.01 -23.19 -36.48
N PHE C 373 -1.08 -22.75 -35.83
CA PHE C 373 -1.75 -23.57 -34.83
C PHE C 373 -3.25 -23.39 -34.96
N ASP C 374 -3.93 -24.34 -35.60
CA ASP C 374 -5.36 -24.17 -35.89
C ASP C 374 -6.22 -25.27 -35.33
N ARG C 375 -5.64 -26.27 -34.67
CA ARG C 375 -6.41 -27.37 -34.09
C ARG C 375 -6.06 -27.53 -32.63
N GLU C 376 -6.08 -26.43 -31.88
CA GLU C 376 -5.67 -26.43 -30.48
C GLU C 376 -6.68 -27.18 -29.62
N VAL C 377 -6.16 -27.91 -28.62
CA VAL C 377 -6.98 -28.76 -27.77
C VAL C 377 -6.65 -28.47 -26.30
N ASP C 378 -7.61 -28.76 -25.43
CA ASP C 378 -7.46 -28.63 -23.99
C ASP C 378 -7.48 -30.01 -23.36
N ILE C 379 -6.47 -30.29 -22.54
CA ILE C 379 -6.46 -31.53 -21.76
C ILE C 379 -7.44 -31.36 -20.60
N GLY C 380 -8.58 -32.04 -20.67
CA GLY C 380 -9.60 -31.87 -19.67
C GLY C 380 -9.25 -32.56 -18.35
N ILE C 381 -9.83 -32.06 -17.28
CA ILE C 381 -9.61 -32.60 -15.94
C ILE C 381 -10.64 -33.71 -15.71
N PRO C 382 -10.21 -34.94 -15.42
CA PRO C 382 -11.17 -36.04 -15.25
C PRO C 382 -11.93 -35.93 -13.94
N ASP C 383 -13.25 -35.83 -14.04
CA ASP C 383 -14.13 -35.70 -12.88
C ASP C 383 -14.97 -36.95 -12.64
N ALA C 384 -15.40 -37.63 -13.69
CA ALA C 384 -16.17 -38.87 -13.56
C ALA C 384 -15.57 -39.92 -14.47
N THR C 385 -15.29 -41.10 -13.89
CA THR C 385 -14.73 -42.32 -14.51
C THR C 385 -13.51 -42.06 -15.42
N GLY C 386 -12.74 -41.02 -15.11
CA GLY C 386 -11.56 -40.70 -15.90
C GLY C 386 -10.27 -40.97 -15.16
N ARG C 387 -10.29 -40.82 -13.84
CA ARG C 387 -9.13 -41.16 -13.01
C ARG C 387 -9.05 -42.66 -12.72
N LEU C 388 -10.07 -43.43 -13.07
CA LEU C 388 -10.01 -44.88 -12.90
C LEU C 388 -9.03 -45.49 -13.89
N GLU C 389 -8.95 -44.93 -15.10
CA GLU C 389 -8.02 -45.45 -16.10
C GLU C 389 -6.58 -45.05 -15.77
N VAL C 390 -6.40 -43.96 -15.03
CA VAL C 390 -5.07 -43.48 -14.64
C VAL C 390 -4.47 -44.41 -13.59
N LEU C 391 -5.28 -44.81 -12.61
CA LEU C 391 -4.79 -45.66 -11.54
C LEU C 391 -4.63 -47.10 -11.98
N ARG C 392 -5.29 -47.52 -13.06
CA ARG C 392 -5.09 -48.87 -13.58
C ARG C 392 -3.76 -49.02 -14.31
N ILE C 393 -3.15 -47.91 -14.72
CA ILE C 393 -1.89 -47.93 -15.44
C ILE C 393 -0.70 -47.74 -14.51
N HIS C 394 -0.81 -46.77 -13.58
CA HIS C 394 0.32 -46.46 -12.70
C HIS C 394 0.56 -47.55 -11.67
N THR C 395 -0.48 -48.31 -11.31
CA THR C 395 -0.33 -49.45 -10.41
C THR C 395 -0.25 -50.77 -11.17
N LYS C 396 -0.16 -50.73 -12.49
CA LYS C 396 0.04 -51.97 -13.25
C LYS C 396 1.48 -52.46 -13.13
N ASN C 397 2.43 -51.52 -13.01
CA ASN C 397 3.83 -51.91 -12.82
C ASN C 397 4.07 -52.43 -11.41
N MET C 398 3.39 -51.88 -10.41
CA MET C 398 3.53 -52.32 -9.04
C MET C 398 2.65 -53.54 -8.77
N LYS C 399 3.11 -54.39 -7.85
CA LYS C 399 2.36 -55.57 -7.44
C LYS C 399 1.57 -55.22 -6.19
N LEU C 400 0.27 -54.98 -6.36
CA LEU C 400 -0.60 -54.64 -5.24
C LEU C 400 -1.02 -55.90 -4.50
N ALA C 401 -1.34 -55.74 -3.21
CA ALA C 401 -1.86 -56.83 -2.40
C ALA C 401 -3.36 -56.97 -2.63
N ASP C 402 -3.97 -57.93 -1.94
CA ASP C 402 -5.41 -58.17 -2.05
C ASP C 402 -6.20 -57.39 -1.00
N ASP C 403 -5.93 -56.09 -0.92
CA ASP C 403 -6.59 -55.22 0.04
C ASP C 403 -7.11 -53.94 -0.56
N VAL C 404 -6.51 -53.41 -1.62
CA VAL C 404 -6.96 -52.16 -2.22
C VAL C 404 -8.17 -52.44 -3.10
N ASP C 405 -8.95 -51.39 -3.34
CA ASP C 405 -10.10 -51.43 -4.24
C ASP C 405 -10.05 -50.16 -5.07
N LEU C 406 -9.69 -50.30 -6.35
CA LEU C 406 -9.48 -49.14 -7.21
C LEU C 406 -10.79 -48.51 -7.68
N GLU C 407 -11.91 -49.21 -7.50
CA GLU C 407 -13.22 -48.60 -7.73
C GLU C 407 -13.58 -47.59 -6.66
N ALA C 408 -12.99 -47.70 -5.46
CA ALA C 408 -13.29 -46.83 -4.34
C ALA C 408 -12.24 -45.75 -4.12
N LEU C 409 -11.07 -45.87 -4.74
CA LEU C 409 -10.03 -44.86 -4.59
C LEU C 409 -10.39 -43.57 -5.30
N ALA C 410 -10.72 -43.63 -6.59
CA ALA C 410 -11.08 -42.44 -7.35
C ALA C 410 -12.50 -41.97 -7.05
N ALA C 411 -13.29 -42.75 -6.33
CA ALA C 411 -14.65 -42.36 -6.00
C ALA C 411 -14.74 -41.45 -4.78
N GLU C 412 -13.84 -41.60 -3.81
CA GLU C 412 -13.90 -40.78 -2.61
C GLU C 412 -13.17 -39.45 -2.79
N THR C 413 -12.12 -39.44 -3.62
CA THR C 413 -11.53 -38.17 -3.99
C THR C 413 -12.27 -37.61 -5.21
N HIS C 414 -12.27 -36.28 -5.30
CA HIS C 414 -12.90 -35.61 -6.44
C HIS C 414 -12.05 -34.53 -7.08
N GLY C 415 -10.96 -34.08 -6.45
CA GLY C 415 -10.13 -33.07 -7.05
C GLY C 415 -8.69 -33.47 -7.25
N TYR C 416 -8.27 -33.62 -8.52
CA TYR C 416 -6.88 -33.91 -8.84
C TYR C 416 -6.58 -33.40 -10.24
N VAL C 417 -5.30 -33.46 -10.61
CA VAL C 417 -4.85 -32.93 -11.89
C VAL C 417 -4.31 -34.02 -12.82
N GLY C 418 -3.86 -35.16 -12.29
CA GLY C 418 -3.32 -36.20 -13.13
C GLY C 418 -1.86 -36.50 -12.85
N ALA C 419 -1.11 -35.49 -12.40
CA ALA C 419 0.27 -35.73 -12.01
C ALA C 419 0.40 -35.96 -10.51
N ASP C 420 -0.49 -35.36 -9.72
CA ASP C 420 -0.48 -35.57 -8.27
C ASP C 420 -1.00 -36.94 -7.88
N ILE C 421 -1.74 -37.62 -8.77
CA ILE C 421 -2.19 -38.97 -8.48
C ILE C 421 -1.02 -39.95 -8.60
N ALA C 422 0.03 -39.57 -9.34
CA ALA C 422 1.26 -40.34 -9.29
C ALA C 422 2.00 -40.13 -7.97
N SER C 423 1.81 -38.97 -7.34
CA SER C 423 2.37 -38.73 -6.01
C SER C 423 1.54 -39.39 -4.92
N LEU C 424 0.27 -39.70 -5.19
CA LEU C 424 -0.55 -40.44 -4.23
C LEU C 424 -0.07 -41.87 -4.11
N CYS C 425 0.47 -42.44 -5.19
CA CYS C 425 1.01 -43.79 -5.14
C CYS C 425 2.41 -43.82 -4.53
N SER C 426 3.15 -42.71 -4.63
CA SER C 426 4.49 -42.67 -4.07
C SER C 426 4.46 -42.50 -2.56
N GLU C 427 3.53 -41.68 -2.05
CA GLU C 427 3.41 -41.51 -0.61
C GLU C 427 2.78 -42.73 0.06
N ALA C 428 1.93 -43.46 -0.67
CA ALA C 428 1.39 -44.70 -0.14
C ALA C 428 2.43 -45.81 -0.12
N ALA C 429 3.36 -45.80 -1.07
CA ALA C 429 4.44 -46.77 -1.05
C ALA C 429 5.50 -46.41 -0.03
N MET C 430 5.66 -45.12 0.28
CA MET C 430 6.63 -44.71 1.28
C MET C 430 6.12 -44.95 2.70
N GLN C 431 4.80 -44.94 2.90
CA GLN C 431 4.26 -45.25 4.21
C GLN C 431 4.22 -46.75 4.47
N GLN C 432 4.08 -47.55 3.41
CA GLN C 432 4.11 -49.01 3.58
C GLN C 432 5.52 -49.51 3.82
N ILE C 433 6.51 -48.87 3.22
CA ILE C 433 7.91 -49.21 3.47
C ILE C 433 8.41 -48.67 4.81
N ARG C 434 7.65 -47.78 5.44
CA ARG C 434 8.03 -47.24 6.74
C ARG C 434 7.42 -48.01 7.91
N GLU C 435 6.21 -48.53 7.75
CA GLU C 435 5.62 -49.38 8.79
C GLU C 435 6.29 -50.75 8.82
N LYS C 436 6.92 -51.13 7.71
CA LYS C 436 7.71 -52.36 7.63
C LYS C 436 9.21 -52.08 7.69
N MET C 437 9.60 -50.89 8.17
CA MET C 437 11.01 -50.52 8.28
C MET C 437 11.53 -51.02 9.62
N ASP C 438 12.19 -52.18 9.60
CA ASP C 438 12.86 -52.74 10.77
C ASP C 438 14.36 -52.77 10.49
N LEU C 439 15.10 -51.91 11.20
CA LEU C 439 16.55 -51.80 11.00
C LEU C 439 17.28 -52.70 11.96
N ILE C 440 17.59 -53.91 11.49
CA ILE C 440 18.46 -54.84 12.20
C ILE C 440 19.86 -54.84 11.59
N ASP C 441 19.95 -54.97 10.28
CA ASP C 441 21.21 -54.97 9.54
C ASP C 441 21.36 -53.64 8.81
N LEU C 442 22.31 -52.82 9.25
CA LEU C 442 22.59 -51.57 8.56
C LEU C 442 23.63 -51.74 7.46
N ASP C 443 24.67 -52.54 7.69
CA ASP C 443 25.71 -52.73 6.69
C ASP C 443 25.26 -53.65 5.57
N GLU C 444 24.40 -54.63 5.87
CA GLU C 444 23.90 -55.54 4.84
C GLU C 444 22.92 -54.85 3.92
N ASP C 445 22.10 -53.94 4.48
CA ASP C 445 20.99 -53.21 3.85
C ASP C 445 20.16 -54.08 2.91
N GLU C 446 19.57 -55.13 3.49
CA GLU C 446 18.69 -56.03 2.77
C GLU C 446 17.54 -56.41 3.69
N ILE C 447 16.34 -55.89 3.41
CA ILE C 447 15.18 -56.13 4.25
C ILE C 447 14.19 -57.04 3.55
N ASP C 448 14.33 -58.36 3.77
CA ASP C 448 13.36 -59.35 3.31
C ASP C 448 12.76 -60.12 4.47
N ALA C 449 13.61 -60.69 5.33
CA ALA C 449 13.35 -61.25 6.67
C ALA C 449 12.57 -62.57 6.67
N GLU C 450 12.01 -63.00 5.53
CA GLU C 450 11.70 -64.42 5.38
C GLU C 450 12.08 -65.01 4.03
N VAL C 451 12.01 -64.25 2.93
CA VAL C 451 12.24 -64.73 1.58
C VAL C 451 12.32 -63.51 0.67
N LEU C 452 12.96 -63.64 -0.49
CA LEU C 452 12.94 -62.59 -1.50
C LEU C 452 11.54 -62.53 -2.11
N ASP C 453 10.78 -61.51 -1.73
CA ASP C 453 9.40 -61.37 -2.19
C ASP C 453 9.09 -59.89 -2.36
N SER C 454 7.81 -59.57 -2.53
CA SER C 454 7.34 -58.20 -2.65
C SER C 454 6.51 -57.83 -1.44
N LEU C 455 6.52 -56.54 -1.09
CA LEU C 455 5.76 -56.05 0.05
C LEU C 455 4.38 -55.53 -0.35
N GLY C 456 4.31 -54.77 -1.45
CA GLY C 456 3.05 -54.24 -1.91
C GLY C 456 2.58 -53.05 -1.09
N VAL C 457 1.33 -52.68 -1.35
CA VAL C 457 0.65 -51.61 -0.62
C VAL C 457 -0.74 -52.12 -0.23
N THR C 458 -1.26 -51.57 0.86
CA THR C 458 -2.55 -51.96 1.41
C THR C 458 -3.52 -50.78 1.39
N MET C 459 -4.68 -50.99 2.02
CA MET C 459 -5.73 -49.97 2.01
C MET C 459 -5.38 -48.82 2.95
N ASP C 460 -4.78 -49.12 4.09
CA ASP C 460 -4.47 -48.09 5.08
C ASP C 460 -3.35 -47.15 4.65
N ASN C 461 -2.54 -47.54 3.67
CA ASN C 461 -1.53 -46.62 3.15
C ASN C 461 -2.15 -45.57 2.24
N PHE C 462 -3.16 -45.94 1.45
CA PHE C 462 -3.87 -44.98 0.62
C PHE C 462 -4.82 -44.12 1.43
N ARG C 463 -5.32 -44.62 2.56
CA ARG C 463 -6.12 -43.78 3.45
C ARG C 463 -5.25 -42.76 4.17
N PHE C 464 -3.97 -43.08 4.37
CA PHE C 464 -3.05 -42.10 4.95
C PHE C 464 -2.59 -41.07 3.93
N ALA C 465 -2.41 -41.50 2.67
CA ALA C 465 -1.95 -40.57 1.64
C ALA C 465 -3.07 -39.65 1.17
N LEU C 466 -4.32 -40.06 1.35
CA LEU C 466 -5.43 -39.20 0.98
C LEU C 466 -5.74 -38.15 2.04
N GLY C 467 -5.21 -38.31 3.25
CA GLY C 467 -5.36 -37.26 4.26
C GLY C 467 -4.57 -36.02 3.91
N ASN C 468 -3.32 -36.21 3.49
CA ASN C 468 -2.50 -35.12 2.94
C ASN C 468 -2.58 -35.20 1.42
N SER C 469 -3.71 -34.74 0.89
CA SER C 469 -3.91 -34.77 -0.57
C SER C 469 -3.05 -33.73 -1.26
N ASN C 470 -3.22 -32.44 -0.87
CA ASN C 470 -2.58 -31.20 -1.33
C ASN C 470 -2.26 -31.18 -2.83
N PRO C 471 -3.26 -31.07 -3.70
CA PRO C 471 -2.99 -30.98 -5.14
C PRO C 471 -2.29 -29.67 -5.50
N SER C 472 -1.70 -29.65 -6.69
CA SER C 472 -0.88 -28.53 -7.13
C SER C 472 -1.69 -27.28 -7.41
N ALA C 473 -2.98 -27.43 -7.76
CA ALA C 473 -3.83 -26.26 -7.96
C ALA C 473 -4.21 -25.61 -6.64
N LEU C 474 -4.22 -26.39 -5.54
CA LEU C 474 -4.60 -25.87 -4.24
C LEU C 474 -3.47 -26.06 -3.24
N ARG C 475 -2.23 -25.78 -3.65
CA ARG C 475 -1.10 -25.96 -2.73
C ARG C 475 -0.98 -24.80 -1.77
N GLU C 476 -1.30 -23.59 -2.20
CA GLU C 476 -1.20 -22.40 -1.37
C GLU C 476 -2.50 -22.08 -0.63
N THR C 477 -3.54 -22.88 -0.83
CA THR C 477 -4.83 -22.67 -0.17
C THR C 477 -5.15 -23.89 0.70
N VAL C 478 -4.15 -24.34 1.45
CA VAL C 478 -4.32 -25.46 2.37
C VAL C 478 -5.02 -24.97 3.63
N VAL C 479 -5.72 -25.89 4.29
CA VAL C 479 -6.48 -25.57 5.49
C VAL C 479 -5.83 -26.27 6.69
N GLU C 480 -6.01 -25.67 7.87
CA GLU C 480 -5.52 -26.27 9.10
C GLU C 480 -6.42 -27.43 9.50
N SER C 481 -5.84 -28.61 9.67
CA SER C 481 -6.60 -29.84 9.93
C SER C 481 -7.02 -29.86 11.40
N VAL C 482 -8.24 -29.36 11.65
CA VAL C 482 -8.84 -29.45 12.97
C VAL C 482 -9.82 -30.62 12.98
N ASN C 483 -9.76 -31.43 14.03
CA ASN C 483 -10.53 -32.67 14.09
C ASN C 483 -11.97 -32.41 14.47
N VAL C 484 -12.89 -32.83 13.60
CA VAL C 484 -14.32 -32.83 13.86
C VAL C 484 -14.88 -34.18 13.42
N THR C 485 -15.84 -34.72 14.18
CA THR C 485 -16.47 -35.99 13.87
C THR C 485 -17.99 -35.89 13.96
N TRP C 486 -18.55 -34.75 13.53
CA TRP C 486 -20.00 -34.49 13.45
C TRP C 486 -20.69 -34.63 14.81
N ASP C 487 -19.98 -34.37 15.90
CA ASP C 487 -20.58 -34.45 17.23
C ASP C 487 -20.20 -33.27 18.11
N ASP C 488 -19.49 -32.27 17.59
CA ASP C 488 -19.22 -31.07 18.36
C ASP C 488 -20.42 -30.14 18.40
N VAL C 489 -21.39 -30.32 17.51
CA VAL C 489 -22.61 -29.53 17.48
C VAL C 489 -23.77 -30.44 17.91
N GLY C 490 -24.44 -30.06 18.99
CA GLY C 490 -25.53 -30.85 19.51
C GLY C 490 -26.87 -30.14 19.46
N GLY C 491 -26.85 -28.81 19.52
CA GLY C 491 -28.08 -28.05 19.48
C GLY C 491 -28.68 -27.92 18.10
N LEU C 492 -27.90 -28.18 17.06
CA LEU C 492 -28.36 -28.08 15.68
C LEU C 492 -28.43 -29.49 15.10
N ASP C 493 -29.65 -30.01 14.99
CA ASP C 493 -29.89 -31.37 14.49
C ASP C 493 -30.55 -31.37 13.12
N GLU C 494 -31.69 -30.69 12.96
CA GLU C 494 -32.37 -30.66 11.68
C GLU C 494 -31.75 -29.67 10.71
N ILE C 495 -30.85 -28.80 11.18
CA ILE C 495 -30.14 -27.88 10.31
C ILE C 495 -28.82 -28.46 9.83
N LYS C 496 -28.12 -29.22 10.68
CA LYS C 496 -26.83 -29.81 10.31
C LYS C 496 -26.98 -30.92 9.28
N GLU C 497 -28.08 -31.67 9.34
CA GLU C 497 -28.34 -32.68 8.32
C GLU C 497 -28.80 -32.05 7.00
N GLU C 498 -29.38 -30.86 7.05
CA GLU C 498 -29.75 -30.17 5.81
C GLU C 498 -28.55 -29.58 5.11
N LEU C 499 -27.50 -29.22 5.87
CA LEU C 499 -26.26 -28.75 5.26
C LEU C 499 -25.53 -29.88 4.54
N LYS C 500 -25.61 -31.10 5.07
CA LYS C 500 -24.96 -32.23 4.42
C LYS C 500 -25.66 -32.66 3.14
N GLU C 501 -26.97 -32.44 3.05
CA GLU C 501 -27.72 -32.90 1.88
C GLU C 501 -27.48 -32.01 0.66
N THR C 502 -27.25 -30.71 0.87
CA THR C 502 -26.98 -29.82 -0.25
C THR C 502 -25.52 -29.80 -0.68
N VAL C 503 -24.66 -30.58 -0.03
CA VAL C 503 -23.24 -30.63 -0.38
C VAL C 503 -22.80 -32.03 -0.78
N GLU C 504 -23.57 -33.07 -0.46
CA GLU C 504 -23.20 -34.44 -0.79
C GLU C 504 -24.01 -35.05 -1.91
N TYR C 505 -25.28 -34.67 -2.07
CA TYR C 505 -26.15 -35.22 -3.10
C TYR C 505 -25.68 -35.00 -4.55
N PRO C 506 -25.22 -33.82 -5.00
CA PRO C 506 -24.75 -33.74 -6.39
C PRO C 506 -23.32 -34.19 -6.62
N VAL C 507 -22.58 -34.57 -5.58
CA VAL C 507 -21.19 -34.97 -5.72
C VAL C 507 -21.01 -36.48 -5.51
N LEU C 508 -21.94 -37.13 -4.81
CA LEU C 508 -21.81 -38.57 -4.58
C LEU C 508 -22.57 -39.36 -5.64
N HIS C 509 -23.79 -38.94 -5.98
CA HIS C 509 -24.61 -39.59 -7.00
C HIS C 509 -24.93 -38.57 -8.08
N PRO C 510 -24.01 -38.35 -9.06
CA PRO C 510 -24.27 -37.40 -10.15
C PRO C 510 -25.01 -38.04 -11.33
N ASP C 511 -26.10 -38.71 -11.04
CA ASP C 511 -26.90 -39.36 -12.08
C ASP C 511 -28.36 -38.92 -12.04
N GLN C 512 -28.92 -38.67 -10.85
CA GLN C 512 -30.29 -38.20 -10.76
C GLN C 512 -30.41 -36.74 -11.17
N TYR C 513 -29.33 -35.96 -11.02
CA TYR C 513 -29.36 -34.58 -11.48
C TYR C 513 -29.31 -34.50 -13.00
N THR C 514 -28.61 -35.46 -13.63
CA THR C 514 -28.62 -35.54 -15.09
C THR C 514 -29.86 -36.23 -15.62
N LYS C 515 -30.50 -37.10 -14.82
CA LYS C 515 -31.76 -37.70 -15.24
C LYS C 515 -32.89 -36.69 -15.21
N PHE C 516 -32.94 -35.87 -14.16
CA PHE C 516 -33.93 -34.79 -14.09
C PHE C 516 -33.55 -33.63 -15.01
N GLY C 517 -32.26 -33.44 -15.26
CA GLY C 517 -31.82 -32.38 -16.13
C GLY C 517 -31.80 -31.00 -15.50
N LEU C 518 -31.94 -30.91 -14.19
CA LEU C 518 -31.96 -29.62 -13.51
C LEU C 518 -30.56 -29.29 -12.98
N SER C 519 -30.38 -28.01 -12.68
CA SER C 519 -29.12 -27.51 -12.15
C SER C 519 -28.97 -27.92 -10.67
N PRO C 520 -27.74 -28.21 -10.23
CA PRO C 520 -27.55 -28.53 -8.81
C PRO C 520 -27.64 -27.30 -7.93
N SER C 521 -28.11 -27.53 -6.71
CA SER C 521 -28.30 -26.47 -5.73
C SER C 521 -26.98 -26.21 -5.00
N LYS C 522 -26.50 -24.98 -5.05
CA LYS C 522 -25.22 -24.63 -4.46
C LYS C 522 -25.30 -23.27 -3.78
N GLY C 523 -24.44 -23.06 -2.79
CA GLY C 523 -24.38 -21.79 -2.10
C GLY C 523 -25.25 -21.74 -0.87
N VAL C 524 -24.65 -21.47 0.28
CA VAL C 524 -25.37 -21.35 1.54
C VAL C 524 -24.83 -20.13 2.29
N LEU C 525 -25.71 -19.47 3.04
CA LEU C 525 -25.35 -18.35 3.90
C LEU C 525 -25.77 -18.65 5.33
N PHE C 526 -24.90 -18.33 6.27
CA PHE C 526 -25.16 -18.51 7.70
C PHE C 526 -25.32 -17.14 8.35
N TYR C 527 -26.53 -16.82 8.78
CA TYR C 527 -26.80 -15.55 9.44
C TYR C 527 -27.52 -15.81 10.77
N GLY C 528 -27.20 -14.98 11.75
CA GLY C 528 -27.77 -15.08 13.08
C GLY C 528 -26.91 -14.40 14.11
N PRO C 529 -27.24 -14.58 15.40
CA PRO C 529 -26.43 -13.98 16.45
C PRO C 529 -25.08 -14.65 16.56
N PRO C 530 -24.04 -13.90 16.91
CA PRO C 530 -22.69 -14.48 17.00
C PRO C 530 -22.49 -15.31 18.26
N GLY C 531 -21.66 -16.34 18.12
CA GLY C 531 -21.35 -17.23 19.23
C GLY C 531 -22.10 -18.54 19.26
N THR C 532 -23.11 -18.74 18.42
CA THR C 532 -23.85 -20.00 18.33
C THR C 532 -23.62 -20.61 16.95
N GLY C 533 -22.54 -21.38 16.85
CA GLY C 533 -22.22 -22.11 15.64
C GLY C 533 -21.82 -21.21 14.48
N LYS C 534 -22.15 -21.66 13.27
CA LYS C 534 -22.08 -21.02 11.95
C LYS C 534 -20.65 -20.79 11.46
N THR C 535 -19.63 -21.06 12.26
CA THR C 535 -18.26 -21.24 11.79
C THR C 535 -17.72 -22.61 12.14
N LEU C 536 -18.17 -23.20 13.24
CA LEU C 536 -17.88 -24.60 13.53
C LEU C 536 -18.61 -25.54 12.59
N LEU C 537 -19.75 -25.12 12.04
CA LEU C 537 -20.39 -25.89 10.98
C LEU C 537 -19.56 -25.86 9.70
N ALA C 538 -18.89 -24.74 9.43
CA ALA C 538 -17.94 -24.70 8.32
C ALA C 538 -16.68 -25.46 8.67
N LYS C 539 -16.35 -25.57 9.96
CA LYS C 539 -15.27 -26.44 10.39
C LYS C 539 -15.63 -27.90 10.20
N ALA C 540 -16.91 -28.25 10.38
CA ALA C 540 -17.38 -29.61 10.18
C ALA C 540 -17.54 -29.95 8.70
N VAL C 541 -17.40 -28.97 7.81
CA VAL C 541 -17.39 -29.19 6.38
C VAL C 541 -15.96 -29.36 5.86
N ALA C 542 -14.99 -28.78 6.56
CA ALA C 542 -13.62 -28.64 6.08
C ALA C 542 -12.89 -29.98 5.96
N THR C 543 -12.94 -30.80 7.02
CA THR C 543 -12.19 -32.04 7.04
C THR C 543 -13.07 -33.28 6.94
N GLU C 544 -14.39 -33.14 7.03
CA GLU C 544 -15.26 -34.31 7.02
C GLU C 544 -15.78 -34.66 5.63
N VAL C 545 -16.16 -33.65 4.84
CA VAL C 545 -16.72 -33.93 3.52
C VAL C 545 -15.59 -34.26 2.55
N SER C 546 -15.93 -34.89 1.43
CA SER C 546 -14.92 -35.36 0.49
C SER C 546 -14.38 -34.24 -0.40
N ALA C 547 -15.05 -33.10 -0.45
CA ALA C 547 -14.59 -32.01 -1.30
C ALA C 547 -13.46 -31.23 -0.63
N ASN C 548 -12.68 -30.55 -1.46
CA ASN C 548 -11.58 -29.73 -0.96
C ASN C 548 -12.10 -28.44 -0.35
N PHE C 549 -11.30 -27.84 0.53
CA PHE C 549 -11.72 -26.66 1.28
C PHE C 549 -10.75 -25.51 1.05
N ILE C 550 -11.30 -24.33 0.78
CA ILE C 550 -10.55 -23.08 0.61
C ILE C 550 -11.19 -22.04 1.50
N SER C 551 -10.39 -21.46 2.40
CA SER C 551 -10.91 -20.53 3.41
C SER C 551 -10.44 -19.11 3.13
N VAL C 552 -11.33 -18.14 3.32
CA VAL C 552 -11.03 -16.73 3.19
C VAL C 552 -11.44 -16.04 4.49
N LYS C 553 -10.48 -15.45 5.18
CA LYS C 553 -10.72 -14.84 6.49
C LYS C 553 -11.04 -13.36 6.35
N GLY C 554 -12.23 -13.08 5.84
CA GLY C 554 -12.69 -11.72 5.64
C GLY C 554 -11.95 -11.01 4.53
N PRO C 555 -11.35 -9.85 4.85
CA PRO C 555 -10.49 -9.12 3.91
C PRO C 555 -9.04 -9.62 3.92
N GLU C 556 -8.87 -10.94 3.87
CA GLU C 556 -7.54 -11.54 3.93
C GLU C 556 -6.81 -11.44 2.59
N LEU C 557 -7.55 -11.41 1.49
CA LEU C 557 -6.96 -11.41 0.15
C LEU C 557 -7.06 -10.04 -0.51
N LEU C 558 -7.56 -9.05 0.21
CA LEU C 558 -7.67 -7.70 -0.32
C LEU C 558 -6.29 -7.07 -0.44
N SER C 559 -6.13 -6.22 -1.44
CA SER C 559 -4.82 -5.66 -1.73
C SER C 559 -4.92 -4.15 -1.83
N MET C 560 -3.76 -3.50 -1.79
CA MET C 560 -3.67 -2.05 -1.81
C MET C 560 -3.53 -1.49 -3.22
N TRP C 561 -3.24 -2.32 -4.21
CA TRP C 561 -3.10 -1.84 -5.57
C TRP C 561 -4.47 -1.73 -6.25
N TYR C 562 -4.44 -1.42 -7.55
CA TYR C 562 -5.67 -1.10 -8.25
C TYR C 562 -6.42 -2.34 -8.71
N GLY C 563 -5.80 -3.14 -9.57
CA GLY C 563 -6.47 -4.28 -10.15
C GLY C 563 -6.17 -5.59 -9.46
N GLU C 564 -5.34 -5.54 -8.42
CA GLU C 564 -5.00 -6.76 -7.69
C GLU C 564 -6.12 -7.16 -6.74
N SER C 565 -6.94 -6.19 -6.32
CA SER C 565 -8.05 -6.43 -5.42
C SER C 565 -9.14 -7.25 -6.10
N GLU C 566 -9.37 -7.00 -7.40
CA GLU C 566 -10.34 -7.77 -8.15
C GLU C 566 -9.75 -9.04 -8.75
N SER C 567 -8.43 -9.08 -8.92
CA SER C 567 -7.79 -10.28 -9.49
C SER C 567 -7.57 -11.36 -8.45
N ASN C 568 -7.45 -10.99 -7.17
CA ASN C 568 -7.22 -11.99 -6.13
C ASN C 568 -8.46 -12.83 -5.87
N ILE C 569 -9.66 -12.26 -6.02
CA ILE C 569 -10.89 -13.02 -5.84
C ILE C 569 -11.30 -13.76 -7.10
N ARG C 570 -10.56 -13.60 -8.21
CA ARG C 570 -10.84 -14.31 -9.44
C ARG C 570 -10.06 -15.62 -9.55
N ASP C 571 -8.75 -15.56 -9.30
CA ASP C 571 -7.94 -16.78 -9.38
C ASP C 571 -8.17 -17.71 -8.19
N ILE C 572 -8.68 -17.19 -7.08
CA ILE C 572 -9.06 -18.07 -5.98
C ILE C 572 -10.40 -18.74 -6.29
N PHE C 573 -11.17 -18.21 -7.24
CA PHE C 573 -12.35 -18.90 -7.73
C PHE C 573 -12.03 -19.76 -8.94
N ASP C 574 -10.94 -19.44 -9.66
CA ASP C 574 -10.51 -20.27 -10.77
C ASP C 574 -9.78 -21.52 -10.28
N LYS C 575 -9.13 -21.44 -9.11
CA LYS C 575 -8.51 -22.62 -8.53
C LYS C 575 -9.57 -23.60 -8.02
N ALA C 576 -10.68 -23.09 -7.48
CA ALA C 576 -11.78 -23.96 -7.11
C ALA C 576 -12.54 -24.46 -8.32
N ARG C 577 -12.45 -23.76 -9.45
CA ARG C 577 -13.05 -24.25 -10.69
C ARG C 577 -12.18 -25.28 -11.38
N ALA C 578 -10.85 -25.14 -11.27
CA ALA C 578 -9.95 -26.12 -11.87
C ALA C 578 -9.92 -27.43 -11.07
N ALA C 579 -9.93 -27.34 -9.75
CA ALA C 579 -9.98 -28.51 -8.88
C ALA C 579 -11.40 -28.80 -8.40
N ALA C 580 -12.39 -28.56 -9.25
CA ALA C 580 -13.78 -28.76 -8.89
C ALA C 580 -14.07 -30.27 -8.79
N PRO C 581 -14.94 -30.69 -7.86
CA PRO C 581 -15.69 -29.93 -6.85
C PRO C 581 -14.86 -29.51 -5.63
N THR C 582 -14.97 -28.24 -5.26
CA THR C 582 -14.22 -27.69 -4.13
C THR C 582 -15.08 -26.61 -3.48
N VAL C 583 -15.41 -26.80 -2.21
CA VAL C 583 -16.21 -25.81 -1.49
C VAL C 583 -15.29 -24.72 -0.93
N VAL C 584 -15.68 -23.48 -1.16
CA VAL C 584 -14.92 -22.31 -0.74
C VAL C 584 -15.70 -21.59 0.36
N PHE C 585 -15.00 -21.18 1.41
CA PHE C 585 -15.60 -20.56 2.58
C PHE C 585 -15.28 -19.07 2.59
N LEU C 586 -16.30 -18.24 2.80
CA LEU C 586 -16.15 -16.80 2.92
C LEU C 586 -16.69 -16.39 4.28
N ASP C 587 -15.84 -15.80 5.10
CA ASP C 587 -16.22 -15.36 6.44
C ASP C 587 -16.38 -13.85 6.48
N GLU C 588 -17.35 -13.40 7.28
CA GLU C 588 -17.63 -11.99 7.58
C GLU C 588 -17.92 -11.20 6.31
N LEU C 589 -19.06 -11.52 5.69
CA LEU C 589 -19.47 -10.91 4.43
C LEU C 589 -19.92 -9.46 4.58
N ASP C 590 -19.97 -8.90 5.78
CA ASP C 590 -20.24 -7.48 5.94
C ASP C 590 -19.09 -6.61 5.44
N SER C 591 -17.89 -7.17 5.31
CA SER C 591 -16.72 -6.42 4.85
C SER C 591 -16.58 -6.41 3.33
N ILE C 592 -17.45 -7.10 2.61
CA ILE C 592 -17.39 -7.17 1.16
C ILE C 592 -18.57 -6.44 0.51
N ALA C 593 -19.79 -6.68 1.01
CA ALA C 593 -20.98 -6.10 0.39
C ALA C 593 -21.14 -4.62 0.74
N LYS C 594 -21.35 -4.34 2.03
CA LYS C 594 -21.66 -3.01 2.58
C LYS C 594 -22.83 -2.33 1.88
N ALA C 595 -23.84 -3.13 1.52
CA ALA C 595 -25.15 -2.75 0.96
C ALA C 595 -25.09 -2.13 -0.43
N ARG C 596 -23.90 -1.94 -1.01
CA ARG C 596 -23.66 -1.51 -2.40
C ARG C 596 -24.30 -0.15 -2.75
N GLY C 597 -24.60 0.66 -1.75
CA GLY C 597 -25.25 1.94 -1.98
C GLY C 597 -24.82 2.97 -0.96
N GLY C 598 -24.90 4.23 -1.37
CA GLY C 598 -24.52 5.33 -0.52
C GLY C 598 -23.02 5.42 -0.31
N SER C 599 -22.28 5.40 -1.43
CA SER C 599 -20.82 5.41 -1.34
C SER C 599 -20.30 6.79 -0.92
N LEU C 600 -20.57 7.81 -1.73
CA LEU C 600 -20.18 9.23 -1.54
C LEU C 600 -18.68 9.40 -1.22
N GLY C 601 -17.84 8.53 -1.77
CA GLY C 601 -16.41 8.57 -1.54
C GLY C 601 -15.95 7.90 -0.26
N ASP C 602 -16.86 7.40 0.56
CA ASP C 602 -16.48 6.77 1.82
C ASP C 602 -15.91 5.36 1.64
N ALA C 603 -16.09 4.75 0.47
CA ALA C 603 -15.47 3.46 0.19
C ALA C 603 -13.97 3.61 -0.02
N GLY C 604 -13.52 4.78 -0.45
CA GLY C 604 -12.11 5.05 -0.61
C GLY C 604 -11.53 4.55 -1.92
N GLY C 605 -11.41 3.23 -2.06
CA GLY C 605 -10.82 2.65 -3.25
C GLY C 605 -11.79 1.80 -4.05
N ALA C 606 -13.03 2.28 -4.16
CA ALA C 606 -14.13 1.64 -4.90
C ALA C 606 -14.39 0.22 -4.38
N SER C 607 -14.87 0.17 -3.13
CA SER C 607 -15.22 -1.11 -2.53
C SER C 607 -16.46 -1.72 -3.15
N ASP C 608 -17.30 -0.91 -3.80
CA ASP C 608 -18.44 -1.42 -4.56
C ASP C 608 -18.04 -2.00 -5.91
N ARG C 609 -16.77 -1.85 -6.31
CA ARG C 609 -16.30 -2.42 -7.57
C ARG C 609 -15.87 -3.88 -7.39
N VAL C 610 -15.24 -4.20 -6.26
CA VAL C 610 -14.79 -5.57 -6.03
C VAL C 610 -15.96 -6.49 -5.67
N VAL C 611 -17.09 -5.94 -5.20
CA VAL C 611 -18.25 -6.76 -4.95
C VAL C 611 -18.99 -7.09 -6.25
N ASN C 612 -18.75 -6.32 -7.32
CA ASN C 612 -19.31 -6.67 -8.62
C ASN C 612 -18.54 -7.81 -9.28
N GLN C 613 -17.26 -7.96 -8.96
CA GLN C 613 -16.50 -9.11 -9.44
C GLN C 613 -16.94 -10.39 -8.74
N LEU C 614 -17.33 -10.29 -7.46
CA LEU C 614 -17.83 -11.46 -6.75
C LEU C 614 -19.25 -11.81 -7.17
N LEU C 615 -19.99 -10.84 -7.71
CA LEU C 615 -21.37 -11.10 -8.13
C LEU C 615 -21.41 -11.92 -9.41
N THR C 616 -20.49 -11.66 -10.34
CA THR C 616 -20.46 -12.38 -11.61
C THR C 616 -19.71 -13.70 -11.52
N GLU C 617 -19.09 -14.01 -10.40
CA GLU C 617 -18.34 -15.25 -10.26
C GLU C 617 -19.16 -16.40 -9.70
N MET C 618 -20.28 -16.10 -9.04
CA MET C 618 -21.12 -17.17 -8.49
C MET C 618 -21.90 -17.86 -9.60
N ASP C 619 -22.67 -17.10 -10.37
CA ASP C 619 -23.42 -17.68 -11.48
C ASP C 619 -22.51 -18.02 -12.65
N GLY C 620 -21.64 -17.09 -13.05
CA GLY C 620 -20.64 -17.35 -14.07
C GLY C 620 -21.18 -17.37 -15.49
N MET C 621 -20.31 -17.07 -16.46
CA MET C 621 -20.73 -17.13 -17.85
C MET C 621 -20.81 -18.56 -18.35
N ASN C 622 -20.08 -19.48 -17.73
CA ASN C 622 -20.12 -20.89 -18.09
C ASN C 622 -21.14 -21.62 -17.24
N ALA C 623 -21.15 -22.95 -17.34
CA ALA C 623 -22.06 -23.77 -16.56
C ALA C 623 -21.49 -24.02 -15.16
N LYS C 624 -22.34 -24.55 -14.29
CA LYS C 624 -21.94 -24.84 -12.92
C LYS C 624 -21.09 -26.10 -12.88
N LYS C 625 -20.01 -26.04 -12.10
CA LYS C 625 -19.06 -27.14 -11.97
C LYS C 625 -19.05 -27.71 -10.56
N ASN C 626 -20.24 -27.72 -9.93
CA ASN C 626 -20.50 -28.37 -8.64
C ASN C 626 -19.64 -27.81 -7.51
N VAL C 627 -19.35 -26.51 -7.55
CA VAL C 627 -18.65 -25.85 -6.46
C VAL C 627 -19.68 -25.25 -5.51
N PHE C 628 -19.25 -24.99 -4.27
CA PHE C 628 -20.14 -24.46 -3.24
C PHE C 628 -19.46 -23.31 -2.53
N VAL C 629 -20.24 -22.28 -2.21
CA VAL C 629 -19.76 -21.10 -1.49
C VAL C 629 -20.50 -21.02 -0.15
N ILE C 630 -19.75 -20.99 0.94
CA ILE C 630 -20.30 -20.94 2.29
C ILE C 630 -20.02 -19.55 2.86
N GLY C 631 -21.07 -18.87 3.27
CA GLY C 631 -20.95 -17.54 3.87
C GLY C 631 -21.38 -17.56 5.31
N ALA C 632 -20.61 -16.86 6.16
CA ALA C 632 -20.92 -16.70 7.57
C ALA C 632 -21.03 -15.21 7.88
N THR C 633 -22.18 -14.80 8.41
CA THR C 633 -22.44 -13.40 8.67
C THR C 633 -23.17 -13.30 10.01
N ASN C 634 -22.96 -12.18 10.71
CA ASN C 634 -23.61 -11.96 11.98
C ASN C 634 -24.81 -11.01 11.92
N ARG C 635 -24.91 -10.17 10.88
CA ARG C 635 -26.08 -9.33 10.68
C ARG C 635 -26.38 -9.28 9.19
N PRO C 636 -27.59 -9.62 8.75
CA PRO C 636 -27.89 -9.67 7.31
C PRO C 636 -28.36 -8.36 6.71
N ASP C 637 -28.55 -7.31 7.50
CA ASP C 637 -29.06 -6.05 6.97
C ASP C 637 -27.98 -5.29 6.19
N GLN C 638 -26.71 -5.53 6.50
CA GLN C 638 -25.62 -4.85 5.81
C GLN C 638 -25.23 -5.51 4.50
N ILE C 639 -25.92 -6.56 4.08
CA ILE C 639 -25.65 -7.19 2.79
C ILE C 639 -26.66 -6.66 1.77
N ASP C 640 -26.19 -6.45 0.54
CA ASP C 640 -27.07 -6.04 -0.53
C ASP C 640 -28.00 -7.18 -0.93
N PRO C 641 -29.21 -6.86 -1.41
CA PRO C 641 -30.15 -7.93 -1.82
C PRO C 641 -29.72 -8.68 -3.08
N ALA C 642 -28.72 -8.21 -3.82
CA ALA C 642 -28.23 -8.94 -4.98
C ALA C 642 -27.48 -10.22 -4.60
N ILE C 643 -26.82 -10.23 -3.45
CA ILE C 643 -26.23 -11.46 -2.95
C ILE C 643 -27.32 -12.40 -2.44
N LEU C 644 -28.31 -11.86 -1.74
CA LEU C 644 -29.45 -12.64 -1.26
C LEU C 644 -30.39 -12.96 -2.43
N ARG C 645 -29.95 -13.93 -3.23
CA ARG C 645 -30.59 -14.31 -4.47
C ARG C 645 -30.43 -15.81 -4.67
N PRO C 646 -31.50 -16.50 -5.09
CA PRO C 646 -31.41 -17.97 -5.24
C PRO C 646 -30.52 -18.43 -6.39
N GLY C 647 -30.07 -17.54 -7.26
CA GLY C 647 -29.11 -17.96 -8.28
C GLY C 647 -27.72 -18.17 -7.71
N ARG C 648 -27.41 -17.52 -6.58
CA ARG C 648 -26.11 -17.63 -5.93
C ARG C 648 -26.22 -18.27 -4.54
N LEU C 649 -27.24 -17.90 -3.77
CA LEU C 649 -27.45 -18.48 -2.45
C LEU C 649 -28.90 -18.94 -2.30
N ASP C 650 -29.11 -20.26 -2.23
CA ASP C 650 -30.45 -20.81 -2.32
C ASP C 650 -31.26 -20.57 -1.06
N GLN C 651 -30.81 -21.10 0.07
CA GLN C 651 -31.49 -20.89 1.34
C GLN C 651 -30.66 -20.00 2.26
N LEU C 652 -31.35 -19.29 3.14
CA LEU C 652 -30.74 -18.42 4.14
C LEU C 652 -31.19 -18.94 5.49
N ILE C 653 -30.40 -19.86 6.05
CA ILE C 653 -30.78 -20.53 7.29
C ILE C 653 -30.35 -19.68 8.48
N TYR C 654 -31.24 -19.57 9.46
CA TYR C 654 -31.02 -18.76 10.64
C TYR C 654 -30.81 -19.68 11.83
N VAL C 655 -29.65 -19.57 12.47
CA VAL C 655 -29.34 -20.36 13.66
C VAL C 655 -30.04 -19.73 14.85
N PRO C 656 -31.01 -20.39 15.45
CA PRO C 656 -31.78 -19.78 16.55
C PRO C 656 -31.08 -19.96 17.89
N LEU C 657 -31.69 -19.39 18.91
CA LEU C 657 -31.20 -19.61 20.27
C LEU C 657 -31.61 -20.99 20.75
N PRO C 658 -30.68 -21.76 21.32
CA PRO C 658 -31.01 -23.12 21.76
C PRO C 658 -31.88 -23.11 23.02
N ASP C 659 -32.95 -23.89 22.98
CA ASP C 659 -33.87 -24.01 24.09
C ASP C 659 -33.35 -25.05 25.09
N GLU C 660 -34.22 -25.46 26.02
CA GLU C 660 -33.85 -26.47 27.02
C GLU C 660 -33.55 -27.84 26.39
N ASN C 661 -34.28 -28.22 25.35
CA ASN C 661 -34.06 -29.49 24.68
C ASN C 661 -32.76 -29.49 23.89
N ALA C 662 -32.40 -28.35 23.31
CA ALA C 662 -31.23 -28.30 22.43
C ALA C 662 -29.95 -28.08 23.21
N ARG C 663 -29.96 -27.25 24.25
CA ARG C 663 -28.74 -26.89 24.95
C ARG C 663 -28.24 -27.96 25.90
N LEU C 664 -29.04 -28.99 26.19
CA LEU C 664 -28.53 -30.10 26.99
C LEU C 664 -27.54 -30.94 26.19
N SER C 665 -27.74 -31.05 24.88
CA SER C 665 -26.81 -31.75 24.02
C SER C 665 -25.62 -30.90 23.61
N ILE C 666 -25.66 -29.59 23.88
CA ILE C 666 -24.51 -28.74 23.60
C ILE C 666 -23.41 -28.99 24.63
N LEU C 667 -23.79 -29.07 25.91
CA LEU C 667 -22.82 -29.39 26.95
C LEU C 667 -22.34 -30.83 26.86
N ASN C 668 -23.17 -31.74 26.34
CA ASN C 668 -22.73 -33.10 26.07
C ASN C 668 -21.79 -33.18 24.86
N ALA C 669 -21.82 -32.17 23.99
CA ALA C 669 -20.93 -32.17 22.83
C ALA C 669 -19.53 -31.73 23.20
N GLN C 670 -19.40 -30.85 24.20
CA GLN C 670 -18.08 -30.41 24.65
C GLN C 670 -17.46 -31.38 25.64
N LEU C 671 -18.29 -32.11 26.39
CA LEU C 671 -17.80 -33.08 27.37
C LEU C 671 -17.74 -34.46 26.74
N ARG C 672 -16.84 -34.58 25.75
CA ARG C 672 -16.62 -35.83 25.04
C ARG C 672 -15.41 -36.58 25.57
N LYS C 673 -14.24 -35.93 25.57
CA LYS C 673 -13.01 -36.52 26.09
C LYS C 673 -12.64 -35.76 27.36
N THR C 674 -13.22 -36.18 28.48
CA THR C 674 -13.01 -35.55 29.78
C THR C 674 -12.88 -36.62 30.85
N PRO C 675 -11.94 -36.46 31.79
CA PRO C 675 -11.91 -37.37 32.96
C PRO C 675 -12.93 -36.91 33.99
N LEU C 676 -14.18 -37.33 33.76
CA LEU C 676 -15.30 -36.79 34.51
C LEU C 676 -15.37 -37.37 35.92
N GLU C 677 -16.09 -36.66 36.79
CA GLU C 677 -16.36 -37.08 38.15
C GLU C 677 -17.54 -38.05 38.14
N PRO C 678 -17.96 -38.56 39.30
CA PRO C 678 -19.32 -39.12 39.41
C PRO C 678 -20.37 -38.12 38.91
N GLY C 679 -21.28 -38.62 38.08
CA GLY C 679 -22.08 -37.75 37.24
C GLY C 679 -23.17 -37.02 38.01
N LEU C 680 -23.40 -35.78 37.63
CA LEU C 680 -24.48 -34.95 38.15
C LEU C 680 -25.46 -34.66 37.03
N GLU C 681 -26.66 -34.23 37.41
CA GLU C 681 -27.69 -33.96 36.43
C GLU C 681 -27.40 -32.65 35.69
N LEU C 682 -27.53 -32.68 34.37
CA LEU C 682 -27.18 -31.55 33.52
C LEU C 682 -28.40 -30.78 33.02
N THR C 683 -29.61 -31.30 33.21
CA THR C 683 -30.80 -30.55 32.82
C THR C 683 -31.11 -29.41 33.78
N ALA C 684 -30.54 -29.44 34.99
CA ALA C 684 -30.65 -28.30 35.89
C ALA C 684 -29.85 -27.11 35.38
N ILE C 685 -28.73 -27.35 34.71
CA ILE C 685 -28.00 -26.27 34.07
C ILE C 685 -28.70 -25.85 32.79
N ALA C 686 -29.43 -26.76 32.15
CA ALA C 686 -30.16 -26.43 30.93
C ALA C 686 -31.38 -25.57 31.23
N LYS C 687 -32.07 -25.85 32.34
CA LYS C 687 -33.24 -25.07 32.72
C LYS C 687 -32.88 -23.74 33.37
N ALA C 688 -31.62 -23.55 33.79
CA ALA C 688 -31.19 -22.31 34.40
C ALA C 688 -30.52 -21.36 33.42
N THR C 689 -29.84 -21.88 32.40
CA THR C 689 -29.18 -21.04 31.40
C THR C 689 -30.09 -20.85 30.20
N GLN C 690 -31.26 -20.28 30.47
CA GLN C 690 -32.27 -20.07 29.43
C GLN C 690 -31.94 -18.83 28.63
N GLY C 691 -31.92 -18.96 27.31
CA GLY C 691 -31.68 -17.83 26.44
C GLY C 691 -30.24 -17.39 26.35
N PHE C 692 -29.29 -18.31 26.45
CA PHE C 692 -27.87 -17.99 26.35
C PHE C 692 -27.30 -18.53 25.06
N SER C 693 -26.18 -17.95 24.64
CA SER C 693 -25.57 -18.28 23.36
C SER C 693 -24.82 -19.61 23.43
N GLY C 694 -24.34 -20.04 22.27
CA GLY C 694 -23.60 -21.29 22.20
C GLY C 694 -22.20 -21.20 22.76
N ALA C 695 -21.52 -20.07 22.53
CA ALA C 695 -20.21 -19.86 23.14
C ALA C 695 -20.33 -19.47 24.61
N ASP C 696 -21.51 -18.98 25.02
CA ASP C 696 -21.75 -18.69 26.44
C ASP C 696 -21.75 -19.96 27.27
N LEU C 697 -22.22 -21.08 26.69
CA LEU C 697 -22.12 -22.37 27.37
C LEU C 697 -20.69 -22.89 27.40
N LEU C 698 -19.82 -22.41 26.50
CA LEU C 698 -18.42 -22.79 26.57
C LEU C 698 -17.70 -22.07 27.70
N TYR C 699 -18.16 -20.88 28.08
CA TYR C 699 -17.56 -20.16 29.18
C TYR C 699 -17.89 -20.81 30.52
N ILE C 700 -19.07 -21.44 30.63
CA ILE C 700 -19.46 -22.10 31.87
C ILE C 700 -18.64 -23.37 32.06
N VAL C 701 -18.39 -24.12 30.98
CA VAL C 701 -17.64 -25.36 31.10
C VAL C 701 -16.14 -25.09 31.21
N GLN C 702 -15.68 -23.90 30.83
CA GLN C 702 -14.27 -23.56 31.00
C GLN C 702 -13.98 -22.89 32.34
N ARG C 703 -14.98 -22.26 32.94
CA ARG C 703 -14.81 -21.71 34.28
C ARG C 703 -14.67 -22.82 35.32
N ALA C 704 -15.48 -23.88 35.19
CA ALA C 704 -15.34 -25.03 36.08
C ALA C 704 -14.10 -25.84 35.73
N ALA C 705 -13.61 -25.73 34.51
CA ALA C 705 -12.39 -26.44 34.13
C ALA C 705 -11.15 -25.77 34.73
N LYS C 706 -11.12 -24.45 34.79
CA LYS C 706 -10.00 -23.76 35.40
C LYS C 706 -9.99 -23.92 36.91
N TYR C 707 -11.16 -24.07 37.52
CA TYR C 707 -11.23 -24.35 38.95
C TYR C 707 -10.76 -25.76 39.28
N ALA C 708 -10.79 -26.68 38.31
CA ALA C 708 -10.27 -28.02 38.51
C ALA C 708 -8.75 -28.08 38.44
N ILE C 709 -8.12 -27.04 37.88
CA ILE C 709 -6.66 -26.97 37.88
C ILE C 709 -6.13 -26.23 39.11
N LYS C 710 -6.91 -25.29 39.66
CA LYS C 710 -6.44 -24.49 40.79
C LYS C 710 -6.36 -25.32 42.06
N ASP C 711 -7.37 -26.16 42.32
CA ASP C 711 -7.34 -27.00 43.51
C ASP C 711 -6.41 -28.20 43.36
N SER C 712 -6.02 -28.54 42.13
CA SER C 712 -5.09 -29.64 41.92
C SER C 712 -3.66 -29.27 42.31
N ILE C 713 -3.28 -28.01 42.08
CA ILE C 713 -1.96 -27.56 42.50
C ILE C 713 -1.93 -27.38 44.01
N GLU C 714 -3.03 -26.91 44.60
CA GLU C 714 -3.11 -26.76 46.05
C GLU C 714 -3.17 -28.11 46.77
N ALA C 715 -3.64 -29.16 46.09
CA ALA C 715 -3.64 -30.48 46.69
C ALA C 715 -2.23 -31.06 46.76
N HIS C 716 -1.40 -30.76 45.77
CA HIS C 716 -0.01 -31.22 45.75
C HIS C 716 0.82 -30.31 46.66
N ARG C 717 1.29 -30.88 47.77
CA ARG C 717 2.08 -30.20 48.80
C ARG C 717 1.42 -28.94 49.35
N ASN D 209 34.28 -28.75 11.90
CA ASN D 209 34.53 -28.63 10.47
C ASN D 209 33.34 -29.14 9.66
N GLU D 210 32.49 -29.94 10.29
CA GLU D 210 31.34 -30.52 9.62
C GLU D 210 30.23 -30.74 10.63
N VAL D 211 29.01 -30.87 10.12
CA VAL D 211 27.84 -31.11 10.94
C VAL D 211 27.23 -32.46 10.55
N GLY D 212 26.41 -33.00 11.44
CA GLY D 212 25.73 -34.25 11.18
C GLY D 212 24.28 -34.22 11.56
N TYR D 213 23.63 -35.39 11.59
CA TYR D 213 22.23 -35.45 12.00
C TYR D 213 22.09 -35.32 13.51
N ASP D 214 23.15 -35.61 14.26
CA ASP D 214 23.15 -35.40 15.70
C ASP D 214 23.38 -33.95 16.07
N ASP D 215 23.94 -33.15 15.17
CA ASP D 215 24.13 -31.73 15.39
C ASP D 215 22.93 -30.89 14.98
N ILE D 216 21.84 -31.52 14.57
CA ILE D 216 20.61 -30.84 14.18
C ILE D 216 19.48 -31.37 15.06
N GLY D 217 18.84 -30.47 15.80
CA GLY D 217 17.75 -30.83 16.68
C GLY D 217 16.46 -30.11 16.28
N GLY D 218 15.52 -30.11 17.22
CA GLY D 218 14.23 -29.49 16.99
C GLY D 218 13.18 -30.48 16.54
N CYS D 219 12.85 -30.45 15.25
CA CYS D 219 11.89 -31.40 14.72
C CYS D 219 12.54 -32.78 14.57
N ARG D 220 11.73 -33.80 14.77
CA ARG D 220 12.20 -35.18 14.67
C ARG D 220 11.34 -36.01 13.73
N LYS D 221 10.03 -35.79 13.69
CA LYS D 221 9.17 -36.48 12.74
C LYS D 221 9.42 -36.03 11.31
N GLN D 222 9.86 -34.78 11.12
CA GLN D 222 10.22 -34.29 9.81
C GLN D 222 11.69 -34.50 9.47
N MET D 223 12.49 -34.93 10.43
CA MET D 223 13.86 -35.33 10.13
C MET D 223 13.88 -36.65 9.37
N ALA D 224 12.98 -37.58 9.73
CA ALA D 224 12.98 -38.90 9.11
C ALA D 224 12.44 -38.85 7.69
N GLN D 225 11.58 -37.88 7.37
CA GLN D 225 11.02 -37.80 6.03
C GLN D 225 11.99 -37.19 5.03
N ILE D 226 13.07 -36.58 5.50
CA ILE D 226 14.13 -36.10 4.61
C ILE D 226 15.32 -37.04 4.59
N ARG D 227 15.42 -37.97 5.54
CA ARG D 227 16.49 -38.96 5.52
C ARG D 227 16.10 -40.20 4.72
N GLU D 228 14.81 -40.51 4.66
CA GLU D 228 14.32 -41.65 3.89
C GLU D 228 14.21 -41.34 2.40
N MET D 229 14.57 -40.14 1.97
CA MET D 229 14.39 -39.68 0.60
C MET D 229 15.68 -39.36 -0.12
N VAL D 230 16.70 -38.90 0.60
CA VAL D 230 17.98 -38.54 0.00
C VAL D 230 19.09 -39.54 0.34
N GLU D 231 18.91 -40.37 1.37
CA GLU D 231 19.89 -41.38 1.75
C GLU D 231 19.41 -42.79 1.47
N LEU D 232 18.15 -43.07 1.76
CA LEU D 232 17.54 -44.40 1.58
C LEU D 232 17.43 -44.87 0.12
N PRO D 233 17.12 -44.04 -0.89
CA PRO D 233 17.26 -44.54 -2.27
C PRO D 233 18.70 -44.76 -2.70
N LEU D 234 19.67 -44.08 -2.09
CA LEU D 234 21.06 -44.23 -2.50
C LEU D 234 21.77 -45.35 -1.75
N ARG D 235 21.35 -45.66 -0.53
CA ARG D 235 21.94 -46.74 0.24
C ARG D 235 21.20 -48.05 0.07
N HIS D 236 19.87 -48.00 -0.07
CA HIS D 236 19.02 -49.18 -0.23
C HIS D 236 18.28 -49.06 -1.55
N PRO D 237 18.90 -49.48 -2.66
CA PRO D 237 18.24 -49.34 -3.96
C PRO D 237 17.42 -50.53 -4.44
N GLN D 238 17.44 -51.67 -3.75
CA GLN D 238 16.70 -52.84 -4.19
C GLN D 238 15.29 -52.91 -3.61
N LEU D 239 14.79 -51.83 -3.02
CA LEU D 239 13.40 -51.79 -2.57
C LEU D 239 12.48 -51.07 -3.54
N PHE D 240 13.01 -50.19 -4.38
CA PHE D 240 12.16 -49.44 -5.30
C PHE D 240 11.96 -50.16 -6.63
N LYS D 241 13.02 -50.78 -7.17
CA LYS D 241 12.89 -51.50 -8.43
C LYS D 241 12.23 -52.86 -8.26
N ALA D 242 12.28 -53.44 -7.05
CA ALA D 242 11.64 -54.72 -6.82
C ALA D 242 10.13 -54.57 -6.65
N ILE D 243 9.69 -53.50 -6.00
CA ILE D 243 8.27 -53.24 -5.79
C ILE D 243 8.07 -51.73 -5.74
N GLY D 244 7.10 -51.24 -6.51
CA GLY D 244 6.72 -49.85 -6.49
C GLY D 244 7.37 -49.04 -7.59
N ILE D 245 6.96 -47.77 -7.64
CA ILE D 245 7.44 -46.80 -8.61
C ILE D 245 8.78 -46.24 -8.15
N LYS D 246 9.41 -45.45 -9.03
CA LYS D 246 10.71 -44.84 -8.79
C LYS D 246 10.70 -43.95 -7.53
N PRO D 247 11.84 -43.82 -6.84
CA PRO D 247 11.86 -43.04 -5.61
C PRO D 247 11.67 -41.55 -5.90
N PRO D 248 11.15 -40.78 -4.93
CA PRO D 248 10.85 -39.37 -5.19
C PRO D 248 12.11 -38.53 -5.24
N ARG D 249 11.94 -37.31 -5.73
CA ARG D 249 13.04 -36.38 -5.89
C ARG D 249 13.14 -35.48 -4.66
N GLY D 250 13.99 -34.45 -4.72
CA GLY D 250 14.20 -33.60 -3.57
C GLY D 250 13.02 -32.68 -3.29
N VAL D 251 12.97 -32.22 -2.04
CA VAL D 251 11.84 -31.42 -1.57
C VAL D 251 12.26 -29.97 -1.41
N LEU D 252 11.27 -29.11 -1.20
CA LEU D 252 11.47 -27.69 -0.99
C LEU D 252 11.21 -27.38 0.49
N MET D 253 12.26 -26.97 1.20
CA MET D 253 12.14 -26.65 2.61
C MET D 253 11.63 -25.22 2.77
N TYR D 254 10.58 -25.04 3.56
CA TYR D 254 10.04 -23.71 3.80
C TYR D 254 9.77 -23.56 5.29
N GLY D 255 9.35 -22.36 5.67
CA GLY D 255 9.09 -22.03 7.05
C GLY D 255 9.61 -20.65 7.40
N PRO D 256 9.58 -20.30 8.67
CA PRO D 256 10.15 -19.02 9.11
C PRO D 256 11.66 -19.05 9.04
N PRO D 257 12.30 -17.89 8.87
CA PRO D 257 13.77 -17.87 8.77
C PRO D 257 14.42 -18.11 10.12
N GLY D 258 15.40 -19.01 10.15
CA GLY D 258 16.14 -19.30 11.35
C GLY D 258 15.63 -20.50 12.12
N THR D 259 15.35 -21.59 11.41
CA THR D 259 14.95 -22.84 12.04
C THR D 259 15.89 -24.01 11.76
N GLY D 260 17.02 -23.75 11.13
CA GLY D 260 17.94 -24.83 10.77
C GLY D 260 17.62 -25.43 9.42
N LYS D 261 17.32 -24.58 8.45
CA LYS D 261 17.00 -25.01 7.10
C LYS D 261 18.17 -24.87 6.12
N THR D 262 19.24 -24.14 6.45
CA THR D 262 20.46 -24.29 5.65
C THR D 262 21.46 -25.23 6.29
N LEU D 263 21.44 -25.37 7.62
CA LEU D 263 22.24 -26.39 8.29
C LEU D 263 21.73 -27.80 8.01
N MET D 264 20.46 -27.96 7.66
CA MET D 264 19.92 -29.27 7.32
C MET D 264 20.49 -29.78 6.01
N ALA D 265 20.75 -28.89 5.06
CA ALA D 265 21.36 -29.30 3.80
C ALA D 265 22.88 -29.44 3.90
N ARG D 266 23.47 -29.02 5.01
CA ARG D 266 24.91 -29.22 5.20
C ARG D 266 25.22 -30.63 5.69
N ALA D 267 24.34 -31.23 6.51
CA ALA D 267 24.61 -32.56 7.04
C ALA D 267 24.47 -33.65 5.98
N VAL D 268 23.65 -33.42 4.95
CA VAL D 268 23.52 -34.38 3.86
C VAL D 268 24.64 -34.23 2.84
N ALA D 269 25.49 -33.22 2.97
CA ALA D 269 26.64 -33.04 2.09
C ALA D 269 27.92 -33.66 2.67
N ASN D 270 27.86 -34.21 3.87
CA ASN D 270 29.02 -34.86 4.49
C ASN D 270 28.75 -36.29 4.88
N GLU D 271 27.55 -36.60 5.38
CA GLU D 271 27.26 -37.95 5.85
C GLU D 271 26.88 -38.87 4.70
N THR D 272 26.29 -38.34 3.63
CA THR D 272 25.91 -39.17 2.49
C THR D 272 27.12 -39.53 1.63
N GLY D 273 28.06 -38.61 1.47
CA GLY D 273 29.25 -38.85 0.68
C GLY D 273 29.09 -38.67 -0.81
N ALA D 274 27.90 -38.26 -1.28
CA ALA D 274 27.68 -38.07 -2.70
C ALA D 274 28.25 -36.72 -3.15
N PHE D 275 28.17 -36.49 -4.46
CA PHE D 275 28.67 -35.25 -5.03
C PHE D 275 27.71 -34.10 -4.73
N PHE D 276 28.24 -33.03 -4.15
CA PHE D 276 27.46 -31.87 -3.75
C PHE D 276 27.93 -30.65 -4.52
N PHE D 277 26.98 -29.92 -5.10
CA PHE D 277 27.26 -28.68 -5.83
C PHE D 277 26.37 -27.58 -5.28
N LEU D 278 26.98 -26.45 -4.94
CA LEU D 278 26.27 -25.33 -4.33
C LEU D 278 25.86 -24.33 -5.40
N ILE D 279 24.57 -24.00 -5.43
CA ILE D 279 24.02 -23.00 -6.33
C ILE D 279 23.16 -22.04 -5.52
N ASN D 280 23.49 -20.77 -5.55
CA ASN D 280 22.71 -19.73 -4.91
C ASN D 280 21.72 -19.18 -5.93
N GLY D 281 20.69 -18.48 -5.45
CA GLY D 281 19.63 -17.97 -6.29
C GLY D 281 20.07 -16.91 -7.27
N PRO D 282 20.42 -15.73 -6.79
CA PRO D 282 20.90 -14.66 -7.69
C PRO D 282 22.37 -14.74 -8.09
N GLU D 283 23.07 -15.80 -7.70
CA GLU D 283 24.44 -16.00 -8.17
C GLU D 283 24.45 -16.34 -9.65
N VAL D 284 23.41 -17.03 -10.13
CA VAL D 284 23.29 -17.39 -11.54
C VAL D 284 22.62 -16.20 -12.22
N MET D 285 23.43 -15.21 -12.58
CA MET D 285 22.97 -14.03 -13.31
C MET D 285 24.07 -13.59 -14.24
N SER D 286 23.67 -13.04 -15.39
CA SER D 286 24.62 -12.51 -16.35
C SER D 286 23.92 -11.44 -17.18
N LYS D 287 24.71 -10.50 -17.70
CA LYS D 287 24.16 -9.46 -18.55
C LYS D 287 23.82 -9.99 -19.93
N MET D 288 24.40 -11.13 -20.32
CA MET D 288 24.09 -11.75 -21.60
C MET D 288 22.70 -12.35 -21.58
N ALA D 289 22.16 -12.65 -22.76
CA ALA D 289 20.80 -13.17 -22.85
C ALA D 289 20.75 -14.66 -22.51
N GLY D 290 21.70 -15.44 -23.00
CA GLY D 290 21.66 -16.87 -22.84
C GLY D 290 22.27 -17.41 -21.56
N GLU D 291 23.18 -16.64 -20.95
CA GLU D 291 23.94 -17.15 -19.81
C GLU D 291 23.19 -16.96 -18.50
N SER D 292 21.98 -16.40 -18.56
CA SER D 292 21.13 -16.34 -17.38
C SER D 292 20.62 -17.73 -17.05
N GLU D 293 20.43 -18.56 -18.07
CA GLU D 293 19.95 -19.93 -17.85
C GLU D 293 20.95 -20.98 -18.29
N SER D 294 22.09 -20.57 -18.87
CA SER D 294 23.07 -21.55 -19.33
C SER D 294 23.83 -22.17 -18.17
N ASN D 295 24.04 -21.40 -17.10
CA ASN D 295 24.78 -21.94 -15.95
C ASN D 295 23.92 -22.89 -15.14
N LEU D 296 22.60 -22.74 -15.21
CA LEU D 296 21.71 -23.74 -14.61
C LEU D 296 21.70 -25.01 -15.44
N ARG D 297 21.82 -24.88 -16.77
CA ARG D 297 21.75 -26.05 -17.63
C ARG D 297 23.05 -26.85 -17.59
N LYS D 298 24.19 -26.16 -17.47
CA LYS D 298 25.46 -26.86 -17.40
C LYS D 298 25.72 -27.45 -16.03
N ALA D 299 24.98 -27.00 -15.01
CA ALA D 299 25.15 -27.56 -13.67
C ALA D 299 24.31 -28.82 -13.49
N PHE D 300 23.14 -28.88 -14.13
CA PHE D 300 22.30 -30.06 -14.00
C PHE D 300 22.88 -31.24 -14.76
N GLU D 301 23.58 -30.97 -15.87
CA GLU D 301 24.25 -32.07 -16.58
C GLU D 301 25.59 -32.39 -15.93
N GLU D 302 26.12 -31.48 -15.11
CA GLU D 302 27.33 -31.77 -14.34
C GLU D 302 27.05 -32.82 -13.27
N ALA D 303 25.92 -32.70 -12.56
CA ALA D 303 25.56 -33.69 -11.56
C ALA D 303 25.00 -34.95 -12.21
N GLU D 304 24.55 -34.84 -13.47
CA GLU D 304 24.09 -36.02 -14.20
C GLU D 304 25.26 -36.92 -14.60
N LYS D 305 26.46 -36.34 -14.75
CA LYS D 305 27.63 -37.15 -15.08
C LYS D 305 28.11 -37.95 -13.89
N ASN D 306 27.98 -37.39 -12.68
CA ASN D 306 28.38 -38.06 -11.45
C ASN D 306 27.14 -38.58 -10.74
N ALA D 307 26.77 -39.83 -11.04
CA ALA D 307 25.57 -40.40 -10.47
C ALA D 307 25.89 -41.28 -9.27
N PRO D 308 25.25 -41.04 -8.12
CA PRO D 308 24.28 -39.97 -7.87
C PRO D 308 24.90 -38.70 -7.32
N ALA D 309 24.13 -37.62 -7.28
CA ALA D 309 24.61 -36.34 -6.77
C ALA D 309 23.42 -35.54 -6.25
N ILE D 310 23.73 -34.53 -5.44
CA ILE D 310 22.73 -33.66 -4.85
C ILE D 310 23.06 -32.21 -5.20
N ILE D 311 22.01 -31.43 -5.42
CA ILE D 311 22.12 -30.02 -5.80
C ILE D 311 21.27 -29.22 -4.83
N PHE D 312 21.87 -28.19 -4.23
CA PHE D 312 21.18 -27.30 -3.31
C PHE D 312 20.96 -25.96 -3.97
N ILE D 313 19.71 -25.53 -4.06
CA ILE D 313 19.35 -24.23 -4.64
C ILE D 313 18.95 -23.32 -3.48
N ASP D 314 19.83 -22.42 -3.09
CA ASP D 314 19.52 -21.50 -2.00
C ASP D 314 18.74 -20.29 -2.49
N GLU D 315 17.66 -19.97 -1.77
CA GLU D 315 16.79 -18.82 -2.01
C GLU D 315 16.19 -18.85 -3.42
N ILE D 316 15.38 -19.89 -3.67
CA ILE D 316 14.84 -20.12 -5.01
C ILE D 316 13.70 -19.15 -5.34
N ASP D 317 13.17 -18.43 -4.36
CA ASP D 317 12.09 -17.48 -4.62
C ASP D 317 12.59 -16.23 -5.36
N SER D 318 13.90 -15.98 -5.35
CA SER D 318 14.45 -14.90 -6.15
C SER D 318 14.42 -15.24 -7.63
N ILE D 319 14.51 -16.53 -7.97
CA ILE D 319 14.52 -16.96 -9.36
C ILE D 319 13.33 -17.87 -9.68
N ALA D 320 12.24 -17.79 -8.92
CA ALA D 320 10.99 -18.48 -9.25
C ALA D 320 9.79 -17.76 -8.64
N PRO D 321 9.37 -16.61 -9.21
CA PRO D 321 8.10 -16.02 -8.77
C PRO D 321 6.93 -16.52 -9.59
N LYS D 322 5.73 -16.00 -9.32
CA LYS D 322 4.57 -16.30 -10.15
C LYS D 322 4.75 -15.69 -11.54
N ARG D 323 4.56 -16.50 -12.57
CA ARG D 323 4.77 -16.03 -13.94
C ARG D 323 3.68 -15.10 -14.43
N ASP D 324 2.44 -15.28 -13.97
CA ASP D 324 1.34 -14.43 -14.42
C ASP D 324 1.36 -13.06 -13.76
N LYS D 325 2.06 -12.90 -12.64
CA LYS D 325 2.11 -11.61 -11.96
C LYS D 325 3.20 -10.72 -12.54
N THR D 326 4.37 -11.29 -12.83
CA THR D 326 5.44 -10.51 -13.43
C THR D 326 5.13 -10.22 -14.90
N ASN D 327 5.79 -9.20 -15.46
CA ASN D 327 5.53 -8.78 -16.82
C ASN D 327 6.76 -8.10 -17.42
N GLY D 328 7.21 -8.62 -18.56
CA GLY D 328 8.27 -8.00 -19.33
C GLY D 328 9.65 -8.09 -18.70
N GLU D 329 10.12 -9.31 -18.44
CA GLU D 329 11.46 -9.53 -17.95
C GLU D 329 12.09 -10.72 -18.67
N VAL D 330 13.35 -10.99 -18.33
CA VAL D 330 14.04 -12.18 -18.80
C VAL D 330 14.04 -13.29 -17.74
N GLU D 331 13.45 -13.04 -16.57
CA GLU D 331 13.38 -14.06 -15.54
C GLU D 331 12.31 -15.08 -15.86
N ARG D 332 11.35 -14.72 -16.73
CA ARG D 332 10.36 -15.69 -17.17
C ARG D 332 10.97 -16.73 -18.10
N ARG D 333 12.14 -16.45 -18.68
CA ARG D 333 12.89 -17.50 -19.37
C ARG D 333 13.62 -18.39 -18.37
N VAL D 334 13.98 -17.85 -17.20
CA VAL D 334 14.67 -18.64 -16.20
C VAL D 334 13.71 -19.56 -15.45
N VAL D 335 12.50 -19.11 -15.16
CA VAL D 335 11.55 -19.95 -14.44
C VAL D 335 10.94 -21.00 -15.36
N SER D 336 10.96 -20.77 -16.67
CA SER D 336 10.51 -21.78 -17.62
C SER D 336 11.64 -22.71 -18.02
N GLN D 337 12.88 -22.34 -17.70
CA GLN D 337 14.00 -23.25 -17.91
C GLN D 337 13.97 -24.40 -16.91
N LEU D 338 13.57 -24.13 -15.67
CA LEU D 338 13.53 -25.17 -14.64
C LEU D 338 12.38 -26.15 -14.86
N LEU D 339 11.35 -25.76 -15.61
CA LEU D 339 10.25 -26.69 -15.89
C LEU D 339 10.67 -27.78 -16.87
N THR D 340 11.65 -27.51 -17.72
CA THR D 340 12.14 -28.49 -18.68
C THR D 340 13.53 -29.02 -18.35
N LEU D 341 14.07 -28.65 -17.19
CA LEU D 341 15.37 -29.15 -16.75
C LEU D 341 15.27 -30.16 -15.62
N MET D 342 14.35 -29.96 -14.68
CA MET D 342 14.13 -30.93 -13.60
C MET D 342 13.46 -32.19 -14.14
N ASP D 343 12.29 -32.04 -14.76
CA ASP D 343 11.57 -33.13 -15.39
C ASP D 343 11.26 -32.69 -16.81
N GLY D 344 12.20 -32.90 -17.72
CA GLY D 344 12.06 -32.52 -19.12
C GLY D 344 11.63 -33.69 -19.98
N MET D 345 12.32 -33.86 -21.11
CA MET D 345 12.01 -34.96 -22.00
C MET D 345 12.58 -36.28 -21.47
N LYS D 346 13.90 -36.34 -21.27
CA LYS D 346 14.54 -37.51 -20.72
C LYS D 346 15.66 -37.20 -19.73
N ALA D 347 15.77 -35.95 -19.29
CA ALA D 347 16.91 -35.52 -18.47
C ALA D 347 16.65 -35.66 -16.97
N ARG D 348 16.26 -36.86 -16.53
CA ARG D 348 16.06 -37.13 -15.11
C ARG D 348 16.28 -38.63 -14.88
N SER D 349 17.45 -38.98 -14.33
CA SER D 349 17.77 -40.39 -14.07
C SER D 349 17.96 -40.68 -12.58
N ASN D 350 18.96 -40.06 -11.95
CA ASN D 350 19.29 -40.36 -10.57
C ASN D 350 19.58 -39.14 -9.70
N VAL D 351 19.52 -37.93 -10.25
CA VAL D 351 19.88 -36.73 -9.51
C VAL D 351 18.67 -36.26 -8.71
N VAL D 352 18.94 -35.65 -7.55
CA VAL D 352 17.91 -35.08 -6.70
C VAL D 352 18.34 -33.67 -6.31
N VAL D 353 17.38 -32.73 -6.37
CA VAL D 353 17.64 -31.32 -6.14
C VAL D 353 16.82 -30.86 -4.94
N ILE D 354 17.51 -30.36 -3.91
CA ILE D 354 16.86 -29.82 -2.72
C ILE D 354 17.01 -28.30 -2.73
N ALA D 355 16.18 -27.65 -1.91
CA ALA D 355 16.17 -26.20 -1.83
C ALA D 355 15.69 -25.79 -0.45
N ALA D 356 16.01 -24.55 -0.07
CA ALA D 356 15.59 -23.99 1.21
C ALA D 356 15.17 -22.55 1.00
N THR D 357 13.93 -22.23 1.36
CA THR D 357 13.33 -20.93 1.11
C THR D 357 12.52 -20.56 2.36
N ASN D 358 12.07 -19.30 2.45
CA ASN D 358 11.19 -18.88 3.53
C ASN D 358 9.87 -18.29 3.03
N ARG D 359 9.64 -18.29 1.71
CA ARG D 359 8.40 -17.74 1.14
C ARG D 359 7.89 -18.67 0.06
N PRO D 360 7.02 -19.63 0.42
CA PRO D 360 6.47 -20.54 -0.59
C PRO D 360 5.29 -19.96 -1.36
N ASN D 361 4.72 -18.84 -0.92
CA ASN D 361 3.55 -18.29 -1.59
C ASN D 361 3.91 -17.66 -2.91
N SER D 362 5.09 -17.05 -3.02
CA SER D 362 5.55 -16.47 -4.29
C SER D 362 6.39 -17.49 -5.08
N ILE D 363 5.86 -18.69 -5.24
CA ILE D 363 6.43 -19.73 -6.10
C ILE D 363 5.30 -20.18 -7.03
N ASP D 364 5.64 -20.40 -8.30
CA ASP D 364 4.64 -20.79 -9.28
C ASP D 364 4.16 -22.22 -9.01
N PRO D 365 2.87 -22.50 -9.21
CA PRO D 365 2.35 -23.85 -8.94
C PRO D 365 2.80 -24.89 -9.95
N ALA D 366 3.42 -24.49 -11.07
CA ALA D 366 3.94 -25.44 -12.04
C ALA D 366 5.32 -25.98 -11.68
N LEU D 367 5.86 -25.62 -10.53
CA LEU D 367 7.14 -26.13 -10.06
C LEU D 367 7.01 -27.11 -8.90
N ARG D 368 5.81 -27.25 -8.32
CA ARG D 368 5.64 -28.07 -7.13
C ARG D 368 4.82 -29.32 -7.41
N ARG D 369 4.92 -29.88 -8.60
CA ARG D 369 4.24 -31.13 -8.88
C ARG D 369 5.14 -32.32 -8.59
N PHE D 370 4.67 -33.52 -8.95
CA PHE D 370 5.32 -34.77 -8.56
C PHE D 370 6.72 -34.93 -9.15
N GLY D 371 6.96 -34.38 -10.34
CA GLY D 371 8.26 -34.57 -10.97
C GLY D 371 9.36 -33.77 -10.31
N ARG D 372 9.08 -32.53 -9.93
CA ARG D 372 10.12 -31.62 -9.49
C ARG D 372 10.24 -31.53 -7.97
N PHE D 373 9.16 -31.19 -7.28
CA PHE D 373 9.18 -31.05 -5.83
C PHE D 373 7.98 -31.76 -5.21
N ASP D 374 8.25 -32.81 -4.44
CA ASP D 374 7.22 -33.71 -3.95
C ASP D 374 6.48 -33.17 -2.73
N ARG D 375 7.20 -32.93 -1.63
CA ARG D 375 6.58 -32.53 -0.38
C ARG D 375 7.05 -31.15 0.04
N GLU D 376 6.19 -30.46 0.79
CA GLU D 376 6.49 -29.14 1.35
C GLU D 376 6.71 -29.33 2.85
N VAL D 377 7.95 -29.59 3.23
CA VAL D 377 8.28 -29.81 4.63
C VAL D 377 8.35 -28.46 5.36
N ASP D 378 7.62 -28.36 6.47
CA ASP D 378 7.44 -27.11 7.20
C ASP D 378 8.14 -27.23 8.55
N ILE D 379 9.41 -26.83 8.60
CA ILE D 379 10.19 -26.86 9.83
C ILE D 379 9.71 -25.68 10.67
N GLY D 380 8.86 -25.95 11.67
CA GLY D 380 8.18 -24.91 12.41
C GLY D 380 8.80 -24.61 13.76
N ILE D 381 7.97 -24.11 14.65
CA ILE D 381 8.41 -23.71 15.99
C ILE D 381 8.40 -24.93 16.89
N PRO D 382 9.45 -25.18 17.67
CA PRO D 382 9.43 -26.30 18.61
C PRO D 382 8.49 -26.04 19.78
N ASP D 383 8.18 -27.11 20.49
CA ASP D 383 7.23 -27.12 21.59
C ASP D 383 7.93 -27.52 22.89
N ALA D 384 7.13 -27.76 23.94
CA ALA D 384 7.64 -28.21 25.22
C ALA D 384 8.26 -29.60 25.10
N THR D 385 9.46 -29.75 25.68
CA THR D 385 10.35 -30.91 25.52
C THR D 385 10.63 -31.18 24.04
N GLY D 386 10.75 -30.11 23.27
CA GLY D 386 11.15 -30.16 21.87
C GLY D 386 12.22 -29.12 21.57
N ARG D 387 12.32 -28.13 22.45
CA ARG D 387 13.35 -27.10 22.35
C ARG D 387 14.41 -27.25 23.44
N LEU D 388 14.52 -28.43 24.04
CA LEU D 388 15.58 -28.69 25.00
C LEU D 388 16.83 -29.21 24.29
N GLU D 389 16.65 -29.99 23.23
CA GLU D 389 17.78 -30.59 22.53
C GLU D 389 18.48 -29.60 21.62
N VAL D 390 17.83 -28.50 21.23
CA VAL D 390 18.48 -27.49 20.41
C VAL D 390 19.51 -26.69 21.21
N LEU D 391 19.31 -26.54 22.52
CA LEU D 391 20.26 -25.80 23.35
C LEU D 391 21.45 -26.65 23.77
N ARG D 392 21.24 -27.96 23.95
CA ARG D 392 22.29 -28.82 24.50
C ARG D 392 23.42 -29.04 23.50
N ILE D 393 23.08 -29.17 22.21
CA ILE D 393 24.11 -29.41 21.19
C ILE D 393 24.73 -28.12 20.68
N HIS D 394 24.14 -26.96 20.99
CA HIS D 394 24.77 -25.68 20.73
C HIS D 394 25.53 -25.15 21.94
N THR D 395 25.81 -25.99 22.94
CA THR D 395 26.57 -25.60 24.11
C THR D 395 27.56 -26.69 24.53
N LYS D 396 27.62 -27.79 23.76
CA LYS D 396 28.40 -28.97 24.12
C LYS D 396 29.90 -28.68 24.11
N ASN D 397 30.38 -27.95 23.10
CA ASN D 397 31.79 -27.63 23.00
C ASN D 397 32.24 -26.55 23.98
N MET D 398 31.31 -25.86 24.63
CA MET D 398 31.65 -24.80 25.57
C MET D 398 31.85 -25.36 26.97
N LYS D 399 32.72 -24.70 27.75
CA LYS D 399 32.95 -25.10 29.13
C LYS D 399 31.88 -24.49 30.03
N LEU D 400 31.17 -25.35 30.76
CA LEU D 400 30.12 -24.93 31.67
C LEU D 400 30.41 -25.45 33.07
N ALA D 401 29.73 -24.88 34.05
CA ALA D 401 29.84 -25.29 35.44
C ALA D 401 28.81 -26.38 35.74
N ASP D 402 28.62 -26.68 37.03
CA ASP D 402 27.70 -27.72 37.47
C ASP D 402 26.34 -27.18 37.91
N ASP D 403 26.20 -25.86 38.03
CA ASP D 403 24.96 -25.26 38.51
C ASP D 403 24.01 -24.88 37.38
N VAL D 404 24.38 -25.13 36.13
CA VAL D 404 23.51 -24.79 35.01
C VAL D 404 22.38 -25.82 34.90
N ASP D 405 21.22 -25.35 34.44
CA ASP D 405 20.04 -26.20 34.31
C ASP D 405 19.34 -25.80 33.02
N LEU D 406 19.51 -26.62 31.98
CA LEU D 406 18.97 -26.26 30.67
C LEU D 406 17.47 -26.52 30.55
N GLU D 407 16.91 -27.34 31.43
CA GLU D 407 15.47 -27.55 31.40
C GLU D 407 14.71 -26.34 31.92
N ALA D 408 15.35 -25.53 32.76
CA ALA D 408 14.76 -24.28 33.20
C ALA D 408 14.81 -23.20 32.12
N LEU D 409 15.77 -23.30 31.20
CA LEU D 409 15.89 -22.35 30.11
C LEU D 409 14.87 -22.59 29.00
N ALA D 410 14.45 -23.83 28.78
CA ALA D 410 13.49 -24.13 27.73
C ALA D 410 12.09 -23.63 28.05
N ALA D 411 11.76 -23.48 29.33
CA ALA D 411 10.46 -22.97 29.71
C ALA D 411 10.39 -21.44 29.65
N GLU D 412 11.53 -20.76 29.56
CA GLU D 412 11.56 -19.31 29.51
C GLU D 412 12.06 -18.78 28.17
N THR D 413 12.09 -19.62 27.14
CA THR D 413 12.45 -19.22 25.78
C THR D 413 11.33 -19.68 24.87
N HIS D 414 10.45 -18.75 24.47
CA HIS D 414 9.26 -19.09 23.70
C HIS D 414 9.45 -18.87 22.20
N GLY D 415 9.80 -17.65 21.80
CA GLY D 415 10.06 -17.36 20.40
C GLY D 415 11.44 -17.75 19.91
N TYR D 416 12.30 -18.20 20.81
CA TYR D 416 13.67 -18.60 20.49
C TYR D 416 13.61 -19.92 19.72
N VAL D 417 13.83 -19.88 18.41
CA VAL D 417 13.58 -21.08 17.60
C VAL D 417 14.86 -21.81 17.18
N GLY D 418 15.71 -21.21 16.34
CA GLY D 418 16.91 -21.89 15.91
C GLY D 418 18.20 -21.11 16.10
N ALA D 419 18.09 -19.78 16.09
CA ALA D 419 19.24 -18.91 16.16
C ALA D 419 19.22 -17.96 17.35
N ASP D 420 18.03 -17.60 17.84
CA ASP D 420 17.94 -16.85 19.08
C ASP D 420 18.38 -17.69 20.27
N ILE D 421 18.12 -18.99 20.22
CA ILE D 421 18.65 -19.90 21.24
C ILE D 421 20.15 -20.10 21.06
N ALA D 422 20.67 -19.88 19.85
CA ALA D 422 22.11 -19.82 19.64
C ALA D 422 22.69 -18.45 19.92
N SER D 423 21.85 -17.41 19.97
CA SER D 423 22.30 -16.09 20.39
C SER D 423 22.21 -15.90 21.90
N LEU D 424 21.38 -16.69 22.58
CA LEU D 424 21.33 -16.65 24.04
C LEU D 424 22.60 -17.22 24.65
N CYS D 425 23.13 -18.30 24.06
CA CYS D 425 24.40 -18.84 24.49
C CYS D 425 25.58 -18.03 23.98
N SER D 426 25.37 -17.19 22.95
CA SER D 426 26.43 -16.33 22.46
C SER D 426 26.54 -15.05 23.27
N GLU D 427 25.42 -14.48 23.70
CA GLU D 427 25.45 -13.25 24.48
C GLU D 427 25.86 -13.52 25.92
N ALA D 428 25.48 -14.67 26.46
CA ALA D 428 25.89 -15.01 27.82
C ALA D 428 27.38 -15.36 27.89
N ALA D 429 27.94 -15.84 26.77
CA ALA D 429 29.38 -16.10 26.73
C ALA D 429 30.18 -14.81 26.61
N MET D 430 29.62 -13.80 25.94
CA MET D 430 30.30 -12.50 25.84
C MET D 430 30.29 -11.77 27.18
N GLN D 431 29.25 -11.98 27.99
CA GLN D 431 29.19 -11.36 29.31
C GLN D 431 30.23 -11.95 30.26
N GLN D 432 30.55 -13.23 30.09
CA GLN D 432 31.60 -13.84 30.90
C GLN D 432 32.98 -13.29 30.54
N ILE D 433 33.18 -12.92 29.28
CA ILE D 433 34.43 -12.30 28.86
C ILE D 433 34.51 -10.87 29.36
N ARG D 434 33.37 -10.18 29.41
CA ARG D 434 33.34 -8.79 29.86
C ARG D 434 33.67 -8.67 31.34
N GLU D 435 33.22 -9.63 32.15
CA GLU D 435 33.58 -9.62 33.57
C GLU D 435 34.94 -10.21 33.85
N LYS D 436 35.61 -10.79 32.85
CA LYS D 436 36.93 -11.37 33.00
C LYS D 436 38.05 -10.46 32.53
N MET D 437 37.72 -9.24 32.10
CA MET D 437 38.73 -8.31 31.61
C MET D 437 39.48 -7.60 32.74
N ASP D 438 39.06 -7.77 33.99
CA ASP D 438 39.73 -7.15 35.11
C ASP D 438 40.99 -7.90 35.52
N LEU D 452 45.21 -19.84 29.07
CA LEU D 452 45.76 -19.17 30.24
C LEU D 452 44.89 -19.40 31.47
N ASP D 453 43.67 -18.87 31.43
CA ASP D 453 42.72 -18.99 32.53
C ASP D 453 41.42 -19.60 32.03
N SER D 454 40.89 -20.52 32.82
CA SER D 454 39.63 -21.18 32.51
C SER D 454 38.47 -20.46 33.18
N LEU D 455 37.29 -20.57 32.57
CA LEU D 455 36.11 -19.91 33.11
C LEU D 455 34.99 -20.91 33.31
N GLY D 456 33.82 -20.41 33.68
CA GLY D 456 32.63 -21.23 33.85
C GLY D 456 31.39 -20.40 34.07
N VAL D 457 30.39 -20.65 33.25
CA VAL D 457 29.14 -19.91 33.26
C VAL D 457 28.23 -20.46 34.36
N THR D 458 27.61 -19.56 35.13
CA THR D 458 26.95 -19.95 36.36
C THR D 458 25.62 -19.21 36.55
N MET D 459 24.84 -19.09 35.47
CA MET D 459 23.49 -18.51 35.40
C MET D 459 23.41 -17.02 35.76
N ASP D 460 24.54 -16.34 36.01
CA ASP D 460 24.47 -14.92 36.30
C ASP D 460 24.26 -14.10 35.04
N ASN D 461 24.63 -14.66 33.89
CA ASN D 461 24.54 -13.99 32.61
C ASN D 461 23.52 -14.62 31.65
N PHE D 462 22.90 -15.75 32.02
CA PHE D 462 21.74 -16.20 31.26
C PHE D 462 20.52 -15.34 31.54
N ARG D 463 20.31 -14.96 32.81
CA ARG D 463 19.22 -14.05 33.12
C ARG D 463 19.52 -12.64 32.65
N PHE D 464 20.79 -12.31 32.42
CA PHE D 464 21.13 -11.02 31.84
C PHE D 464 20.88 -11.01 30.34
N ALA D 465 21.23 -12.10 29.65
CA ALA D 465 21.01 -12.19 28.22
C ALA D 465 19.57 -12.52 27.84
N LEU D 466 18.73 -12.89 28.81
CA LEU D 466 17.33 -13.16 28.54
C LEU D 466 16.50 -11.89 28.41
N GLY D 467 17.10 -10.72 28.69
CA GLY D 467 16.34 -9.48 28.61
C GLY D 467 16.00 -9.09 27.18
N ASN D 468 17.02 -9.01 26.31
CA ASN D 468 16.82 -8.72 24.90
C ASN D 468 17.57 -9.75 24.04
N SER D 469 16.93 -10.88 23.79
CA SER D 469 17.44 -11.82 22.80
C SER D 469 16.33 -12.49 21.99
N ASN D 470 15.07 -12.23 22.30
CA ASN D 470 13.94 -12.85 21.60
C ASN D 470 13.61 -12.33 20.19
N PRO D 471 13.67 -11.00 19.88
CA PRO D 471 12.79 -10.60 18.75
C PRO D 471 13.39 -10.74 17.36
N SER D 472 13.47 -11.98 16.87
CA SER D 472 13.87 -12.20 15.49
C SER D 472 12.73 -11.86 14.53
N ALA D 473 11.53 -12.35 14.82
CA ALA D 473 10.35 -11.98 14.06
C ALA D 473 9.62 -10.76 14.63
N LEU D 474 9.65 -10.59 15.95
CA LEU D 474 8.93 -9.51 16.63
C LEU D 474 9.82 -8.31 16.94
N ARG D 475 10.78 -7.99 16.08
CA ARG D 475 11.64 -6.83 16.28
C ARG D 475 10.91 -5.51 16.12
N GLU D 476 9.82 -5.49 15.35
CA GLU D 476 9.11 -4.23 15.11
C GLU D 476 8.30 -3.78 16.32
N THR D 477 7.93 -4.71 17.20
CA THR D 477 6.99 -4.46 18.30
C THR D 477 7.66 -4.71 19.64
N VAL D 478 8.87 -4.17 19.82
CA VAL D 478 9.58 -4.35 21.09
C VAL D 478 9.09 -3.31 22.10
N VAL D 479 8.92 -3.75 23.34
CA VAL D 479 8.47 -2.89 24.43
C VAL D 479 9.67 -2.60 25.33
N GLU D 480 9.83 -1.33 25.70
CA GLU D 480 10.93 -0.89 26.56
C GLU D 480 10.56 0.46 27.16
N SER D 481 10.94 0.69 28.42
CA SER D 481 11.44 -0.33 29.35
C SER D 481 10.63 -0.27 30.65
N VAL D 482 9.33 -0.08 30.51
CA VAL D 482 8.45 0.14 31.65
C VAL D 482 8.24 -1.14 32.44
N ASN D 483 8.28 -1.03 33.76
CA ASN D 483 8.12 -2.17 34.64
C ASN D 483 7.66 -1.68 36.01
N VAL D 484 6.73 -2.42 36.62
CA VAL D 484 6.25 -2.11 37.96
C VAL D 484 6.55 -3.23 38.96
N THR D 485 7.02 -4.39 38.49
CA THR D 485 7.47 -5.54 39.30
C THR D 485 6.40 -6.07 40.25
N TRP D 486 5.12 -5.94 39.86
CA TRP D 486 3.96 -6.55 40.51
C TRP D 486 3.77 -6.11 41.97
N ASP D 487 4.33 -4.96 42.36
CA ASP D 487 4.09 -4.45 43.70
C ASP D 487 3.80 -2.95 43.72
N ASP D 488 3.81 -2.28 42.58
CA ASP D 488 3.39 -0.89 42.51
C ASP D 488 1.88 -0.74 42.34
N VAL D 489 1.16 -1.84 42.15
CA VAL D 489 -0.29 -1.84 42.06
C VAL D 489 -0.86 -2.26 43.41
N GLY D 490 -1.99 -1.67 43.78
CA GLY D 490 -2.60 -1.96 45.07
C GLY D 490 -4.10 -1.91 44.97
N GLY D 491 -4.75 -2.57 45.93
CA GLY D 491 -6.19 -2.63 46.01
C GLY D 491 -6.83 -3.73 45.18
N LEU D 492 -6.23 -4.08 44.04
CA LEU D 492 -6.77 -5.12 43.16
C LEU D 492 -6.15 -6.45 43.56
N ASP D 493 -6.62 -6.98 44.69
CA ASP D 493 -6.14 -8.28 45.14
C ASP D 493 -6.76 -9.41 44.33
N GLU D 494 -8.06 -9.32 44.03
CA GLU D 494 -8.73 -10.35 43.27
C GLU D 494 -8.52 -10.21 41.77
N ILE D 495 -8.12 -9.03 41.29
CA ILE D 495 -7.91 -8.83 39.87
C ILE D 495 -6.53 -9.32 39.46
N LYS D 496 -5.55 -9.25 40.36
CA LYS D 496 -4.21 -9.73 40.03
C LYS D 496 -4.16 -11.25 39.99
N GLU D 497 -4.89 -11.92 40.88
CA GLU D 497 -4.95 -13.37 40.88
C GLU D 497 -5.76 -13.92 39.73
N GLU D 498 -6.74 -13.16 39.23
CA GLU D 498 -7.53 -13.61 38.10
C GLU D 498 -6.78 -13.42 36.78
N LEU D 499 -6.01 -12.33 36.67
CA LEU D 499 -5.28 -12.06 35.44
C LEU D 499 -4.05 -12.95 35.31
N LYS D 500 -3.40 -13.28 36.42
CA LYS D 500 -2.21 -14.12 36.38
C LYS D 500 -2.55 -15.58 36.08
N GLU D 501 -3.69 -16.06 36.59
CA GLU D 501 -4.05 -17.46 36.42
C GLU D 501 -4.47 -17.79 34.99
N THR D 502 -4.88 -16.80 34.20
CA THR D 502 -5.18 -17.06 32.80
C THR D 502 -3.93 -17.14 31.94
N VAL D 503 -2.78 -16.72 32.46
CA VAL D 503 -1.53 -16.76 31.72
C VAL D 503 -0.59 -17.82 32.27
N GLU D 504 -0.53 -17.96 33.60
CA GLU D 504 0.39 -18.91 34.22
C GLU D 504 -0.05 -20.36 34.01
N TYR D 505 -1.37 -20.60 33.94
CA TYR D 505 -1.85 -21.98 33.79
C TYR D 505 -1.59 -22.59 32.41
N PRO D 506 -1.89 -21.94 31.26
CA PRO D 506 -1.65 -22.64 29.98
C PRO D 506 -0.18 -22.71 29.57
N VAL D 507 0.73 -22.05 30.28
CA VAL D 507 2.14 -22.10 29.93
C VAL D 507 2.96 -22.97 30.86
N LEU D 508 2.78 -22.87 32.17
CA LEU D 508 3.56 -23.65 33.11
C LEU D 508 3.04 -25.08 33.28
N HIS D 509 1.75 -25.31 33.06
CA HIS D 509 1.16 -26.64 33.18
C HIS D 509 0.39 -26.96 31.90
N PRO D 510 1.09 -27.41 30.85
CA PRO D 510 0.38 -27.79 29.61
C PRO D 510 -0.24 -29.17 29.69
N ASP D 511 0.23 -30.05 30.58
CA ASP D 511 -0.32 -31.39 30.69
C ASP D 511 -1.70 -31.41 31.35
N GLN D 512 -2.02 -30.41 32.17
CA GLN D 512 -3.31 -30.38 32.84
C GLN D 512 -4.44 -29.97 31.91
N TYR D 513 -4.13 -29.25 30.84
CA TYR D 513 -5.17 -28.81 29.92
C TYR D 513 -5.48 -29.86 28.86
N THR D 514 -4.46 -30.60 28.41
CA THR D 514 -4.70 -31.68 27.46
C THR D 514 -5.25 -32.92 28.13
N LYS D 515 -5.14 -33.04 29.45
CA LYS D 515 -5.78 -34.14 30.16
C LYS D 515 -7.29 -33.94 30.21
N PHE D 516 -7.75 -32.73 30.51
CA PHE D 516 -9.17 -32.42 30.48
C PHE D 516 -9.70 -32.24 29.07
N GLY D 517 -8.84 -31.90 28.11
CA GLY D 517 -9.27 -31.76 26.73
C GLY D 517 -10.09 -30.53 26.45
N LEU D 518 -9.82 -29.43 27.16
CA LEU D 518 -10.58 -28.18 26.99
C LEU D 518 -9.62 -27.03 26.78
N SER D 519 -10.04 -26.08 25.96
CA SER D 519 -9.22 -24.90 25.69
C SER D 519 -9.30 -23.93 26.88
N PRO D 520 -8.22 -23.24 27.20
CA PRO D 520 -8.24 -22.30 28.33
C PRO D 520 -8.94 -20.99 27.97
N SER D 521 -9.01 -20.10 28.95
CA SER D 521 -9.57 -18.77 28.76
C SER D 521 -8.45 -17.81 28.37
N LYS D 522 -8.70 -17.01 27.34
CA LYS D 522 -7.65 -16.16 26.76
C LYS D 522 -8.00 -14.68 26.75
N GLY D 523 -9.26 -14.33 26.53
CA GLY D 523 -9.61 -12.92 26.35
C GLY D 523 -9.91 -12.17 27.63
N VAL D 524 -9.11 -11.14 27.91
CA VAL D 524 -9.30 -10.28 29.08
C VAL D 524 -9.62 -8.87 28.59
N LEU D 525 -10.64 -8.25 29.17
CA LEU D 525 -11.06 -6.91 28.80
C LEU D 525 -11.29 -6.08 30.06
N PHE D 526 -10.75 -4.87 30.07
CA PHE D 526 -10.95 -3.92 31.16
C PHE D 526 -11.84 -2.78 30.68
N TYR D 527 -12.93 -2.54 31.40
CA TYR D 527 -13.90 -1.54 30.99
C TYR D 527 -14.29 -0.60 32.13
N GLY D 528 -13.36 -0.39 33.08
CA GLY D 528 -13.62 0.52 34.17
C GLY D 528 -13.51 1.96 33.76
N PRO D 529 -13.80 2.86 34.71
CA PRO D 529 -13.68 4.29 34.43
C PRO D 529 -12.22 4.71 34.33
N PRO D 530 -11.92 5.80 33.63
CA PRO D 530 -10.51 6.23 33.48
C PRO D 530 -9.95 6.78 34.78
N GLY D 531 -8.83 6.22 35.22
CA GLY D 531 -8.15 6.66 36.41
C GLY D 531 -7.96 5.59 37.47
N THR D 532 -8.47 4.38 37.27
CA THR D 532 -8.37 3.33 38.28
C THR D 532 -7.14 2.46 38.11
N GLY D 533 -6.32 2.71 37.10
CA GLY D 533 -5.11 1.92 36.94
C GLY D 533 -5.22 0.81 35.90
N LYS D 534 -5.74 1.11 34.71
CA LYS D 534 -6.11 0.04 33.79
C LYS D 534 -5.18 -0.10 32.58
N THR D 535 -4.55 0.97 32.10
CA THR D 535 -3.63 0.82 30.97
C THR D 535 -2.21 0.45 31.37
N LEU D 536 -1.75 0.89 32.54
CA LEU D 536 -0.47 0.42 33.04
C LEU D 536 -0.59 -0.86 33.86
N LEU D 537 -1.80 -1.43 33.96
CA LEU D 537 -1.93 -2.77 34.51
C LEU D 537 -1.39 -3.81 33.54
N ALA D 538 -1.41 -3.52 32.24
CA ALA D 538 -0.77 -4.38 31.26
C ALA D 538 0.75 -4.25 31.29
N LYS D 539 1.27 -3.16 31.88
CA LYS D 539 2.69 -3.07 32.12
C LYS D 539 3.14 -3.99 33.25
N ALA D 540 2.22 -4.40 34.13
CA ALA D 540 2.55 -5.38 35.15
C ALA D 540 2.76 -6.76 34.56
N VAL D 541 1.91 -7.15 33.60
CA VAL D 541 2.07 -8.44 32.93
C VAL D 541 3.07 -8.37 31.78
N ALA D 542 3.65 -7.20 31.52
CA ALA D 542 4.65 -7.08 30.47
C ALA D 542 6.04 -7.51 30.92
N THR D 543 6.34 -7.41 32.21
CA THR D 543 7.68 -7.71 32.72
C THR D 543 7.70 -8.75 33.82
N GLU D 544 6.56 -9.37 34.15
CA GLU D 544 6.51 -10.36 35.21
C GLU D 544 6.35 -11.78 34.69
N VAL D 545 5.34 -12.04 33.87
CA VAL D 545 5.12 -13.39 33.35
C VAL D 545 6.10 -13.66 32.22
N SER D 546 6.28 -14.94 31.90
CA SER D 546 7.25 -15.36 30.89
C SER D 546 6.51 -15.52 29.57
N ALA D 547 6.29 -14.39 28.88
CA ALA D 547 5.64 -14.39 27.58
C ALA D 547 6.06 -13.12 26.84
N ASN D 548 6.04 -13.20 25.52
CA ASN D 548 6.35 -12.03 24.70
C ASN D 548 5.20 -11.04 24.75
N PHE D 549 5.53 -9.76 24.61
CA PHE D 549 4.56 -8.68 24.72
C PHE D 549 4.51 -7.90 23.41
N ILE D 550 3.31 -7.76 22.86
CA ILE D 550 3.07 -6.95 21.66
C ILE D 550 2.15 -5.80 22.08
N SER D 551 2.52 -4.59 21.69
CA SER D 551 1.81 -3.38 22.10
C SER D 551 1.17 -2.71 20.89
N VAL D 552 -0.12 -2.43 20.98
CA VAL D 552 -0.83 -1.64 19.99
C VAL D 552 -1.41 -0.43 20.73
N LYS D 553 -0.80 0.74 20.51
CA LYS D 553 -1.18 1.96 21.22
C LYS D 553 -2.29 2.66 20.45
N GLY D 554 -3.52 2.18 20.67
CA GLY D 554 -4.69 2.76 20.04
C GLY D 554 -4.75 2.47 18.55
N PRO D 555 -5.15 3.46 17.77
CA PRO D 555 -5.16 3.31 16.30
C PRO D 555 -3.80 3.63 15.69
N GLU D 556 -2.78 2.88 16.10
CA GLU D 556 -1.41 3.09 15.65
C GLU D 556 -1.05 2.29 14.41
N LEU D 557 -2.01 1.55 13.83
CA LEU D 557 -1.71 0.65 12.73
C LEU D 557 -2.66 0.76 11.54
N LEU D 558 -3.64 1.66 11.57
CA LEU D 558 -4.48 1.88 10.40
C LEU D 558 -3.72 2.66 9.34
N SER D 559 -4.13 2.48 8.08
CA SER D 559 -3.46 3.14 6.96
C SER D 559 -4.47 3.43 5.85
N MET D 560 -4.13 4.44 5.04
CA MET D 560 -5.02 4.94 3.97
C MET D 560 -4.63 4.35 2.61
N TRP D 561 -4.56 3.01 2.57
CA TRP D 561 -4.11 2.34 1.35
C TRP D 561 -5.07 1.26 0.94
N TYR D 562 -6.13 1.04 1.76
CA TYR D 562 -7.25 0.12 1.58
C TYR D 562 -6.84 -1.35 1.74
N GLY D 563 -5.53 -1.62 1.79
CA GLY D 563 -5.03 -2.96 2.03
C GLY D 563 -4.31 -3.08 3.35
N GLU D 564 -3.58 -2.03 3.74
CA GLU D 564 -2.79 -2.06 4.97
C GLU D 564 -3.63 -1.70 6.19
N SER D 565 -4.88 -1.31 5.98
CA SER D 565 -5.77 -1.05 7.11
C SER D 565 -6.15 -2.34 7.82
N GLU D 566 -6.29 -3.44 7.09
CA GLU D 566 -6.63 -4.72 7.69
C GLU D 566 -5.48 -5.71 7.66
N SER D 567 -4.49 -5.56 6.78
CA SER D 567 -3.34 -6.44 6.80
C SER D 567 -2.38 -6.13 7.94
N ASN D 568 -2.50 -4.96 8.56
CA ASN D 568 -1.76 -4.69 9.78
C ASN D 568 -2.28 -5.51 10.94
N ILE D 569 -3.56 -5.88 10.92
CA ILE D 569 -4.10 -6.85 11.86
C ILE D 569 -3.53 -8.24 11.56
N ARG D 570 -3.27 -8.53 10.28
CA ARG D 570 -2.93 -9.89 9.87
C ARG D 570 -1.48 -10.24 10.21
N ASP D 571 -0.54 -9.32 9.95
CA ASP D 571 0.87 -9.67 10.13
C ASP D 571 1.29 -9.63 11.59
N ILE D 572 0.47 -9.07 12.47
CA ILE D 572 0.79 -9.05 13.89
C ILE D 572 0.39 -10.37 14.55
N PHE D 573 -0.77 -10.90 14.18
CA PHE D 573 -1.33 -12.05 14.90
C PHE D 573 -0.60 -13.35 14.55
N ASP D 574 -0.24 -13.53 13.28
CA ASP D 574 0.51 -14.74 12.92
C ASP D 574 1.94 -14.67 13.40
N LYS D 575 2.50 -13.46 13.49
CA LYS D 575 3.79 -13.29 14.14
C LYS D 575 3.68 -13.58 15.64
N ALA D 576 2.55 -13.18 16.24
CA ALA D 576 2.27 -13.60 17.61
C ALA D 576 2.00 -15.10 17.70
N ARG D 577 1.38 -15.67 16.65
CA ARG D 577 1.17 -17.11 16.63
C ARG D 577 2.47 -17.87 16.40
N ALA D 578 3.46 -17.22 15.78
CA ALA D 578 4.76 -17.85 15.62
C ALA D 578 5.53 -17.88 16.94
N ALA D 579 5.50 -16.79 17.69
CA ALA D 579 6.18 -16.71 18.98
C ALA D 579 5.26 -17.13 20.13
N ALA D 580 4.69 -18.32 20.02
CA ALA D 580 3.77 -18.82 21.03
C ALA D 580 4.55 -19.37 22.23
N PRO D 581 4.10 -19.09 23.46
CA PRO D 581 2.95 -18.23 23.82
C PRO D 581 3.35 -16.77 23.94
N THR D 582 2.36 -15.87 23.84
CA THR D 582 2.61 -14.45 23.93
C THR D 582 1.32 -13.75 24.36
N VAL D 583 1.45 -12.49 24.72
CA VAL D 583 0.32 -11.66 25.12
C VAL D 583 0.37 -10.35 24.34
N VAL D 584 -0.66 -10.09 23.55
CA VAL D 584 -0.79 -8.82 22.87
C VAL D 584 -1.58 -7.87 23.75
N PHE D 585 -1.48 -6.58 23.46
CA PHE D 585 -2.20 -5.57 24.22
C PHE D 585 -2.86 -4.59 23.27
N LEU D 586 -4.18 -4.51 23.34
CA LEU D 586 -4.96 -3.61 22.50
C LEU D 586 -5.54 -2.53 23.40
N ASP D 587 -4.83 -1.41 23.52
CA ASP D 587 -5.28 -0.28 24.31
C ASP D 587 -6.20 0.60 23.47
N GLU D 588 -7.23 1.15 24.13
CA GLU D 588 -8.21 2.08 23.56
C GLU D 588 -8.92 1.47 22.35
N LEU D 589 -9.72 0.44 22.64
CA LEU D 589 -10.48 -0.27 21.62
C LEU D 589 -11.70 0.49 21.13
N ASP D 590 -11.95 1.71 21.64
CA ASP D 590 -13.07 2.50 21.14
C ASP D 590 -12.82 3.01 19.72
N SER D 591 -11.56 3.09 19.31
CA SER D 591 -11.20 3.50 17.96
C SER D 591 -11.03 2.32 17.00
N ILE D 592 -11.13 1.09 17.50
CA ILE D 592 -10.96 -0.10 16.68
C ILE D 592 -12.27 -0.86 16.52
N ALA D 593 -13.10 -0.89 17.55
CA ALA D 593 -14.33 -1.70 17.55
C ALA D 593 -15.56 -0.88 17.22
N LYS D 594 -15.44 0.13 16.36
CA LYS D 594 -16.59 0.87 15.86
C LYS D 594 -17.07 0.17 14.60
N ALA D 595 -18.15 -0.59 14.73
CA ALA D 595 -18.59 -1.44 13.63
C ALA D 595 -20.03 -1.19 13.21
N ARG D 596 -20.93 -0.96 14.17
CA ARG D 596 -22.34 -0.94 13.85
C ARG D 596 -22.84 0.43 13.39
N GLY D 597 -21.97 1.44 13.38
CA GLY D 597 -22.37 2.75 12.89
C GLY D 597 -21.70 3.13 11.58
N GLY D 598 -22.45 3.13 10.50
CA GLY D 598 -21.91 3.50 9.20
C GLY D 598 -22.94 3.40 8.08
N SER D 599 -23.00 4.39 7.20
CA SER D 599 -22.15 5.58 7.26
C SER D 599 -22.85 6.70 8.03
N LEU D 600 -22.34 6.96 9.24
CA LEU D 600 -22.98 7.90 10.15
C LEU D 600 -22.32 9.28 10.03
N GLY D 601 -22.55 9.91 8.88
CA GLY D 601 -22.20 11.30 8.68
C GLY D 601 -20.72 11.60 8.54
N ASP D 602 -20.00 11.50 9.65
CA ASP D 602 -18.58 11.87 9.70
C ASP D 602 -17.67 10.73 10.13
N ALA D 603 -18.23 9.62 10.65
CA ALA D 603 -17.42 8.48 11.05
C ALA D 603 -16.78 7.77 9.86
N GLY D 604 -17.39 7.87 8.68
CA GLY D 604 -16.78 7.34 7.48
C GLY D 604 -17.09 5.88 7.22
N GLY D 605 -17.38 5.54 5.97
CA GLY D 605 -17.62 4.16 5.60
C GLY D 605 -16.34 3.40 5.36
N ALA D 606 -16.52 2.09 5.09
CA ALA D 606 -15.43 1.13 4.83
C ALA D 606 -14.43 1.06 5.98
N SER D 607 -14.92 1.25 7.20
CA SER D 607 -14.12 1.11 8.42
C SER D 607 -14.47 -0.15 9.21
N ASP D 608 -15.48 -0.90 8.77
CA ASP D 608 -15.84 -2.16 9.40
C ASP D 608 -15.00 -3.32 8.91
N ARG D 609 -14.11 -3.09 7.94
CA ARG D 609 -13.24 -4.16 7.45
C ARG D 609 -12.11 -4.44 8.42
N VAL D 610 -11.70 -3.45 9.21
CA VAL D 610 -10.72 -3.70 10.26
C VAL D 610 -11.36 -4.40 11.45
N VAL D 611 -12.68 -4.29 11.60
CA VAL D 611 -13.37 -5.03 12.65
C VAL D 611 -13.56 -6.48 12.22
N ASN D 612 -13.99 -6.69 10.98
CA ASN D 612 -14.22 -8.04 10.48
C ASN D 612 -12.92 -8.82 10.32
N GLN D 613 -11.81 -8.13 10.11
CA GLN D 613 -10.51 -8.80 10.15
C GLN D 613 -10.12 -9.14 11.58
N LEU D 614 -10.47 -8.28 12.54
CA LEU D 614 -10.20 -8.56 13.95
C LEU D 614 -11.08 -9.70 14.47
N LEU D 615 -12.27 -9.89 13.89
CA LEU D 615 -13.12 -11.01 14.28
C LEU D 615 -12.57 -12.34 13.81
N THR D 616 -11.80 -12.36 12.73
CA THR D 616 -11.25 -13.59 12.17
C THR D 616 -9.85 -13.90 12.68
N GLU D 617 -9.34 -13.14 13.64
CA GLU D 617 -8.02 -13.39 14.20
C GLU D 617 -8.05 -13.74 15.69
N MET D 618 -9.11 -13.36 16.40
CA MET D 618 -9.28 -13.80 17.77
C MET D 618 -9.56 -15.30 17.85
N ASP D 619 -10.62 -15.74 17.17
CA ASP D 619 -10.91 -17.17 17.03
C ASP D 619 -10.74 -17.61 15.58
N GLY D 620 -11.52 -17.03 14.66
CA GLY D 620 -11.34 -17.21 13.23
C GLY D 620 -11.55 -18.64 12.78
N MET D 621 -10.73 -19.07 11.80
CA MET D 621 -10.62 -20.48 11.42
C MET D 621 -9.14 -20.80 11.49
N ASN D 622 -8.66 -21.13 12.69
CA ASN D 622 -7.24 -21.36 12.90
C ASN D 622 -7.10 -22.45 13.96
N ALA D 623 -5.89 -22.61 14.48
CA ALA D 623 -5.60 -23.56 15.54
C ALA D 623 -5.34 -22.81 16.85
N LYS D 624 -5.53 -23.52 17.96
CA LYS D 624 -5.34 -22.93 19.28
C LYS D 624 -3.84 -22.77 19.53
N LYS D 625 -3.33 -21.56 19.38
CA LYS D 625 -1.91 -21.28 19.48
C LYS D 625 -1.53 -20.56 20.77
N ASN D 626 -2.46 -20.49 21.74
CA ASN D 626 -2.23 -19.94 23.08
C ASN D 626 -1.78 -18.48 23.05
N VAL D 627 -2.39 -17.68 22.18
CA VAL D 627 -2.16 -16.24 22.19
C VAL D 627 -3.18 -15.59 23.11
N PHE D 628 -2.75 -14.58 23.85
CA PHE D 628 -3.57 -13.91 24.85
C PHE D 628 -3.80 -12.47 24.43
N VAL D 629 -5.05 -12.03 24.46
CA VAL D 629 -5.43 -10.68 24.05
C VAL D 629 -5.95 -9.94 25.27
N ILE D 630 -5.33 -8.79 25.56
CA ILE D 630 -5.73 -7.93 26.67
C ILE D 630 -6.24 -6.62 26.08
N GLY D 631 -7.50 -6.29 26.37
CA GLY D 631 -8.12 -5.08 25.87
C GLY D 631 -8.37 -4.10 27.00
N ALA D 632 -8.14 -2.83 26.72
CA ALA D 632 -8.35 -1.75 27.69
C ALA D 632 -9.21 -0.68 27.05
N THR D 633 -10.36 -0.39 27.67
CA THR D 633 -11.25 0.64 27.17
C THR D 633 -11.94 1.32 28.35
N ASN D 634 -12.40 2.55 28.11
CA ASN D 634 -13.10 3.32 29.13
C ASN D 634 -14.60 3.43 28.87
N ARG D 635 -15.07 3.04 27.69
CA ARG D 635 -16.50 3.03 27.40
C ARG D 635 -16.90 1.63 26.93
N PRO D 636 -17.58 0.84 27.75
CA PRO D 636 -17.95 -0.52 27.32
C PRO D 636 -19.15 -0.58 26.38
N ASP D 637 -19.84 0.55 26.16
CA ASP D 637 -21.00 0.57 25.29
C ASP D 637 -20.67 0.88 23.83
N GLN D 638 -19.43 1.28 23.54
CA GLN D 638 -19.01 1.58 22.18
C GLN D 638 -18.20 0.45 21.56
N ILE D 639 -18.02 -0.66 22.26
CA ILE D 639 -17.32 -1.81 21.72
C ILE D 639 -18.30 -2.65 20.89
N ASP D 640 -17.79 -3.27 19.84
CA ASP D 640 -18.60 -4.15 18.99
C ASP D 640 -19.05 -5.38 19.78
N PRO D 641 -20.35 -5.67 19.83
CA PRO D 641 -20.81 -6.85 20.58
C PRO D 641 -20.44 -8.18 19.95
N ALA D 642 -19.98 -8.19 18.70
CA ALA D 642 -19.48 -9.44 18.11
C ALA D 642 -18.16 -9.86 18.74
N ILE D 643 -17.38 -8.91 19.24
CA ILE D 643 -16.17 -9.26 19.98
C ILE D 643 -16.52 -9.63 21.41
N LEU D 644 -17.57 -9.03 21.97
CA LEU D 644 -17.98 -9.27 23.35
C LEU D 644 -18.72 -10.60 23.42
N ARG D 645 -17.94 -11.68 23.36
CA ARG D 645 -18.47 -13.03 23.45
C ARG D 645 -17.34 -13.94 23.91
N PRO D 646 -17.65 -15.08 24.54
CA PRO D 646 -16.58 -16.01 24.91
C PRO D 646 -15.94 -16.65 23.69
N GLY D 647 -14.63 -16.87 23.77
CA GLY D 647 -13.87 -17.34 22.64
C GLY D 647 -12.96 -16.26 22.09
N ARG D 648 -13.46 -15.02 22.10
CA ARG D 648 -12.68 -13.85 21.74
C ARG D 648 -12.29 -13.01 22.95
N LEU D 649 -13.27 -12.58 23.74
CA LEU D 649 -13.02 -11.86 24.99
C LEU D 649 -14.06 -12.35 25.99
N ASP D 650 -13.68 -13.33 26.82
CA ASP D 650 -14.60 -13.94 27.77
C ASP D 650 -14.48 -13.37 29.18
N GLN D 651 -13.27 -13.04 29.63
CA GLN D 651 -13.07 -12.54 30.99
C GLN D 651 -13.30 -11.03 31.01
N LEU D 652 -14.56 -10.64 31.16
CA LEU D 652 -14.94 -9.26 31.36
C LEU D 652 -14.93 -8.97 32.86
N ILE D 653 -13.97 -8.15 33.29
CA ILE D 653 -13.83 -7.79 34.70
C ILE D 653 -13.91 -6.27 34.81
N TYR D 654 -14.78 -5.79 35.68
CA TYR D 654 -14.96 -4.36 35.94
C TYR D 654 -14.16 -3.97 37.18
N VAL D 655 -13.33 -2.94 37.03
CA VAL D 655 -12.54 -2.42 38.13
C VAL D 655 -13.24 -1.19 38.69
N PRO D 656 -13.66 -1.21 39.95
CA PRO D 656 -14.35 -0.05 40.52
C PRO D 656 -13.38 0.93 41.16
N LEU D 657 -13.92 2.00 41.73
CA LEU D 657 -13.11 2.91 42.52
C LEU D 657 -12.71 2.23 43.84
N PRO D 658 -11.49 2.49 44.32
CA PRO D 658 -11.05 1.88 45.59
C PRO D 658 -11.81 2.44 46.78
N ASP D 659 -12.27 1.53 47.64
CA ASP D 659 -13.04 1.91 48.82
C ASP D 659 -12.08 2.28 49.96
N GLU D 660 -12.63 2.44 51.16
CA GLU D 660 -11.81 2.85 52.30
C GLU D 660 -10.90 1.74 52.82
N ASN D 661 -11.19 0.48 52.48
CA ASN D 661 -10.30 -0.62 52.84
C ASN D 661 -9.21 -0.83 51.80
N ALA D 662 -9.44 -0.41 50.56
CA ALA D 662 -8.42 -0.47 49.53
C ALA D 662 -7.62 0.82 49.41
N ARG D 663 -8.02 1.87 50.13
CA ARG D 663 -7.29 3.14 50.07
C ARG D 663 -6.08 3.14 50.99
N LEU D 664 -5.90 2.10 51.82
CA LEU D 664 -4.70 2.00 52.63
C LEU D 664 -3.58 1.31 51.87
N SER D 665 -3.93 0.42 50.94
CA SER D 665 -2.94 -0.27 50.11
C SER D 665 -2.66 0.46 48.81
N ILE D 666 -3.20 1.65 48.61
CA ILE D 666 -2.99 2.40 47.37
C ILE D 666 -1.86 3.42 47.49
N LEU D 667 -1.50 3.83 48.70
CA LEU D 667 -0.50 4.89 48.84
C LEU D 667 0.89 4.34 49.08
N ASN D 668 0.98 3.22 49.81
CA ASN D 668 2.30 2.63 50.07
C ASN D 668 2.86 1.96 48.82
N ALA D 669 2.00 1.58 47.88
CA ALA D 669 2.46 1.04 46.60
C ALA D 669 2.84 2.13 45.61
N GLN D 670 2.37 3.36 45.81
CA GLN D 670 2.73 4.45 44.92
C GLN D 670 4.16 4.92 45.17
N LEU D 671 4.49 5.21 46.43
CA LEU D 671 5.80 5.79 46.73
C LEU D 671 6.90 4.73 46.71
N ARG D 672 6.85 3.80 47.68
CA ARG D 672 7.65 2.57 47.80
C ARG D 672 9.14 2.85 48.05
N LYS D 673 9.60 4.11 48.03
CA LYS D 673 10.99 4.42 48.27
C LYS D 673 11.19 5.68 49.11
N THR D 674 10.11 6.27 49.62
CA THR D 674 10.24 7.53 50.33
C THR D 674 10.11 7.32 51.84
N PRO D 675 10.82 8.14 52.65
CA PRO D 675 10.61 8.09 54.10
C PRO D 675 9.22 8.58 54.49
N LEU D 676 8.48 7.76 55.23
CA LEU D 676 7.07 8.02 55.54
C LEU D 676 6.87 8.69 56.88
N GLU D 677 7.91 9.38 57.41
CA GLU D 677 7.92 10.09 58.69
C GLU D 677 7.49 9.18 59.84
N PRO D 678 8.36 8.30 60.34
CA PRO D 678 7.95 7.27 61.33
C PRO D 678 7.41 7.88 62.62
N GLY D 679 6.16 7.55 62.90
CA GLY D 679 5.34 8.25 63.87
C GLY D 679 4.06 8.82 63.30
N LEU D 680 3.92 8.80 61.97
CA LEU D 680 2.74 9.29 61.27
C LEU D 680 1.85 8.11 60.90
N GLU D 681 0.59 8.41 60.58
CA GLU D 681 -0.36 7.39 60.15
C GLU D 681 -1.00 7.83 58.84
N LEU D 682 -1.17 6.89 57.92
CA LEU D 682 -1.79 7.16 56.63
C LEU D 682 -3.24 6.71 56.55
N THR D 683 -3.83 6.27 57.67
CA THR D 683 -5.21 5.80 57.67
C THR D 683 -6.21 6.95 57.61
N ALA D 684 -5.78 8.19 57.87
CA ALA D 684 -6.69 9.33 57.80
C ALA D 684 -7.06 9.66 56.36
N ILE D 685 -6.17 9.40 55.42
CA ILE D 685 -6.49 9.60 54.01
C ILE D 685 -7.39 8.47 53.50
N ALA D 686 -7.32 7.30 54.13
CA ALA D 686 -8.14 6.17 53.69
C ALA D 686 -9.60 6.35 54.07
N LYS D 687 -9.87 6.82 55.29
CA LYS D 687 -11.25 7.03 55.71
C LYS D 687 -11.86 8.29 55.09
N ALA D 688 -11.03 9.29 54.77
CA ALA D 688 -11.49 10.49 54.11
C ALA D 688 -11.32 10.33 52.60
N THR D 689 -11.48 11.45 51.87
CA THR D 689 -11.47 11.60 50.40
C THR D 689 -12.16 10.43 49.67
N GLN D 690 -13.41 10.21 50.06
CA GLN D 690 -14.21 9.14 49.47
C GLN D 690 -14.60 9.48 48.03
N GLY D 691 -14.76 8.45 47.21
CA GLY D 691 -15.11 8.64 45.83
C GLY D 691 -14.01 9.16 44.94
N PHE D 692 -12.75 8.81 45.23
CA PHE D 692 -11.61 9.22 44.45
C PHE D 692 -11.00 8.02 43.74
N SER D 693 -10.57 8.23 42.50
CA SER D 693 -9.98 7.15 41.72
C SER D 693 -8.51 6.95 42.10
N GLY D 694 -7.87 5.99 41.44
CA GLY D 694 -6.47 5.71 41.73
C GLY D 694 -5.52 6.75 41.19
N ALA D 695 -5.90 7.42 40.10
CA ALA D 695 -5.04 8.45 39.52
C ALA D 695 -5.09 9.76 40.30
N ASP D 696 -6.21 10.05 40.96
CA ASP D 696 -6.30 11.28 41.75
C ASP D 696 -5.45 11.19 43.01
N LEU D 697 -5.25 9.99 43.54
CA LEU D 697 -4.40 9.81 44.70
C LEU D 697 -2.92 9.84 44.34
N LEU D 698 -2.60 9.74 43.05
CA LEU D 698 -1.23 9.99 42.61
C LEU D 698 -0.95 11.47 42.50
N TYR D 699 -1.99 12.29 42.29
CA TYR D 699 -1.83 13.72 42.26
C TYR D 699 -1.56 14.29 43.65
N ILE D 700 -2.10 13.64 44.69
CA ILE D 700 -1.88 14.11 46.06
C ILE D 700 -0.44 13.82 46.49
N VAL D 701 0.08 12.65 46.15
CA VAL D 701 1.45 12.30 46.52
C VAL D 701 2.49 12.95 45.63
N GLN D 702 2.07 13.56 44.52
CA GLN D 702 2.97 14.37 43.71
C GLN D 702 2.95 15.84 44.10
N ARG D 703 1.80 16.33 44.58
CA ARG D 703 1.73 17.70 45.07
C ARG D 703 2.48 17.86 46.39
N ALA D 704 2.48 16.82 47.23
CA ALA D 704 3.26 16.86 48.46
C ALA D 704 4.75 16.79 48.17
N ALA D 705 5.13 16.03 47.14
CA ALA D 705 6.52 16.02 46.70
C ALA D 705 6.89 17.27 45.93
N LYS D 706 5.90 17.98 45.38
CA LYS D 706 6.16 19.25 44.72
C LYS D 706 6.55 20.32 45.74
N TYR D 707 5.89 20.34 46.89
CA TYR D 707 6.24 21.25 47.97
C TYR D 707 7.39 20.75 48.82
N ALA D 708 7.74 19.46 48.73
CA ALA D 708 8.87 18.94 49.45
C ALA D 708 10.20 19.41 48.85
N ILE D 709 10.28 19.43 47.51
CA ILE D 709 11.46 19.98 46.86
C ILE D 709 11.43 21.51 46.83
N LYS D 710 10.25 22.12 47.01
CA LYS D 710 10.16 23.57 47.14
C LYS D 710 10.76 24.06 48.45
N ASP D 711 10.73 23.23 49.49
CA ASP D 711 11.37 23.54 50.77
C ASP D 711 12.83 23.08 50.82
N SER D 712 13.42 22.76 49.66
CA SER D 712 14.81 22.33 49.61
C SER D 712 15.61 22.97 48.49
N ILE D 713 15.01 23.86 47.69
CA ILE D 713 15.72 24.54 46.63
C ILE D 713 16.27 25.90 47.05
N GLU D 714 16.15 26.25 48.32
CA GLU D 714 16.66 27.52 48.80
C GLU D 714 18.16 27.41 49.09
N ALA D 715 18.74 28.49 49.63
CA ALA D 715 20.14 28.49 49.98
C ALA D 715 20.38 27.60 51.19
N HIS D 716 21.24 26.60 51.03
CA HIS D 716 21.53 25.64 52.08
C HIS D 716 22.46 26.20 53.16
N ARG D 717 23.05 27.38 52.93
CA ARG D 717 23.94 27.99 53.90
C ARG D 717 23.17 28.53 55.11
N VAL D 747 17.87 23.55 53.44
CA VAL D 747 18.06 23.55 54.89
C VAL D 747 18.44 22.16 55.38
N ASP D 748 17.60 21.17 55.05
CA ASP D 748 17.81 19.81 55.50
C ASP D 748 18.34 18.96 54.34
N PRO D 749 19.48 18.28 54.51
CA PRO D 749 20.00 17.37 53.48
C PRO D 749 19.40 15.96 53.61
N VAL D 750 18.07 15.88 53.69
CA VAL D 750 17.37 14.62 53.86
C VAL D 750 16.00 14.73 53.20
N PRO D 751 15.53 13.72 52.48
CA PRO D 751 14.16 13.75 51.93
C PRO D 751 13.12 13.31 52.96
N TYR D 752 13.00 14.07 54.03
CA TYR D 752 12.10 13.77 55.14
C TYR D 752 10.83 14.59 54.93
N ILE D 753 9.93 14.08 54.11
CA ILE D 753 8.66 14.75 53.83
C ILE D 753 7.73 14.57 55.01
N THR D 754 7.17 15.67 55.51
CA THR D 754 6.34 15.69 56.69
C THR D 754 4.89 15.94 56.32
N LYS D 755 4.05 16.07 57.36
CA LYS D 755 2.63 16.34 57.17
C LYS D 755 2.35 17.77 56.72
N GLU D 756 3.33 18.67 56.82
CA GLU D 756 3.13 20.05 56.35
C GLU D 756 3.06 20.12 54.83
N HIS D 757 3.69 19.17 54.13
CA HIS D 757 3.57 19.11 52.68
C HIS D 757 2.25 18.50 52.22
N PHE D 758 1.64 17.63 53.03
CA PHE D 758 0.36 17.05 52.71
C PHE D 758 -0.82 17.93 53.11
N ALA D 759 -0.57 19.03 53.80
CA ALA D 759 -1.66 19.93 54.20
C ALA D 759 -2.18 20.72 53.01
N GLU D 760 -1.28 21.25 52.17
CA GLU D 760 -1.68 21.96 50.97
C GLU D 760 -1.95 21.04 49.80
N ALA D 761 -1.56 19.76 49.89
CA ALA D 761 -1.85 18.82 48.81
C ALA D 761 -3.31 18.41 48.79
N MET D 762 -3.94 18.31 49.96
CA MET D 762 -5.35 17.98 50.04
C MET D 762 -6.26 19.14 49.67
N LYS D 763 -5.73 20.36 49.60
CA LYS D 763 -6.56 21.52 49.25
C LYS D 763 -6.82 21.56 47.74
N THR D 764 -5.80 21.37 46.94
CA THR D 764 -5.93 21.41 45.48
C THR D 764 -6.28 20.06 44.88
N ALA D 765 -6.46 19.02 45.70
CA ALA D 765 -6.84 17.71 45.19
C ALA D 765 -8.32 17.71 44.81
N LYS D 766 -8.62 17.38 43.56
CA LYS D 766 -9.97 17.39 43.04
C LYS D 766 -10.36 16.02 42.53
N ARG D 767 -11.66 15.82 42.37
CA ARG D 767 -12.22 14.56 41.90
C ARG D 767 -12.38 14.61 40.37
N SER D 768 -11.91 13.56 39.70
CA SER D 768 -11.98 13.53 38.24
C SER D 768 -13.30 12.95 37.76
N VAL D 769 -13.64 11.75 38.21
CA VAL D 769 -14.88 11.10 37.79
C VAL D 769 -16.05 11.75 38.50
N SER D 770 -16.98 12.30 37.72
CA SER D 770 -18.13 12.99 38.27
C SER D 770 -19.17 12.00 38.78
N ASP D 771 -20.17 12.53 39.49
CA ASP D 771 -21.25 11.68 39.99
C ASP D 771 -22.18 11.22 38.88
N ALA D 772 -22.35 12.04 37.84
CA ALA D 772 -23.20 11.65 36.72
C ALA D 772 -22.49 10.65 35.80
N GLU D 773 -21.17 10.71 35.73
CA GLU D 773 -20.42 9.77 34.90
C GLU D 773 -20.30 8.41 35.55
N LEU D 774 -20.38 8.34 36.88
CA LEU D 774 -20.25 7.08 37.59
C LEU D 774 -21.49 6.20 37.45
N ARG D 775 -22.65 6.79 37.17
CA ARG D 775 -23.88 6.02 37.03
C ARG D 775 -23.96 5.24 35.72
N ARG D 776 -23.11 5.57 34.74
CA ARG D 776 -23.14 4.83 33.48
C ARG D 776 -22.48 3.47 33.61
N TYR D 777 -21.50 3.33 34.50
CA TYR D 777 -20.87 2.04 34.72
C TYR D 777 -21.69 1.17 35.68
N GLU D 778 -22.40 1.78 36.61
CA GLU D 778 -23.23 1.07 37.58
C GLU D 778 -24.59 0.69 37.02
N ALA D 779 -24.93 1.13 35.81
CA ALA D 779 -26.22 0.82 35.20
C ALA D 779 -26.27 -0.60 34.64
N TYR D 780 -25.14 -1.30 34.55
CA TYR D 780 -25.14 -2.66 34.01
C TYR D 780 -25.66 -3.66 35.03
N SER D 781 -24.96 -3.78 36.16
CA SER D 781 -25.29 -4.68 37.28
C SER D 781 -25.41 -6.14 36.82
N GLN D 782 -24.50 -6.54 35.93
CA GLN D 782 -24.51 -7.89 35.38
C GLN D 782 -23.96 -8.90 36.38
N ASN E 209 2.28 -21.21 -61.49
CA ASN E 209 1.21 -21.33 -60.51
C ASN E 209 0.71 -19.96 -60.07
N GLU E 210 -0.11 -19.34 -60.90
CA GLU E 210 -0.69 -18.04 -60.62
C GLU E 210 -2.07 -18.19 -59.98
N VAL E 211 -2.47 -17.16 -59.25
CA VAL E 211 -3.73 -17.20 -58.48
C VAL E 211 -4.86 -16.53 -59.25
N GLY E 212 -4.52 -15.72 -60.25
CA GLY E 212 -5.51 -15.05 -61.08
C GLY E 212 -6.33 -14.03 -60.31
N TYR E 213 -7.58 -13.84 -60.78
CA TYR E 213 -8.53 -12.93 -60.14
C TYR E 213 -9.58 -13.66 -59.33
N ASP E 214 -9.73 -14.97 -59.51
CA ASP E 214 -10.74 -15.74 -58.81
C ASP E 214 -10.31 -16.17 -57.41
N ASP E 215 -9.14 -15.75 -56.94
CA ASP E 215 -8.72 -16.08 -55.58
C ASP E 215 -9.55 -15.31 -54.55
N ILE E 216 -9.97 -14.09 -54.88
CA ILE E 216 -10.93 -13.33 -54.08
C ILE E 216 -12.09 -13.00 -55.00
N GLY E 217 -13.16 -13.77 -54.91
CA GLY E 217 -14.31 -13.56 -55.76
C GLY E 217 -15.55 -13.14 -55.01
N GLY E 218 -16.43 -12.39 -55.67
CA GLY E 218 -17.64 -11.92 -55.03
C GLY E 218 -17.47 -10.76 -54.05
N CYS E 219 -16.24 -10.30 -53.84
CA CYS E 219 -15.96 -9.22 -52.89
C CYS E 219 -15.58 -7.94 -53.62
N ARG E 220 -16.28 -7.65 -54.72
CA ARG E 220 -15.98 -6.51 -55.58
C ARG E 220 -16.25 -5.16 -54.93
N LYS E 221 -16.85 -5.13 -53.74
CA LYS E 221 -17.02 -3.86 -53.03
C LYS E 221 -15.70 -3.36 -52.47
N GLN E 222 -14.74 -4.24 -52.21
CA GLN E 222 -13.39 -3.81 -51.89
C GLN E 222 -12.36 -4.29 -52.91
N MET E 223 -12.78 -5.01 -53.95
CA MET E 223 -11.84 -5.52 -54.96
C MET E 223 -11.82 -4.66 -56.22
N ALA E 224 -12.94 -4.03 -56.57
CA ALA E 224 -12.95 -3.14 -57.72
C ALA E 224 -12.42 -1.76 -57.37
N GLN E 225 -12.57 -1.34 -56.12
CA GLN E 225 -12.06 -0.04 -55.70
C GLN E 225 -10.59 -0.10 -55.29
N ILE E 226 -10.05 -1.29 -55.02
CA ILE E 226 -8.63 -1.40 -54.76
C ILE E 226 -7.82 -1.39 -56.06
N ARG E 227 -8.47 -1.64 -57.20
CA ARG E 227 -7.80 -1.53 -58.48
C ARG E 227 -7.75 -0.10 -58.98
N GLU E 228 -8.52 0.80 -58.38
CA GLU E 228 -8.45 2.22 -58.71
C GLU E 228 -7.23 2.90 -58.10
N MET E 229 -6.56 2.25 -57.14
CA MET E 229 -5.44 2.83 -56.42
C MET E 229 -4.08 2.39 -56.96
N VAL E 230 -3.96 1.16 -57.47
CA VAL E 230 -2.69 0.61 -57.91
C VAL E 230 -2.69 0.31 -59.40
N GLU E 231 -3.79 -0.23 -59.94
CA GLU E 231 -3.80 -0.63 -61.35
C GLU E 231 -4.06 0.56 -62.27
N LEU E 232 -5.11 1.32 -61.98
CA LEU E 232 -5.51 2.47 -62.78
C LEU E 232 -4.50 3.62 -62.78
N PRO E 233 -3.74 3.91 -61.69
CA PRO E 233 -2.59 4.81 -61.89
C PRO E 233 -1.48 4.21 -62.73
N LEU E 234 -1.26 2.91 -62.64
CA LEU E 234 -0.20 2.25 -63.41
C LEU E 234 -0.64 1.87 -64.81
N ARG E 235 -1.92 2.03 -65.14
CA ARG E 235 -2.39 1.72 -66.49
C ARG E 235 -1.99 2.80 -67.48
N HIS E 236 -2.20 4.07 -67.12
CA HIS E 236 -1.84 5.20 -67.96
C HIS E 236 -1.65 6.42 -67.07
N PRO E 237 -0.67 7.27 -67.35
CA PRO E 237 -0.49 8.50 -66.58
C PRO E 237 -1.26 9.70 -67.11
N GLN E 238 -2.24 9.51 -67.98
CA GLN E 238 -2.94 10.62 -68.61
C GLN E 238 -4.04 11.22 -67.75
N LEU E 239 -4.63 10.44 -66.84
CA LEU E 239 -5.71 10.97 -66.02
C LEU E 239 -5.23 11.92 -64.93
N PHE E 240 -3.94 11.85 -64.57
CA PHE E 240 -3.38 12.76 -63.57
C PHE E 240 -2.90 14.08 -64.16
N LYS E 241 -2.92 14.22 -65.48
CA LYS E 241 -2.52 15.46 -66.10
C LYS E 241 -3.68 16.45 -66.13
N ALA E 242 -3.36 17.73 -65.86
CA ALA E 242 -4.32 18.84 -65.80
C ALA E 242 -5.44 18.59 -64.79
N ILE E 243 -5.09 18.00 -63.65
CA ILE E 243 -6.05 17.73 -62.59
C ILE E 243 -5.51 18.29 -61.29
N GLY E 244 -4.23 18.66 -61.28
CA GLY E 244 -3.62 19.25 -60.10
C GLY E 244 -2.76 18.28 -59.31
N ILE E 245 -3.17 18.00 -58.08
CA ILE E 245 -2.39 17.14 -57.21
C ILE E 245 -2.63 15.68 -57.59
N LYS E 246 -1.71 14.80 -57.19
CA LYS E 246 -1.81 13.37 -57.41
C LYS E 246 -2.03 12.66 -56.08
N PRO E 247 -3.26 12.22 -55.77
CA PRO E 247 -3.53 11.54 -54.49
C PRO E 247 -2.80 10.22 -54.32
N PRO E 248 -2.96 9.20 -55.24
CA PRO E 248 -2.53 7.86 -54.76
C PRO E 248 -1.03 7.58 -54.91
N ARG E 249 -0.25 8.15 -53.99
CA ARG E 249 1.17 7.86 -53.93
C ARG E 249 1.44 6.57 -53.16
N GLY E 250 0.96 6.49 -51.93
CA GLY E 250 1.08 5.28 -51.13
C GLY E 250 -0.17 5.05 -50.31
N VAL E 251 -0.76 3.88 -50.44
CA VAL E 251 -2.05 3.58 -49.81
C VAL E 251 -1.79 2.76 -48.54
N LEU E 252 -2.71 2.86 -47.59
CA LEU E 252 -2.67 2.07 -46.36
C LEU E 252 -3.94 1.24 -46.25
N MET E 253 -3.76 -0.07 -46.06
CA MET E 253 -4.88 -1.01 -46.00
C MET E 253 -5.04 -1.52 -44.57
N TYR E 254 -6.23 -1.33 -44.00
CA TYR E 254 -6.60 -1.85 -42.70
C TYR E 254 -7.76 -2.83 -42.87
N GLY E 255 -8.13 -3.47 -41.77
CA GLY E 255 -9.24 -4.39 -41.78
C GLY E 255 -8.95 -5.68 -41.03
N PRO E 256 -9.77 -6.70 -41.26
CA PRO E 256 -9.55 -7.99 -40.59
C PRO E 256 -8.36 -8.72 -41.20
N PRO E 257 -7.45 -9.24 -40.36
CA PRO E 257 -6.29 -9.97 -40.89
C PRO E 257 -6.66 -11.40 -41.25
N GLY E 258 -6.18 -11.87 -42.39
CA GLY E 258 -6.39 -13.25 -42.80
C GLY E 258 -7.40 -13.42 -43.92
N THR E 259 -7.63 -12.36 -44.69
CA THR E 259 -8.60 -12.42 -45.77
C THR E 259 -7.99 -12.62 -47.15
N GLY E 260 -6.66 -12.48 -47.27
CA GLY E 260 -6.03 -12.45 -48.57
C GLY E 260 -5.17 -11.23 -48.77
N LYS E 261 -4.64 -10.70 -47.66
CA LYS E 261 -3.73 -9.56 -47.69
C LYS E 261 -2.42 -9.87 -48.41
N THR E 262 -2.00 -11.13 -48.47
CA THR E 262 -0.88 -11.54 -49.30
C THR E 262 -1.32 -12.14 -50.63
N LEU E 263 -2.56 -12.60 -50.75
CA LEU E 263 -3.06 -13.09 -52.03
C LEU E 263 -3.34 -11.94 -52.98
N MET E 264 -3.80 -10.81 -52.46
CA MET E 264 -4.02 -9.63 -53.29
C MET E 264 -2.72 -9.00 -53.74
N ALA E 265 -1.63 -9.19 -52.99
CA ALA E 265 -0.32 -8.78 -53.47
C ALA E 265 0.17 -9.68 -54.60
N ARG E 266 -0.27 -10.94 -54.62
CA ARG E 266 0.01 -11.81 -55.75
C ARG E 266 -0.99 -11.61 -56.89
N ALA E 267 -2.19 -11.11 -56.58
CA ALA E 267 -3.18 -10.89 -57.64
C ALA E 267 -2.83 -9.67 -58.48
N VAL E 268 -2.21 -8.65 -57.89
CA VAL E 268 -1.86 -7.46 -58.66
C VAL E 268 -0.68 -7.75 -59.59
N ALA E 269 0.15 -8.74 -59.26
CA ALA E 269 1.32 -9.06 -60.06
C ALA E 269 0.99 -9.87 -61.30
N ASN E 270 -0.14 -10.58 -61.31
CA ASN E 270 -0.51 -11.42 -62.44
C ASN E 270 -1.45 -10.73 -63.42
N GLU E 271 -2.41 -9.96 -62.93
CA GLU E 271 -3.35 -9.27 -63.81
C GLU E 271 -2.70 -8.06 -64.48
N THR E 272 -1.81 -7.37 -63.76
CA THR E 272 -1.07 -6.25 -64.30
C THR E 272 0.37 -6.68 -64.53
N GLY E 273 0.87 -6.47 -65.74
CA GLY E 273 2.24 -6.85 -66.05
C GLY E 273 3.22 -5.88 -65.46
N ALA E 274 3.91 -6.30 -64.40
CA ALA E 274 4.82 -5.42 -63.67
C ALA E 274 5.88 -6.27 -62.98
N PHE E 275 6.92 -5.59 -62.52
CA PHE E 275 7.99 -6.23 -61.76
C PHE E 275 7.61 -6.21 -60.28
N PHE E 276 7.36 -7.38 -59.71
CA PHE E 276 6.90 -7.52 -58.34
C PHE E 276 8.05 -8.06 -57.49
N PHE E 277 8.42 -7.31 -56.46
CA PHE E 277 9.46 -7.72 -55.51
C PHE E 277 8.78 -7.94 -54.16
N LEU E 278 8.76 -9.19 -53.72
CA LEU E 278 8.03 -9.56 -52.51
C LEU E 278 8.93 -9.50 -51.29
N ILE E 279 8.39 -9.00 -50.18
CA ILE E 279 9.09 -8.94 -48.90
C ILE E 279 8.20 -9.62 -47.87
N ASN E 280 8.73 -10.67 -47.23
CA ASN E 280 7.95 -11.44 -46.27
C ASN E 280 7.70 -10.66 -44.99
N GLY E 281 8.54 -9.68 -44.67
CA GLY E 281 8.34 -8.88 -43.49
C GLY E 281 9.42 -9.08 -42.44
N PRO E 282 9.09 -9.81 -41.38
CA PRO E 282 9.99 -9.90 -40.22
C PRO E 282 11.20 -10.80 -40.39
N GLU E 283 11.52 -11.25 -41.60
CA GLU E 283 12.72 -12.05 -41.83
C GLU E 283 14.00 -11.22 -41.86
N VAL E 284 13.88 -9.90 -41.95
CA VAL E 284 15.05 -9.02 -42.06
C VAL E 284 15.69 -8.77 -40.70
N MET E 285 15.02 -9.17 -39.61
CA MET E 285 15.47 -8.87 -38.26
C MET E 285 16.72 -9.68 -37.92
N SER E 286 17.89 -9.04 -38.04
CA SER E 286 19.16 -9.64 -37.65
C SER E 286 20.10 -8.54 -37.18
N LYS E 287 21.02 -8.91 -36.29
CA LYS E 287 22.00 -7.97 -35.76
C LYS E 287 23.23 -7.93 -36.65
N MET E 288 23.03 -7.40 -37.86
CA MET E 288 24.13 -7.24 -38.81
C MET E 288 23.90 -5.93 -39.55
N ALA E 289 24.85 -4.99 -39.43
CA ALA E 289 24.72 -3.67 -40.04
C ALA E 289 24.94 -3.81 -41.53
N GLY E 290 23.85 -3.93 -42.28
CA GLY E 290 23.91 -4.13 -43.72
C GLY E 290 22.95 -5.21 -44.18
N GLU E 291 22.73 -6.21 -43.31
CA GLU E 291 21.72 -7.22 -43.61
C GLU E 291 20.32 -6.69 -43.36
N SER E 292 20.18 -5.69 -42.49
CA SER E 292 18.89 -5.06 -42.23
C SER E 292 18.88 -3.59 -42.62
N GLU E 293 19.88 -3.13 -43.37
CA GLU E 293 19.93 -1.75 -43.84
C GLU E 293 20.13 -1.63 -45.34
N SER E 294 20.97 -2.48 -45.94
CA SER E 294 21.23 -2.39 -47.36
C SER E 294 20.20 -3.16 -48.19
N ASN E 295 19.58 -4.19 -47.62
CA ASN E 295 18.59 -4.97 -48.35
C ASN E 295 17.28 -4.20 -48.55
N LEU E 296 16.93 -3.29 -47.63
CA LEU E 296 15.75 -2.46 -47.85
C LEU E 296 16.02 -1.38 -48.90
N ARG E 297 17.29 -0.98 -49.06
CA ARG E 297 17.64 -0.06 -50.14
C ARG E 297 17.59 -0.75 -51.49
N LYS E 298 17.80 -2.07 -51.53
CA LYS E 298 17.69 -2.81 -52.77
C LYS E 298 16.25 -2.99 -53.21
N ALA E 299 15.29 -2.90 -52.29
CA ALA E 299 13.89 -3.04 -52.64
C ALA E 299 13.31 -1.78 -53.29
N PHE E 300 14.00 -0.65 -53.16
CA PHE E 300 13.54 0.60 -53.76
C PHE E 300 14.29 0.99 -55.02
N GLU E 301 15.55 0.54 -55.16
CA GLU E 301 16.36 0.93 -56.30
C GLU E 301 16.31 -0.06 -57.44
N GLU E 302 16.12 -1.35 -57.15
CA GLU E 302 16.04 -2.35 -58.21
C GLU E 302 14.73 -2.26 -58.98
N ALA E 303 13.65 -1.85 -58.31
CA ALA E 303 12.36 -1.70 -58.97
C ALA E 303 12.25 -0.40 -59.75
N GLU E 304 13.13 0.57 -59.46
CA GLU E 304 13.06 1.85 -60.17
C GLU E 304 13.57 1.73 -61.60
N LYS E 305 14.70 1.04 -61.79
CA LYS E 305 15.21 0.83 -63.14
C LYS E 305 14.41 -0.22 -63.89
N ASN E 306 13.84 -1.20 -63.17
CA ASN E 306 12.99 -2.21 -63.77
C ASN E 306 11.53 -1.80 -63.56
N ALA E 307 11.08 -0.88 -64.40
CA ALA E 307 9.74 -0.33 -64.27
C ALA E 307 8.69 -1.36 -64.69
N PRO E 308 7.51 -1.38 -64.04
CA PRO E 308 7.02 -0.56 -62.91
C PRO E 308 7.63 -0.93 -61.55
N ALA E 309 7.36 -0.09 -60.54
CA ALA E 309 8.06 -0.19 -59.27
C ALA E 309 7.11 -0.51 -58.12
N ILE E 310 6.25 -1.49 -58.30
CA ILE E 310 5.36 -1.92 -57.22
C ILE E 310 6.16 -2.72 -56.20
N ILE E 311 5.83 -2.51 -54.92
CA ILE E 311 6.50 -3.18 -53.81
C ILE E 311 5.46 -3.52 -52.75
N PHE E 312 5.71 -4.59 -52.00
CA PHE E 312 4.78 -5.07 -51.00
C PHE E 312 5.52 -5.47 -49.74
N ILE E 313 5.03 -5.01 -48.58
CA ILE E 313 5.53 -5.41 -47.28
C ILE E 313 4.35 -5.73 -46.37
N ASP E 314 4.52 -6.69 -45.47
CA ASP E 314 3.47 -7.09 -44.55
C ASP E 314 4.08 -7.42 -43.19
N GLU E 315 3.20 -7.54 -42.20
CA GLU E 315 3.52 -7.81 -40.79
C GLU E 315 4.47 -6.73 -40.24
N ILE E 316 3.95 -5.51 -40.20
CA ILE E 316 4.67 -4.34 -39.72
C ILE E 316 4.09 -3.98 -38.36
N ASP E 317 3.63 -5.01 -37.63
CA ASP E 317 3.16 -4.79 -36.27
C ASP E 317 4.31 -4.46 -35.32
N SER E 318 5.35 -5.29 -35.32
CA SER E 318 6.51 -5.02 -34.48
C SER E 318 7.48 -4.06 -35.14
N ILE E 319 7.55 -4.06 -36.47
CA ILE E 319 8.41 -3.14 -37.20
C ILE E 319 7.79 -1.75 -37.14
N ALA E 320 8.62 -0.74 -36.83
CA ALA E 320 8.28 0.67 -36.61
C ALA E 320 7.20 0.85 -35.56
N PRO E 321 7.51 0.66 -34.26
CA PRO E 321 6.51 0.93 -33.22
C PRO E 321 6.48 2.40 -32.85
N LYS E 322 5.75 2.72 -31.77
CA LYS E 322 5.70 4.10 -31.28
C LYS E 322 7.05 4.51 -30.68
N ARG E 323 7.27 5.81 -30.59
CA ARG E 323 8.57 6.34 -30.18
C ARG E 323 8.83 6.21 -28.69
N ASP E 324 7.81 5.87 -27.90
CA ASP E 324 7.98 5.68 -26.46
C ASP E 324 8.62 4.33 -26.14
N LYS E 325 8.59 3.38 -27.07
CA LYS E 325 9.11 2.05 -26.80
C LYS E 325 10.63 2.00 -26.84
N THR E 326 11.22 2.49 -27.93
CA THR E 326 12.66 2.44 -28.11
C THR E 326 13.17 3.84 -28.44
N ASN E 327 14.48 4.01 -28.28
CA ASN E 327 15.12 5.30 -28.52
C ASN E 327 16.61 5.10 -28.81
N GLY E 328 16.99 5.25 -30.08
CA GLY E 328 18.38 5.13 -30.46
C GLY E 328 18.92 3.73 -30.51
N GLU E 329 18.09 2.74 -30.81
CA GLU E 329 18.53 1.37 -30.90
C GLU E 329 18.78 0.99 -32.36
N VAL E 330 19.02 -0.30 -32.60
CA VAL E 330 19.24 -0.78 -33.97
C VAL E 330 17.91 -0.84 -34.71
N GLU E 331 16.83 -1.22 -34.01
CA GLU E 331 15.51 -1.32 -34.63
C GLU E 331 14.95 0.06 -34.97
N ARG E 332 15.28 1.08 -34.20
CA ARG E 332 14.82 2.42 -34.51
C ARG E 332 15.62 3.04 -35.65
N ARG E 333 16.87 2.62 -35.82
CA ARG E 333 17.70 3.16 -36.91
C ARG E 333 17.28 2.60 -38.26
N VAL E 334 16.84 1.34 -38.29
CA VAL E 334 16.38 0.71 -39.52
C VAL E 334 15.08 1.31 -40.05
N VAL E 335 14.10 1.55 -39.18
CA VAL E 335 12.79 2.02 -39.61
C VAL E 335 12.76 3.49 -39.97
N SER E 336 13.85 4.22 -39.71
CA SER E 336 13.94 5.62 -40.14
C SER E 336 14.46 5.75 -41.57
N GLN E 337 14.99 4.67 -42.16
CA GLN E 337 15.48 4.74 -43.52
C GLN E 337 14.34 4.68 -44.54
N LEU E 338 13.25 4.01 -44.20
CA LEU E 338 12.11 3.94 -45.10
C LEU E 338 11.29 5.22 -45.09
N LEU E 339 11.53 6.11 -44.12
CA LEU E 339 10.84 7.39 -44.11
C LEU E 339 11.34 8.32 -45.21
N THR E 340 12.64 8.26 -45.51
CA THR E 340 13.21 9.08 -46.57
C THR E 340 13.31 8.35 -47.90
N LEU E 341 13.28 7.01 -47.89
CA LEU E 341 13.34 6.26 -49.14
C LEU E 341 11.98 6.24 -49.83
N MET E 342 10.89 6.28 -49.05
CA MET E 342 9.56 6.43 -49.63
C MET E 342 9.36 7.85 -50.16
N ASP E 343 9.91 8.84 -49.46
CA ASP E 343 9.86 10.21 -49.94
C ASP E 343 10.89 10.49 -51.02
N GLY E 344 11.90 9.62 -51.18
CA GLY E 344 12.91 9.83 -52.20
C GLY E 344 12.49 9.40 -53.59
N MET E 345 11.57 8.46 -53.71
CA MET E 345 11.10 8.01 -55.02
C MET E 345 10.07 9.01 -55.55
N LYS E 346 10.48 9.84 -56.51
CA LYS E 346 9.62 10.86 -57.10
C LYS E 346 9.20 10.51 -58.52
N ALA E 347 9.10 9.22 -58.83
CA ALA E 347 8.61 8.79 -60.13
C ALA E 347 7.12 9.06 -60.24
N ARG E 348 6.70 9.60 -61.38
CA ARG E 348 5.32 10.03 -61.58
C ARG E 348 4.45 8.80 -61.84
N SER E 349 3.64 8.44 -60.84
CA SER E 349 2.63 7.36 -60.92
C SER E 349 3.25 6.01 -61.28
N ASN E 350 4.41 5.72 -60.69
CA ASN E 350 5.12 4.47 -60.96
C ASN E 350 5.34 3.64 -59.71
N VAL E 351 5.59 4.28 -58.58
CA VAL E 351 5.80 3.58 -57.31
C VAL E 351 4.53 3.68 -56.48
N VAL E 352 4.21 2.60 -55.76
CA VAL E 352 3.04 2.55 -54.90
C VAL E 352 3.35 1.57 -53.77
N VAL E 353 2.88 1.89 -52.57
CA VAL E 353 3.03 1.02 -51.41
C VAL E 353 1.67 0.39 -51.12
N ILE E 354 1.60 -0.93 -51.18
CA ILE E 354 0.36 -1.68 -51.04
C ILE E 354 0.51 -2.48 -49.74
N ALA E 355 1.16 -1.83 -48.76
CA ALA E 355 1.47 -2.45 -47.47
C ALA E 355 0.22 -2.83 -46.70
N ALA E 356 0.13 -4.10 -46.34
CA ALA E 356 -1.03 -4.67 -45.66
C ALA E 356 -0.65 -5.02 -44.24
N THR E 357 -1.24 -4.31 -43.28
CA THR E 357 -0.88 -4.45 -41.87
C THR E 357 -2.10 -4.25 -41.01
N ASN E 358 -2.38 -5.22 -40.14
CA ASN E 358 -3.49 -5.12 -39.19
C ASN E 358 -3.03 -4.38 -37.94
N ARG E 359 -3.93 -4.36 -36.92
CA ARG E 359 -3.75 -3.77 -35.60
C ARG E 359 -3.30 -2.32 -35.68
N PRO E 360 -4.20 -1.38 -36.02
CA PRO E 360 -3.78 -0.01 -36.35
C PRO E 360 -3.30 0.82 -35.17
N ASN E 361 -3.50 0.37 -33.92
CA ASN E 361 -3.02 1.12 -32.77
C ASN E 361 -1.54 0.93 -32.52
N SER E 362 -0.90 -0.06 -33.15
CA SER E 362 0.53 -0.30 -32.98
C SER E 362 1.39 0.48 -33.95
N ILE E 363 0.83 0.90 -35.08
CA ILE E 363 1.57 1.68 -36.07
C ILE E 363 1.69 3.11 -35.57
N ASP E 364 2.92 3.63 -35.53
CA ASP E 364 3.15 5.01 -35.13
C ASP E 364 2.57 5.97 -36.18
N PRO E 365 2.04 7.11 -35.75
CA PRO E 365 1.43 8.06 -36.69
C PRO E 365 2.42 8.93 -37.46
N ALA E 366 3.72 8.62 -37.41
CA ALA E 366 4.71 9.38 -38.18
C ALA E 366 4.72 9.01 -39.65
N LEU E 367 4.08 7.90 -40.02
CA LEU E 367 4.04 7.45 -41.41
C LEU E 367 2.84 8.00 -42.18
N ARG E 368 1.97 8.77 -41.53
CA ARG E 368 0.78 9.33 -42.15
C ARG E 368 0.78 10.86 -42.06
N ARG E 369 1.92 11.48 -42.33
CA ARG E 369 2.04 12.92 -42.17
C ARG E 369 1.49 13.68 -43.38
N PHE E 370 2.12 13.52 -44.54
CA PHE E 370 1.75 14.30 -45.71
C PHE E 370 1.24 13.43 -46.86
N GLY E 371 2.04 12.50 -47.37
CA GLY E 371 1.63 11.75 -48.53
C GLY E 371 2.09 10.30 -48.57
N ARG E 372 2.65 9.83 -47.45
CA ARG E 372 3.16 8.46 -47.42
C ARG E 372 2.03 7.45 -47.26
N PHE E 373 1.18 7.64 -46.26
CA PHE E 373 0.07 6.72 -46.00
C PHE E 373 -1.19 7.48 -45.65
N ASP E 374 -1.47 8.55 -46.40
CA ASP E 374 -2.67 9.35 -46.18
C ASP E 374 -3.85 8.87 -47.02
N ARG E 375 -3.72 7.75 -47.69
CA ARG E 375 -4.80 7.12 -48.45
C ARG E 375 -5.22 5.89 -47.65
N GLU E 376 -6.34 6.01 -46.93
CA GLU E 376 -6.83 4.94 -46.09
C GLU E 376 -7.86 4.11 -46.84
N VAL E 377 -7.62 2.80 -46.95
CA VAL E 377 -8.58 1.88 -47.55
C VAL E 377 -8.84 0.75 -46.55
N ASP E 378 -10.08 0.30 -46.49
CA ASP E 378 -10.53 -0.71 -45.55
C ASP E 378 -11.12 -1.89 -46.31
N ILE E 379 -10.64 -3.09 -46.01
CA ILE E 379 -11.18 -4.31 -46.61
C ILE E 379 -12.41 -4.72 -45.82
N GLY E 380 -13.56 -4.70 -46.47
CA GLY E 380 -14.79 -5.04 -45.78
C GLY E 380 -14.97 -6.53 -45.60
N ILE E 381 -15.94 -6.88 -44.76
CA ILE E 381 -16.28 -8.29 -44.53
C ILE E 381 -17.02 -8.83 -45.76
N PRO E 382 -16.64 -9.99 -46.29
CA PRO E 382 -17.41 -10.58 -47.40
C PRO E 382 -18.76 -11.13 -46.95
N ASP E 383 -19.72 -10.23 -46.75
CA ASP E 383 -21.06 -10.61 -46.30
C ASP E 383 -22.06 -10.71 -47.44
N ALA E 384 -22.21 -9.65 -48.24
CA ALA E 384 -23.12 -9.66 -49.38
C ALA E 384 -22.47 -10.45 -50.51
N THR E 385 -22.83 -11.74 -50.58
CA THR E 385 -22.43 -12.76 -51.59
C THR E 385 -20.92 -12.79 -51.86
N GLY E 386 -20.13 -12.44 -50.85
CA GLY E 386 -18.68 -12.49 -50.97
C GLY E 386 -18.11 -13.75 -50.36
N ARG E 387 -18.83 -14.32 -49.38
CA ARG E 387 -18.41 -15.55 -48.74
C ARG E 387 -18.76 -16.80 -49.54
N LEU E 388 -19.49 -16.66 -50.64
CA LEU E 388 -19.89 -17.82 -51.43
C LEU E 388 -18.81 -18.27 -52.39
N GLU E 389 -18.00 -17.34 -52.90
CA GLU E 389 -17.00 -17.68 -53.89
C GLU E 389 -15.69 -18.19 -53.29
N VAL E 390 -15.42 -17.85 -52.03
CA VAL E 390 -14.23 -18.41 -51.37
C VAL E 390 -14.44 -19.89 -51.05
N LEU E 391 -15.69 -20.31 -50.87
CA LEU E 391 -16.01 -21.73 -50.80
C LEU E 391 -16.08 -22.37 -52.18
N ARG E 392 -16.28 -21.57 -53.23
CA ARG E 392 -16.36 -22.13 -54.58
C ARG E 392 -15.00 -22.56 -55.09
N ILE E 393 -13.95 -21.82 -54.74
CA ILE E 393 -12.62 -22.13 -55.25
C ILE E 393 -11.91 -23.19 -54.41
N HIS E 394 -12.43 -23.52 -53.23
CA HIS E 394 -11.82 -24.54 -52.39
C HIS E 394 -12.44 -25.91 -52.59
N THR E 395 -13.50 -26.03 -53.39
CA THR E 395 -14.10 -27.32 -53.68
C THR E 395 -13.84 -27.79 -55.11
N LYS E 396 -13.30 -26.94 -55.97
CA LYS E 396 -12.98 -27.36 -57.34
C LYS E 396 -11.71 -28.19 -57.40
N ASN E 397 -10.91 -28.21 -56.34
CA ASN E 397 -9.71 -29.03 -56.28
C ASN E 397 -9.85 -30.23 -55.35
N MET E 398 -10.85 -30.23 -54.47
CA MET E 398 -11.09 -31.33 -53.56
C MET E 398 -12.35 -32.08 -53.97
N LYS E 399 -12.56 -33.23 -53.34
CA LYS E 399 -13.69 -34.09 -53.66
C LYS E 399 -14.88 -33.71 -52.79
N LEU E 400 -16.06 -33.62 -53.41
CA LEU E 400 -17.29 -33.27 -52.71
C LEU E 400 -18.43 -34.12 -53.23
N ALA E 401 -19.34 -34.50 -52.33
CA ALA E 401 -20.53 -35.25 -52.68
C ALA E 401 -21.68 -34.31 -52.96
N ASP E 402 -22.66 -34.80 -53.72
CA ASP E 402 -23.78 -33.98 -54.18
C ASP E 402 -24.94 -34.05 -53.18
N ASP E 403 -24.67 -33.57 -51.97
CA ASP E 403 -25.68 -33.51 -50.92
C ASP E 403 -25.61 -32.26 -50.06
N VAL E 404 -24.75 -31.30 -50.39
CA VAL E 404 -24.62 -30.06 -49.64
C VAL E 404 -25.08 -28.89 -50.49
N ASP E 405 -25.39 -27.78 -49.82
CA ASP E 405 -25.83 -26.55 -50.45
C ASP E 405 -24.95 -25.41 -49.97
N LEU E 406 -24.41 -24.62 -50.90
CA LEU E 406 -23.47 -23.57 -50.51
C LEU E 406 -24.17 -22.36 -49.93
N GLU E 407 -25.42 -22.09 -50.32
CA GLU E 407 -26.16 -20.98 -49.75
C GLU E 407 -26.58 -21.26 -48.30
N ALA E 408 -26.88 -22.52 -47.99
CA ALA E 408 -27.20 -22.87 -46.60
C ALA E 408 -25.96 -22.89 -45.72
N LEU E 409 -24.81 -23.24 -46.28
CA LEU E 409 -23.56 -23.23 -45.52
C LEU E 409 -23.10 -21.82 -45.16
N ALA E 410 -23.37 -20.84 -46.03
CA ALA E 410 -22.97 -19.46 -45.76
C ALA E 410 -24.02 -18.69 -44.96
N ALA E 411 -25.18 -19.29 -44.69
CA ALA E 411 -26.26 -18.60 -43.99
C ALA E 411 -26.46 -19.06 -42.56
N GLU E 412 -25.97 -20.25 -42.18
CA GLU E 412 -26.06 -20.67 -40.78
C GLU E 412 -25.07 -19.90 -39.92
N THR E 413 -23.79 -20.02 -40.23
CA THR E 413 -22.75 -19.27 -39.55
C THR E 413 -22.62 -17.88 -40.19
N HIS E 414 -22.28 -16.90 -39.35
CA HIS E 414 -22.19 -15.52 -39.83
C HIS E 414 -20.85 -14.90 -39.43
N GLY E 415 -20.23 -15.45 -38.38
CA GLY E 415 -18.96 -14.94 -37.92
C GLY E 415 -17.77 -15.51 -38.67
N TYR E 416 -17.23 -14.74 -39.60
CA TYR E 416 -16.11 -15.17 -40.43
C TYR E 416 -14.98 -14.17 -40.33
N VAL E 417 -13.73 -14.67 -40.37
CA VAL E 417 -12.55 -13.82 -40.39
C VAL E 417 -11.73 -14.00 -41.66
N GLY E 418 -12.19 -14.81 -42.59
CA GLY E 418 -11.46 -15.07 -43.83
C GLY E 418 -10.53 -16.27 -43.78
N ALA E 419 -9.64 -16.31 -42.78
CA ALA E 419 -8.76 -17.45 -42.61
C ALA E 419 -9.48 -18.67 -42.05
N ASP E 420 -10.58 -18.46 -41.32
CA ASP E 420 -11.37 -19.58 -40.83
C ASP E 420 -12.23 -20.21 -41.92
N ILE E 421 -12.41 -19.52 -43.05
CA ILE E 421 -13.25 -20.03 -44.12
C ILE E 421 -12.59 -21.24 -44.78
N ALA E 422 -11.26 -21.23 -44.89
CA ALA E 422 -10.55 -22.41 -45.35
C ALA E 422 -10.40 -23.46 -44.25
N SER E 423 -10.71 -23.10 -43.00
CA SER E 423 -10.55 -24.03 -41.89
C SER E 423 -11.81 -24.84 -41.60
N LEU E 424 -13.00 -24.26 -41.81
CA LEU E 424 -14.23 -25.01 -41.57
C LEU E 424 -14.48 -26.05 -42.64
N CYS E 425 -14.11 -25.75 -43.89
CA CYS E 425 -14.26 -26.72 -44.96
C CYS E 425 -13.22 -27.83 -44.87
N SER E 426 -12.02 -27.52 -44.38
CA SER E 426 -11.00 -28.55 -44.21
C SER E 426 -11.26 -29.44 -43.01
N GLU E 427 -12.01 -28.94 -42.02
CA GLU E 427 -12.37 -29.77 -40.88
C GLU E 427 -13.38 -30.84 -41.26
N ALA E 428 -14.22 -30.57 -42.26
CA ALA E 428 -15.18 -31.57 -42.73
C ALA E 428 -14.50 -32.68 -43.52
N ALA E 429 -13.31 -32.41 -44.06
CA ALA E 429 -12.55 -33.45 -44.76
C ALA E 429 -11.97 -34.47 -43.79
N MET E 430 -11.62 -34.03 -42.59
CA MET E 430 -11.11 -34.95 -41.58
C MET E 430 -12.21 -35.78 -40.93
N GLN E 431 -13.47 -35.33 -41.02
CA GLN E 431 -14.57 -36.08 -40.43
C GLN E 431 -14.88 -37.33 -41.24
N GLN E 432 -14.67 -37.30 -42.56
CA GLN E 432 -14.91 -38.46 -43.40
C GLN E 432 -13.86 -39.56 -43.18
N ILE E 433 -12.68 -39.19 -42.67
CA ILE E 433 -11.62 -40.18 -42.47
C ILE E 433 -11.94 -41.05 -41.25
N ARG E 434 -12.43 -40.44 -40.18
CA ARG E 434 -12.63 -41.16 -38.93
C ARG E 434 -13.85 -42.08 -38.95
N GLU E 435 -14.79 -41.88 -39.87
CA GLU E 435 -15.92 -42.79 -39.97
C GLU E 435 -15.64 -43.93 -40.95
N LYS E 436 -14.85 -43.66 -41.99
CA LYS E 436 -14.52 -44.66 -43.01
C LYS E 436 -13.11 -45.18 -42.70
N MET E 437 -13.05 -46.29 -41.98
CA MET E 437 -11.77 -46.89 -41.62
C MET E 437 -11.76 -48.39 -41.93
N SER E 454 -13.11 -40.40 -54.84
CA SER E 454 -14.39 -41.13 -54.79
C SER E 454 -14.97 -41.12 -53.38
N LEU E 455 -14.24 -40.50 -52.45
CA LEU E 455 -14.69 -40.44 -51.07
C LEU E 455 -15.75 -39.37 -50.87
N GLY E 456 -15.37 -38.11 -51.12
CA GLY E 456 -16.29 -37.00 -51.00
C GLY E 456 -16.51 -36.56 -49.57
N VAL E 457 -17.18 -35.42 -49.45
CA VAL E 457 -17.55 -34.87 -48.15
C VAL E 457 -19.08 -34.86 -48.07
N THR E 458 -19.61 -35.57 -47.09
CA THR E 458 -21.05 -35.77 -46.99
C THR E 458 -21.73 -34.56 -46.35
N MET E 459 -23.00 -34.74 -45.99
CA MET E 459 -23.78 -33.65 -45.41
C MET E 459 -23.45 -33.44 -43.94
N ASP E 460 -23.25 -34.53 -43.18
CA ASP E 460 -23.05 -34.42 -41.74
C ASP E 460 -21.62 -34.02 -41.37
N ASN E 461 -20.68 -34.04 -42.32
CA ASN E 461 -19.33 -33.59 -42.02
C ASN E 461 -19.29 -32.08 -41.81
N PHE E 462 -20.08 -31.33 -42.57
CA PHE E 462 -20.21 -29.90 -42.33
C PHE E 462 -21.12 -29.62 -41.14
N ARG E 463 -22.00 -30.55 -40.79
CA ARG E 463 -22.87 -30.36 -39.65
C ARG E 463 -22.10 -30.50 -38.33
N PHE E 464 -20.99 -31.24 -38.35
CA PHE E 464 -20.12 -31.31 -37.19
C PHE E 464 -19.31 -30.02 -37.01
N ALA E 465 -19.21 -29.20 -38.06
CA ALA E 465 -18.34 -28.04 -38.03
C ALA E 465 -18.92 -26.86 -37.25
N LEU E 466 -20.22 -26.83 -37.01
CA LEU E 466 -20.81 -25.70 -36.28
C LEU E 466 -20.57 -25.78 -34.78
N GLY E 467 -20.35 -26.99 -34.24
CA GLY E 467 -20.08 -27.12 -32.82
C GLY E 467 -18.71 -26.59 -32.43
N ASN E 468 -17.75 -26.59 -33.35
CA ASN E 468 -16.45 -25.96 -33.14
C ASN E 468 -16.18 -25.04 -34.34
N SER E 469 -16.69 -23.81 -34.25
CA SER E 469 -16.44 -22.84 -35.31
C SER E 469 -15.03 -22.27 -35.18
N ASN E 470 -14.77 -21.58 -34.05
CA ASN E 470 -13.47 -21.08 -33.60
C ASN E 470 -12.77 -20.16 -34.60
N PRO E 471 -13.26 -18.94 -34.83
CA PRO E 471 -12.56 -18.02 -35.73
C PRO E 471 -11.27 -17.50 -35.10
N SER E 472 -10.46 -16.84 -35.93
CA SER E 472 -9.15 -16.38 -35.49
C SER E 472 -9.25 -15.17 -34.58
N ALA E 473 -10.28 -14.35 -34.74
CA ALA E 473 -10.45 -13.19 -33.87
C ALA E 473 -11.01 -13.58 -32.51
N LEU E 474 -11.97 -14.49 -32.47
CA LEU E 474 -12.56 -14.96 -31.21
C LEU E 474 -11.83 -16.21 -30.71
N ARG E 475 -10.61 -15.98 -30.23
CA ARG E 475 -9.78 -17.04 -29.66
C ARG E 475 -9.58 -16.88 -28.17
N GLU E 476 -10.26 -15.92 -27.54
CA GLU E 476 -10.19 -15.73 -26.10
C GLU E 476 -11.49 -16.02 -25.38
N THR E 477 -12.61 -16.08 -26.09
CA THR E 477 -13.90 -16.37 -25.49
C THR E 477 -14.23 -17.85 -25.70
N VAL E 478 -13.84 -18.67 -24.72
CA VAL E 478 -13.98 -20.11 -24.79
C VAL E 478 -14.93 -20.60 -23.69
N VAL E 479 -15.80 -19.70 -23.22
CA VAL E 479 -16.73 -20.04 -22.15
C VAL E 479 -17.84 -20.94 -22.69
N GLU E 480 -18.58 -21.55 -21.77
CA GLU E 480 -19.63 -22.47 -22.13
C GLU E 480 -20.88 -21.71 -22.57
N SER E 481 -21.49 -22.16 -23.66
CA SER E 481 -22.70 -21.54 -24.18
C SER E 481 -23.93 -22.26 -23.66
N VAL E 482 -24.93 -21.50 -23.25
CA VAL E 482 -26.17 -22.08 -22.74
C VAL E 482 -27.04 -22.60 -23.89
N ASN E 483 -27.76 -23.68 -23.62
CA ASN E 483 -28.65 -24.29 -24.59
C ASN E 483 -30.00 -23.59 -24.51
N VAL E 484 -30.31 -22.78 -25.51
CA VAL E 484 -31.55 -22.00 -25.54
C VAL E 484 -32.23 -22.22 -26.89
N THR E 485 -33.52 -22.56 -26.85
CA THR E 485 -34.34 -22.75 -28.03
C THR E 485 -35.59 -21.86 -27.98
N TRP E 486 -35.42 -20.64 -27.44
CA TRP E 486 -36.44 -19.60 -27.31
C TRP E 486 -37.64 -20.03 -26.47
N ASP E 487 -37.48 -21.02 -25.60
CA ASP E 487 -38.58 -21.44 -24.73
C ASP E 487 -38.16 -21.65 -23.28
N ASP E 488 -36.88 -21.76 -22.97
CA ASP E 488 -36.42 -21.93 -21.60
C ASP E 488 -36.09 -20.61 -20.92
N VAL E 489 -36.27 -19.49 -21.62
CA VAL E 489 -35.98 -18.17 -21.08
C VAL E 489 -37.20 -17.28 -21.32
N GLY E 490 -37.43 -16.33 -20.43
CA GLY E 490 -38.39 -15.28 -20.69
C GLY E 490 -39.83 -15.62 -20.33
N GLY E 491 -40.42 -14.80 -19.46
CA GLY E 491 -41.85 -14.87 -19.21
C GLY E 491 -42.65 -13.86 -19.96
N LEU E 492 -42.00 -12.81 -20.45
CA LEU E 492 -42.64 -11.78 -21.27
C LEU E 492 -42.20 -11.97 -22.72
N ASP E 493 -43.11 -11.64 -23.64
CA ASP E 493 -42.86 -11.89 -25.05
C ASP E 493 -42.91 -10.58 -25.84
N GLU E 494 -43.55 -9.55 -25.27
CA GLU E 494 -43.60 -8.26 -25.93
C GLU E 494 -42.25 -7.54 -25.85
N ILE E 495 -41.63 -7.52 -24.66
CA ILE E 495 -40.34 -6.87 -24.52
C ILE E 495 -39.22 -7.77 -25.07
N LYS E 496 -39.44 -9.09 -25.13
CA LYS E 496 -38.45 -9.99 -25.69
C LYS E 496 -38.36 -9.84 -27.21
N GLU E 497 -39.50 -9.66 -27.88
CA GLU E 497 -39.53 -9.49 -29.32
C GLU E 497 -39.01 -8.12 -29.76
N GLU E 498 -39.08 -7.11 -28.88
CA GLU E 498 -38.65 -5.77 -29.26
C GLU E 498 -37.14 -5.68 -29.39
N LEU E 499 -36.41 -6.33 -28.49
CA LEU E 499 -34.96 -6.38 -28.59
C LEU E 499 -34.49 -7.34 -29.68
N LYS E 500 -35.32 -8.31 -30.06
CA LYS E 500 -34.98 -9.20 -31.16
C LYS E 500 -35.08 -8.48 -32.50
N GLU E 501 -36.04 -7.55 -32.62
CA GLU E 501 -36.28 -6.87 -33.88
C GLU E 501 -35.24 -5.81 -34.21
N THR E 502 -34.69 -5.13 -33.20
CA THR E 502 -33.70 -4.09 -33.45
C THR E 502 -32.28 -4.63 -33.59
N VAL E 503 -32.06 -5.90 -33.24
CA VAL E 503 -30.74 -6.52 -33.37
C VAL E 503 -30.63 -7.40 -34.60
N GLU E 504 -31.75 -7.77 -35.23
CA GLU E 504 -31.74 -8.61 -36.42
C GLU E 504 -31.89 -7.81 -37.71
N TYR E 505 -32.29 -6.53 -37.62
CA TYR E 505 -32.42 -5.73 -38.84
C TYR E 505 -31.08 -5.29 -39.45
N PRO E 506 -30.16 -4.63 -38.74
CA PRO E 506 -28.95 -4.15 -39.45
C PRO E 506 -27.92 -5.22 -39.76
N VAL E 507 -28.10 -6.45 -39.26
CA VAL E 507 -27.14 -7.51 -39.53
C VAL E 507 -27.54 -8.34 -40.75
N LEU E 508 -28.83 -8.41 -41.08
CA LEU E 508 -29.29 -9.24 -42.19
C LEU E 508 -29.15 -8.52 -43.53
N HIS E 509 -29.79 -7.37 -43.67
CA HIS E 509 -29.78 -6.65 -44.93
C HIS E 509 -29.72 -5.14 -44.68
N PRO E 510 -28.86 -4.41 -45.38
CA PRO E 510 -28.72 -2.97 -45.15
C PRO E 510 -29.66 -2.08 -45.96
N ASP E 511 -30.57 -2.66 -46.74
CA ASP E 511 -31.41 -1.84 -47.61
C ASP E 511 -32.57 -1.17 -46.87
N GLN E 512 -32.94 -1.67 -45.68
CA GLN E 512 -34.07 -1.10 -44.96
C GLN E 512 -33.69 0.20 -44.25
N TYR E 513 -32.47 0.26 -43.72
CA TYR E 513 -32.04 1.46 -42.99
C TYR E 513 -31.70 2.60 -43.93
N THR E 514 -31.26 2.30 -45.15
CA THR E 514 -30.95 3.36 -46.12
C THR E 514 -32.20 3.97 -46.70
N LYS E 515 -33.30 3.22 -46.75
CA LYS E 515 -34.55 3.76 -47.31
C LYS E 515 -35.29 4.60 -46.29
N PHE E 516 -35.34 4.16 -45.04
CA PHE E 516 -36.02 4.92 -44.00
C PHE E 516 -35.21 6.15 -43.57
N GLY E 517 -33.88 6.04 -43.55
CA GLY E 517 -33.02 7.15 -43.19
C GLY E 517 -32.74 7.31 -41.71
N LEU E 518 -33.30 6.45 -40.86
CA LEU E 518 -33.08 6.55 -39.43
C LEU E 518 -31.79 5.84 -39.03
N SER E 519 -31.10 6.40 -38.05
CA SER E 519 -29.84 5.82 -37.60
C SER E 519 -30.11 4.59 -36.73
N PRO E 520 -29.33 3.52 -36.88
CA PRO E 520 -29.56 2.31 -36.08
C PRO E 520 -29.06 2.50 -34.65
N SER E 521 -29.83 1.97 -33.70
CA SER E 521 -29.47 2.04 -32.29
C SER E 521 -28.38 1.01 -32.00
N LYS E 522 -27.31 1.46 -31.33
CA LYS E 522 -26.16 0.61 -31.03
C LYS E 522 -26.07 0.44 -29.51
N GLY E 523 -26.51 -0.71 -29.03
CA GLY E 523 -26.43 -1.02 -27.61
C GLY E 523 -27.75 -0.79 -26.91
N VAL E 524 -28.02 -1.62 -25.90
CA VAL E 524 -29.23 -1.52 -25.10
C VAL E 524 -28.84 -1.67 -23.63
N LEU E 525 -29.61 -1.02 -22.76
CA LEU E 525 -29.36 -1.06 -21.32
C LEU E 525 -30.48 -1.83 -20.62
N PHE E 526 -30.10 -2.70 -19.68
CA PHE E 526 -31.04 -3.43 -18.86
C PHE E 526 -30.96 -2.96 -17.42
N TYR E 527 -32.13 -2.71 -16.82
CA TYR E 527 -32.18 -2.28 -15.44
C TYR E 527 -33.47 -2.76 -14.81
N GLY E 528 -33.45 -2.93 -13.49
CA GLY E 528 -34.59 -3.39 -12.75
C GLY E 528 -34.20 -4.15 -11.50
N PRO E 529 -35.10 -5.02 -11.01
CA PRO E 529 -34.79 -5.79 -9.82
C PRO E 529 -33.81 -6.91 -10.13
N PRO E 530 -32.97 -7.29 -9.18
CA PRO E 530 -32.04 -8.40 -9.43
C PRO E 530 -32.74 -9.75 -9.40
N GLY E 531 -32.28 -10.65 -10.25
CA GLY E 531 -32.90 -11.96 -10.35
C GLY E 531 -34.14 -12.01 -11.19
N THR E 532 -34.26 -11.11 -12.17
CA THR E 532 -35.44 -11.03 -13.02
C THR E 532 -35.18 -11.67 -14.39
N GLY E 533 -33.91 -11.90 -14.73
CA GLY E 533 -33.56 -12.47 -16.01
C GLY E 533 -32.88 -11.47 -16.91
N LYS E 534 -31.97 -10.68 -16.35
CA LYS E 534 -31.19 -9.71 -17.12
C LYS E 534 -29.84 -10.23 -17.60
N THR E 535 -29.28 -11.28 -17.00
CA THR E 535 -28.14 -11.94 -17.65
C THR E 535 -28.47 -13.35 -18.14
N LEU E 536 -29.64 -13.89 -17.80
CA LEU E 536 -30.09 -15.13 -18.41
C LEU E 536 -30.49 -14.90 -19.86
N LEU E 537 -31.05 -13.73 -20.17
CA LEU E 537 -31.34 -13.35 -21.55
C LEU E 537 -30.07 -13.03 -22.33
N ALA E 538 -28.98 -12.67 -21.63
CA ALA E 538 -27.71 -12.43 -22.30
C ALA E 538 -27.09 -13.71 -22.83
N LYS E 539 -27.40 -14.84 -22.23
CA LYS E 539 -27.01 -16.12 -22.81
C LYS E 539 -27.93 -16.52 -23.96
N ALA E 540 -29.12 -15.94 -24.03
CA ALA E 540 -30.04 -16.22 -25.13
C ALA E 540 -29.66 -15.46 -26.39
N VAL E 541 -28.88 -14.38 -26.26
CA VAL E 541 -28.51 -13.57 -27.40
C VAL E 541 -27.14 -14.05 -27.89
N ALA E 542 -26.59 -15.07 -27.22
CA ALA E 542 -25.25 -15.55 -27.50
C ALA E 542 -25.21 -16.59 -28.62
N THR E 543 -26.24 -17.42 -28.75
CA THR E 543 -26.21 -18.51 -29.71
C THR E 543 -27.27 -18.41 -30.80
N GLU E 544 -28.46 -17.90 -30.48
CA GLU E 544 -29.54 -17.86 -31.48
C GLU E 544 -29.41 -16.69 -32.44
N VAL E 545 -28.88 -15.57 -31.97
CA VAL E 545 -28.59 -14.46 -32.88
C VAL E 545 -27.30 -14.77 -33.62
N SER E 546 -27.30 -14.54 -34.94
CA SER E 546 -26.17 -14.88 -35.80
C SER E 546 -24.93 -14.04 -35.52
N ALA E 547 -25.07 -12.91 -34.83
CA ALA E 547 -23.91 -12.11 -34.47
C ALA E 547 -23.07 -12.82 -33.41
N ASN E 548 -21.78 -12.50 -33.38
CA ASN E 548 -20.86 -13.15 -32.46
C ASN E 548 -21.04 -12.60 -31.05
N PHE E 549 -20.54 -13.36 -30.07
CA PHE E 549 -20.71 -13.05 -28.66
C PHE E 549 -19.36 -13.07 -27.96
N ILE E 550 -18.92 -11.90 -27.50
CA ILE E 550 -17.74 -11.77 -26.66
C ILE E 550 -18.21 -11.30 -25.29
N SER E 551 -17.96 -12.11 -24.27
CA SER E 551 -18.43 -11.83 -22.92
C SER E 551 -17.26 -11.42 -22.04
N VAL E 552 -17.55 -10.54 -21.08
CA VAL E 552 -16.57 -10.14 -20.07
C VAL E 552 -17.21 -10.36 -18.71
N LYS E 553 -16.39 -10.68 -17.72
CA LYS E 553 -16.88 -10.97 -16.37
C LYS E 553 -16.82 -9.73 -15.49
N GLY E 554 -17.51 -8.68 -15.94
CA GLY E 554 -17.65 -7.47 -15.17
C GLY E 554 -16.40 -6.62 -15.13
N PRO E 555 -15.86 -6.39 -13.93
CA PRO E 555 -14.69 -5.53 -13.79
C PRO E 555 -13.37 -6.26 -13.96
N GLU E 556 -13.41 -7.46 -14.55
CA GLU E 556 -12.18 -8.21 -14.80
C GLU E 556 -11.33 -7.59 -15.91
N LEU E 557 -11.91 -6.72 -16.74
CA LEU E 557 -11.17 -6.05 -17.80
C LEU E 557 -10.58 -4.72 -17.30
N LEU E 558 -9.83 -4.79 -16.21
CA LEU E 558 -9.27 -3.59 -15.57
C LEU E 558 -8.00 -4.03 -14.85
N SER E 559 -6.85 -3.72 -15.45
CA SER E 559 -5.57 -4.22 -14.99
C SER E 559 -5.03 -3.39 -13.83
N MET E 560 -3.89 -3.85 -13.30
CA MET E 560 -3.31 -3.23 -12.11
C MET E 560 -2.39 -2.07 -12.47
N TRP E 561 -1.67 -2.18 -13.58
CA TRP E 561 -0.60 -1.24 -13.88
C TRP E 561 -1.13 0.08 -14.44
N TYR E 562 -0.21 0.93 -14.88
CA TYR E 562 -0.56 2.30 -15.25
C TYR E 562 -1.31 2.35 -16.58
N GLY E 563 -0.68 1.91 -17.67
CA GLY E 563 -1.29 1.99 -18.97
C GLY E 563 -1.98 0.70 -19.39
N GLU E 564 -1.85 -0.34 -18.56
CA GLU E 564 -2.44 -1.63 -18.90
C GLU E 564 -3.95 -1.61 -18.66
N SER E 565 -4.43 -0.71 -17.80
CA SER E 565 -5.87 -0.64 -17.53
C SER E 565 -6.61 0.04 -18.67
N GLU E 566 -6.00 1.05 -19.29
CA GLU E 566 -6.60 1.75 -20.42
C GLU E 566 -6.41 1.01 -21.74
N SER E 567 -5.61 -0.05 -21.76
CA SER E 567 -5.37 -0.81 -22.98
C SER E 567 -6.25 -2.05 -23.08
N ASN E 568 -6.57 -2.69 -21.95
CA ASN E 568 -7.37 -3.90 -21.96
C ASN E 568 -8.83 -3.63 -22.33
N ILE E 569 -9.34 -2.42 -22.04
CA ILE E 569 -10.67 -2.04 -22.50
C ILE E 569 -10.65 -1.56 -23.95
N ARG E 570 -9.47 -1.45 -24.56
CA ARG E 570 -9.33 -1.09 -25.96
C ARG E 570 -8.99 -2.27 -26.84
N ASP E 571 -8.25 -3.25 -26.32
CA ASP E 571 -7.86 -4.42 -27.11
C ASP E 571 -9.03 -5.36 -27.40
N ILE E 572 -10.03 -5.42 -26.51
CA ILE E 572 -11.19 -6.26 -26.77
C ILE E 572 -12.10 -5.65 -27.82
N PHE E 573 -12.37 -4.35 -27.75
CA PHE E 573 -13.22 -3.69 -28.73
C PHE E 573 -12.57 -3.56 -30.10
N ASP E 574 -11.23 -3.50 -30.15
CA ASP E 574 -10.56 -3.36 -31.44
C ASP E 574 -10.44 -4.70 -32.16
N LYS E 575 -10.25 -5.79 -31.42
CA LYS E 575 -10.11 -7.11 -32.03
C LYS E 575 -11.43 -7.69 -32.51
N ALA E 576 -12.56 -7.05 -32.18
CA ALA E 576 -13.87 -7.54 -32.57
C ALA E 576 -14.48 -6.75 -33.73
N ARG E 577 -14.14 -5.46 -33.87
CA ARG E 577 -14.85 -4.62 -34.83
C ARG E 577 -14.38 -4.83 -36.26
N ALA E 578 -13.25 -5.53 -36.45
CA ALA E 578 -12.78 -5.79 -37.80
C ALA E 578 -13.56 -6.92 -38.47
N ALA E 579 -14.24 -7.75 -37.69
CA ALA E 579 -14.99 -8.91 -38.16
C ALA E 579 -16.35 -8.95 -37.49
N ALA E 580 -17.10 -7.85 -37.58
CA ALA E 580 -18.15 -7.62 -36.60
C ALA E 580 -19.59 -7.76 -37.11
N PRO E 581 -20.07 -8.97 -37.39
CA PRO E 581 -21.40 -9.33 -36.88
C PRO E 581 -21.21 -9.75 -35.44
N THR E 582 -21.53 -8.86 -34.49
CA THR E 582 -20.99 -9.02 -33.14
C THR E 582 -21.81 -8.21 -32.15
N VAL E 583 -22.25 -8.87 -31.08
CA VAL E 583 -22.74 -8.20 -29.88
C VAL E 583 -21.73 -8.44 -28.77
N VAL E 584 -21.70 -7.52 -27.82
CA VAL E 584 -20.80 -7.61 -26.67
C VAL E 584 -21.62 -7.44 -25.39
N PHE E 585 -21.19 -8.14 -24.34
CA PHE E 585 -21.90 -8.18 -23.08
C PHE E 585 -21.00 -7.59 -21.99
N LEU E 586 -21.09 -6.29 -21.78
CA LEU E 586 -20.40 -5.63 -20.69
C LEU E 586 -21.26 -5.80 -19.45
N ASP E 587 -20.80 -6.62 -18.50
CA ASP E 587 -21.53 -6.84 -17.27
C ASP E 587 -21.06 -5.88 -16.19
N GLU E 588 -21.95 -5.61 -15.23
CA GLU E 588 -21.68 -4.83 -14.02
C GLU E 588 -21.19 -3.41 -14.35
N LEU E 589 -22.10 -2.65 -14.94
CA LEU E 589 -21.86 -1.25 -15.26
C LEU E 589 -21.73 -0.35 -14.03
N ASP E 590 -22.09 -0.84 -12.83
CA ASP E 590 -21.81 -0.09 -11.62
C ASP E 590 -20.31 -0.01 -11.36
N SER E 591 -19.55 -1.02 -11.77
CA SER E 591 -18.10 -1.03 -11.62
C SER E 591 -17.39 -0.31 -12.75
N ILE E 592 -18.09 0.03 -13.83
CA ILE E 592 -17.49 0.74 -14.95
C ILE E 592 -17.76 2.24 -14.86
N ALA E 593 -19.02 2.62 -14.62
CA ALA E 593 -19.35 4.04 -14.49
C ALA E 593 -18.85 4.61 -13.17
N LYS E 594 -18.81 3.78 -12.11
CA LYS E 594 -18.19 3.99 -10.80
C LYS E 594 -18.63 5.26 -10.07
N ALA E 595 -19.76 5.87 -10.48
CA ALA E 595 -20.33 7.08 -9.89
C ALA E 595 -19.34 8.23 -9.90
N ARG E 596 -19.01 8.66 -11.12
CA ARG E 596 -18.00 9.69 -11.34
C ARG E 596 -18.41 11.06 -10.81
N GLY E 597 -19.70 11.30 -10.57
CA GLY E 597 -20.14 12.52 -9.92
C GLY E 597 -19.68 12.57 -8.48
N GLY E 598 -18.72 13.45 -8.19
CA GLY E 598 -18.08 13.45 -6.90
C GLY E 598 -17.02 12.38 -6.80
N SER E 599 -15.99 12.48 -7.64
CA SER E 599 -14.96 11.45 -7.69
C SER E 599 -13.99 11.57 -6.51
N LEU E 600 -13.49 12.80 -6.27
CA LEU E 600 -12.51 13.15 -5.22
C LEU E 600 -11.28 12.24 -5.20
N GLY E 601 -10.85 11.75 -6.35
CA GLY E 601 -9.71 10.85 -6.41
C GLY E 601 -9.96 9.48 -5.83
N ASP E 602 -11.06 8.84 -6.20
CA ASP E 602 -11.37 7.52 -5.66
C ASP E 602 -10.45 6.44 -6.23
N ALA E 603 -9.86 6.69 -7.39
CA ALA E 603 -8.94 5.75 -8.02
C ALA E 603 -7.48 6.15 -7.84
N GLY E 604 -7.22 7.18 -7.06
CA GLY E 604 -5.85 7.63 -6.81
C GLY E 604 -5.46 8.75 -7.76
N GLY E 605 -4.39 8.52 -8.54
CA GLY E 605 -3.88 9.54 -9.43
C GLY E 605 -4.53 9.56 -10.79
N ALA E 606 -5.81 9.95 -10.83
CA ALA E 606 -6.63 10.06 -12.04
C ALA E 606 -6.70 8.74 -12.81
N SER E 607 -6.79 7.63 -12.07
CA SER E 607 -6.90 6.31 -12.67
C SER E 607 -8.33 5.93 -13.00
N ASP E 608 -9.28 6.85 -12.85
CA ASP E 608 -10.68 6.59 -13.15
C ASP E 608 -11.04 7.11 -14.54
N ARG E 609 -10.08 7.03 -15.47
CA ARG E 609 -10.27 7.46 -16.84
C ARG E 609 -10.75 6.33 -17.75
N VAL E 610 -11.36 5.28 -17.19
CA VAL E 610 -11.94 4.23 -18.00
C VAL E 610 -13.37 4.53 -18.40
N VAL E 611 -13.97 5.58 -17.85
CA VAL E 611 -15.34 5.93 -18.23
C VAL E 611 -15.36 6.70 -19.55
N ASN E 612 -14.38 7.58 -19.79
CA ASN E 612 -14.35 8.34 -21.04
C ASN E 612 -13.50 7.68 -22.12
N GLN E 613 -12.68 6.69 -21.77
CA GLN E 613 -12.00 5.91 -22.79
C GLN E 613 -12.97 4.98 -23.52
N LEU E 614 -14.00 4.49 -22.81
CA LEU E 614 -15.07 3.76 -23.48
C LEU E 614 -15.96 4.67 -24.31
N LEU E 615 -16.02 5.96 -23.98
CA LEU E 615 -16.73 6.92 -24.82
C LEU E 615 -15.98 7.22 -26.11
N THR E 616 -14.67 6.97 -26.15
CA THR E 616 -13.92 7.11 -27.39
C THR E 616 -14.12 5.90 -28.30
N GLU E 617 -14.26 4.70 -27.73
CA GLU E 617 -14.54 3.52 -28.53
C GLU E 617 -15.98 3.51 -29.01
N MET E 618 -16.90 4.04 -28.19
CA MET E 618 -18.28 4.20 -28.61
C MET E 618 -18.42 5.39 -29.56
N ASP E 619 -19.33 5.24 -30.52
CA ASP E 619 -19.61 6.20 -31.59
C ASP E 619 -18.35 6.54 -32.39
N GLY E 620 -17.47 5.54 -32.54
CA GLY E 620 -16.28 5.68 -33.36
C GLY E 620 -16.24 4.65 -34.46
N MET E 621 -16.40 5.11 -35.70
CA MET E 621 -16.53 4.31 -36.92
C MET E 621 -17.66 3.30 -36.75
N ASN E 622 -18.90 3.80 -36.65
CA ASN E 622 -20.08 2.96 -36.50
C ASN E 622 -21.03 3.06 -37.70
N ALA E 623 -20.52 3.52 -38.83
CA ALA E 623 -21.31 3.53 -40.06
C ALA E 623 -21.37 2.10 -40.60
N LYS E 624 -22.52 1.46 -40.43
CA LYS E 624 -22.74 0.03 -40.73
C LYS E 624 -21.72 -0.85 -40.00
N LYS E 625 -21.70 -0.74 -38.68
CA LYS E 625 -20.81 -1.53 -37.81
C LYS E 625 -21.65 -2.03 -36.64
N ASN E 626 -21.77 -3.36 -36.51
CA ASN E 626 -22.59 -3.96 -35.47
C ASN E 626 -21.82 -3.95 -34.15
N VAL E 627 -22.18 -3.02 -33.28
CA VAL E 627 -21.61 -2.94 -31.93
C VAL E 627 -22.77 -2.74 -30.96
N PHE E 628 -23.26 -3.84 -30.38
CA PHE E 628 -24.42 -3.83 -29.49
C PHE E 628 -23.93 -4.15 -28.09
N VAL E 629 -23.74 -3.12 -27.28
CA VAL E 629 -23.32 -3.30 -25.89
C VAL E 629 -24.53 -3.70 -25.06
N ILE E 630 -24.48 -4.88 -24.44
CA ILE E 630 -25.54 -5.38 -23.59
C ILE E 630 -25.15 -5.05 -22.15
N GLY E 631 -25.80 -4.05 -21.57
CA GLY E 631 -25.53 -3.68 -20.19
C GLY E 631 -26.57 -4.18 -19.23
N ALA E 632 -26.24 -5.22 -18.47
CA ALA E 632 -27.12 -5.74 -17.43
C ALA E 632 -26.70 -5.16 -16.09
N THR E 633 -27.61 -4.40 -15.48
CA THR E 633 -27.29 -3.64 -14.28
C THR E 633 -28.48 -3.74 -13.34
N ASN E 634 -28.21 -3.77 -12.03
CA ASN E 634 -29.27 -3.82 -11.04
C ASN E 634 -29.65 -2.45 -10.50
N ARG E 635 -28.71 -1.51 -10.42
CA ARG E 635 -28.99 -0.16 -9.93
C ARG E 635 -28.76 0.84 -11.04
N PRO E 636 -29.82 1.44 -11.62
CA PRO E 636 -29.62 2.37 -12.74
C PRO E 636 -29.12 3.76 -12.33
N ASP E 637 -29.16 4.10 -11.04
CA ASP E 637 -28.83 5.45 -10.61
C ASP E 637 -27.32 5.71 -10.49
N GLN E 638 -26.50 4.67 -10.55
CA GLN E 638 -25.06 4.86 -10.39
C GLN E 638 -24.37 5.16 -11.71
N ILE E 639 -25.05 4.97 -12.83
CA ILE E 639 -24.47 5.22 -14.15
C ILE E 639 -24.54 6.72 -14.43
N ASP E 640 -23.41 7.29 -14.85
CA ASP E 640 -23.39 8.68 -15.25
C ASP E 640 -24.19 8.87 -16.54
N PRO E 641 -24.88 10.00 -16.71
CA PRO E 641 -25.75 10.19 -17.88
C PRO E 641 -25.03 10.51 -19.18
N ALA E 642 -23.70 10.36 -19.25
CA ALA E 642 -22.99 10.56 -20.51
C ALA E 642 -23.27 9.44 -21.50
N ILE E 643 -23.40 8.21 -21.01
CA ILE E 643 -23.76 7.08 -21.87
C ILE E 643 -25.26 7.08 -22.17
N LEU E 644 -26.07 7.68 -21.28
CA LEU E 644 -27.51 7.75 -21.41
C LEU E 644 -27.97 8.80 -22.45
N ARG E 645 -27.02 9.54 -23.02
CA ARG E 645 -27.32 10.53 -24.06
C ARG E 645 -27.87 9.85 -25.31
N PRO E 646 -28.79 10.52 -26.03
CA PRO E 646 -29.43 9.88 -27.20
C PRO E 646 -28.51 9.65 -28.38
N GLY E 647 -27.30 10.23 -28.40
CA GLY E 647 -26.35 9.93 -29.45
C GLY E 647 -25.64 8.61 -29.30
N ARG E 648 -25.68 8.02 -28.11
CA ARG E 648 -25.03 6.74 -27.84
C ARG E 648 -26.03 5.61 -27.70
N LEU E 649 -27.03 5.76 -26.83
CA LEU E 649 -28.06 4.75 -26.62
C LEU E 649 -29.43 5.37 -26.80
N ASP E 650 -30.28 4.71 -27.58
CA ASP E 650 -31.62 5.22 -27.87
C ASP E 650 -32.75 4.32 -27.37
N GLN E 651 -32.45 3.08 -26.96
CA GLN E 651 -33.45 2.16 -26.47
C GLN E 651 -33.22 1.92 -24.99
N LEU E 652 -34.23 2.25 -24.17
CA LEU E 652 -34.17 2.08 -22.72
C LEU E 652 -35.31 1.16 -22.31
N ILE E 653 -34.98 -0.08 -21.95
CA ILE E 653 -35.97 -1.08 -21.60
C ILE E 653 -35.81 -1.48 -20.14
N TYR E 654 -36.95 -1.73 -19.49
CA TYR E 654 -36.98 -2.15 -18.09
C TYR E 654 -37.82 -3.41 -17.99
N VAL E 655 -37.27 -4.43 -17.33
CA VAL E 655 -37.93 -5.72 -17.18
C VAL E 655 -38.79 -5.65 -15.92
N PRO E 656 -40.13 -5.66 -16.03
CA PRO E 656 -40.97 -5.47 -14.84
C PRO E 656 -41.22 -6.77 -14.07
N LEU E 657 -42.09 -6.69 -13.06
CA LEU E 657 -42.43 -7.87 -12.29
C LEU E 657 -43.37 -8.76 -13.09
N PRO E 658 -43.07 -10.05 -13.21
CA PRO E 658 -43.97 -10.95 -13.94
C PRO E 658 -45.25 -11.20 -13.16
N ASP E 659 -46.38 -11.06 -13.84
CA ASP E 659 -47.69 -11.20 -13.23
C ASP E 659 -48.12 -12.67 -13.23
N GLU E 660 -49.40 -12.92 -12.94
CA GLU E 660 -49.91 -14.29 -12.87
C GLU E 660 -49.98 -14.95 -14.24
N ASN E 661 -50.06 -14.16 -15.32
CA ASN E 661 -50.03 -14.71 -16.67
C ASN E 661 -48.62 -14.95 -17.18
N ALA E 662 -47.60 -14.40 -16.52
CA ALA E 662 -46.22 -14.59 -16.94
C ALA E 662 -45.43 -15.52 -16.03
N ARG E 663 -45.89 -15.75 -14.80
CA ARG E 663 -45.20 -16.69 -13.93
C ARG E 663 -45.42 -18.13 -14.34
N LEU E 664 -46.46 -18.42 -15.11
CA LEU E 664 -46.68 -19.77 -15.60
C LEU E 664 -45.66 -20.15 -16.68
N SER E 665 -45.13 -19.15 -17.39
CA SER E 665 -44.07 -19.42 -18.36
C SER E 665 -42.72 -19.63 -17.70
N ILE E 666 -42.53 -19.11 -16.48
CA ILE E 666 -41.29 -19.34 -15.75
C ILE E 666 -41.20 -20.80 -15.30
N LEU E 667 -42.30 -21.32 -14.75
CA LEU E 667 -42.32 -22.70 -14.30
C LEU E 667 -42.37 -23.68 -15.46
N ASN E 668 -42.95 -23.26 -16.60
CA ASN E 668 -42.97 -24.13 -17.78
C ASN E 668 -41.59 -24.22 -18.43
N ALA E 669 -40.74 -23.22 -18.20
CA ALA E 669 -39.37 -23.29 -18.72
C ALA E 669 -38.54 -24.30 -17.96
N GLN E 670 -38.83 -24.51 -16.68
CA GLN E 670 -38.08 -25.47 -15.89
C GLN E 670 -38.68 -26.87 -15.94
N LEU E 671 -39.99 -26.97 -16.20
CA LEU E 671 -40.68 -28.24 -16.26
C LEU E 671 -40.85 -28.72 -17.71
N ARG E 672 -39.88 -28.40 -18.57
CA ARG E 672 -39.96 -28.72 -19.99
C ARG E 672 -39.28 -30.05 -20.31
N LYS E 673 -37.99 -30.16 -20.00
CA LYS E 673 -37.18 -31.32 -20.36
C LYS E 673 -36.90 -32.21 -19.16
N THR E 674 -37.87 -32.38 -18.27
CA THR E 674 -37.71 -33.19 -17.08
C THR E 674 -38.79 -34.25 -16.98
N PRO E 675 -38.47 -35.41 -16.41
CA PRO E 675 -39.52 -36.37 -16.07
C PRO E 675 -40.33 -35.87 -14.88
N LEU E 676 -41.65 -35.87 -15.03
CA LEU E 676 -42.54 -35.25 -14.07
C LEU E 676 -43.71 -36.16 -13.77
N GLU E 677 -44.45 -35.83 -12.72
CA GLU E 677 -45.65 -36.55 -12.33
C GLU E 677 -46.81 -36.13 -13.23
N PRO E 678 -47.93 -36.85 -13.20
CA PRO E 678 -49.16 -36.34 -13.84
C PRO E 678 -49.65 -35.05 -13.20
N GLY E 679 -50.51 -34.36 -13.94
CA GLY E 679 -50.88 -32.98 -13.64
C GLY E 679 -51.62 -32.73 -12.34
N LEU E 680 -50.93 -32.07 -11.41
CA LEU E 680 -51.54 -31.53 -10.20
C LEU E 680 -51.99 -30.09 -10.46
N GLU E 681 -52.34 -29.37 -9.41
CA GLU E 681 -52.71 -27.96 -9.54
C GLU E 681 -51.48 -27.13 -9.93
N LEU E 682 -51.66 -26.25 -10.90
CA LEU E 682 -50.55 -25.47 -11.45
C LEU E 682 -50.76 -23.98 -11.40
N THR E 683 -51.99 -23.49 -11.64
CA THR E 683 -52.23 -22.06 -11.60
C THR E 683 -52.30 -21.52 -10.18
N ALA E 684 -52.55 -22.37 -9.19
CA ALA E 684 -52.56 -21.94 -7.81
C ALA E 684 -51.16 -21.66 -7.26
N ILE E 685 -50.13 -22.22 -7.90
CA ILE E 685 -48.76 -21.96 -7.46
C ILE E 685 -48.32 -20.55 -7.85
N ALA E 686 -48.68 -20.12 -9.07
CA ALA E 686 -48.32 -18.77 -9.51
C ALA E 686 -49.14 -17.69 -8.84
N LYS E 687 -50.33 -18.03 -8.33
CA LYS E 687 -51.18 -17.05 -7.66
C LYS E 687 -50.75 -16.76 -6.24
N ALA E 688 -49.94 -17.63 -5.64
CA ALA E 688 -49.53 -17.45 -4.25
C ALA E 688 -48.14 -16.85 -4.10
N THR E 689 -47.32 -16.86 -5.16
CA THR E 689 -45.97 -16.33 -5.10
C THR E 689 -45.89 -14.88 -5.57
N GLN E 690 -47.00 -14.14 -5.53
CA GLN E 690 -47.02 -12.75 -5.98
C GLN E 690 -46.29 -11.87 -4.96
N GLY E 691 -45.15 -11.31 -5.38
CA GLY E 691 -44.36 -10.47 -4.51
C GLY E 691 -42.89 -10.85 -4.51
N PHE E 692 -42.54 -11.80 -5.37
CA PHE E 692 -41.16 -12.26 -5.49
C PHE E 692 -40.77 -12.25 -6.97
N SER E 693 -39.46 -12.30 -7.21
CA SER E 693 -38.91 -12.13 -8.54
C SER E 693 -38.88 -13.46 -9.30
N GLY E 694 -38.24 -13.43 -10.47
CA GLY E 694 -38.16 -14.62 -11.31
C GLY E 694 -37.15 -15.65 -10.84
N ALA E 695 -36.13 -15.21 -10.10
CA ALA E 695 -35.15 -16.17 -9.57
C ALA E 695 -35.67 -16.89 -8.34
N ASP E 696 -36.67 -16.33 -7.67
CA ASP E 696 -37.24 -16.96 -6.48
C ASP E 696 -38.04 -18.22 -6.83
N LEU E 697 -38.56 -18.32 -8.05
CA LEU E 697 -39.26 -19.52 -8.46
C LEU E 697 -38.27 -20.63 -8.79
N LEU E 698 -37.00 -20.29 -9.01
CA LEU E 698 -35.98 -21.32 -9.16
C LEU E 698 -35.66 -21.99 -7.82
N TYR E 699 -35.88 -21.28 -6.72
CA TYR E 699 -35.70 -21.88 -5.39
C TYR E 699 -36.80 -22.88 -5.08
N ILE E 700 -38.03 -22.61 -5.51
CA ILE E 700 -39.14 -23.50 -5.19
C ILE E 700 -39.14 -24.70 -6.15
N VAL E 701 -38.48 -24.56 -7.30
CA VAL E 701 -38.37 -25.71 -8.21
C VAL E 701 -37.16 -26.57 -7.88
N GLN E 702 -36.21 -26.04 -7.09
CA GLN E 702 -35.07 -26.84 -6.67
C GLN E 702 -35.38 -27.63 -5.41
N ARG E 703 -36.15 -27.05 -4.49
CA ARG E 703 -36.53 -27.77 -3.27
C ARG E 703 -37.52 -28.90 -3.58
N ALA E 704 -38.35 -28.71 -4.61
CA ALA E 704 -39.22 -29.81 -5.05
C ALA E 704 -38.43 -30.87 -5.79
N ALA E 705 -37.32 -30.48 -6.43
CA ALA E 705 -36.45 -31.45 -7.10
C ALA E 705 -35.46 -32.10 -6.14
N LYS E 706 -35.08 -31.41 -5.06
CA LYS E 706 -34.20 -32.03 -4.06
C LYS E 706 -34.96 -33.09 -3.26
N TYR E 707 -36.23 -32.83 -2.95
CA TYR E 707 -37.06 -33.79 -2.23
C TYR E 707 -37.49 -34.98 -3.09
N ALA E 708 -37.24 -34.95 -4.39
CA ALA E 708 -37.45 -36.11 -5.26
C ALA E 708 -36.24 -37.01 -5.32
N ILE E 709 -35.06 -36.52 -4.95
CA ILE E 709 -33.86 -37.34 -4.87
C ILE E 709 -33.63 -37.87 -3.46
N LYS E 710 -34.09 -37.16 -2.43
CA LYS E 710 -33.87 -37.59 -1.05
C LYS E 710 -34.68 -38.84 -0.73
N ASP E 711 -35.94 -38.90 -1.15
CA ASP E 711 -36.75 -40.08 -0.89
C ASP E 711 -36.43 -41.25 -1.81
N SER E 712 -35.68 -41.01 -2.90
CA SER E 712 -35.30 -42.10 -3.80
C SER E 712 -34.24 -42.98 -3.18
N ILE E 713 -33.31 -42.40 -2.41
CA ILE E 713 -32.31 -43.21 -1.73
C ILE E 713 -32.92 -43.95 -0.55
N GLU E 714 -33.95 -43.36 0.08
CA GLU E 714 -34.65 -44.05 1.16
C GLU E 714 -35.53 -45.17 0.62
N ALA E 715 -35.96 -45.07 -0.64
CA ALA E 715 -36.70 -46.16 -1.25
C ALA E 715 -35.79 -47.35 -1.58
N HIS E 716 -34.50 -47.08 -1.79
CA HIS E 716 -33.54 -48.15 -2.04
C HIS E 716 -33.20 -48.84 -0.73
N ARG E 717 -33.39 -50.15 -0.68
CA ARG E 717 -33.15 -51.02 0.47
C ARG E 717 -33.88 -50.57 1.74
N ALA F 1 -17.48 15.85 6.20
CA ALA F 1 -18.28 14.66 6.42
C ALA F 1 -17.59 13.43 5.86
N ALA F 2 -17.46 13.38 4.52
CA ALA F 2 -16.84 12.24 3.87
C ALA F 2 -15.31 12.33 3.97
N ALA F 3 -14.69 11.27 4.47
CA ALA F 3 -13.24 11.17 4.55
C ALA F 3 -12.77 10.07 3.60
N ALA F 4 -11.72 10.36 2.85
CA ALA F 4 -11.18 9.39 1.90
C ALA F 4 -10.43 8.29 2.65
N ALA F 5 -10.84 7.05 2.42
CA ALA F 5 -10.31 5.90 3.13
C ALA F 5 -9.18 5.19 2.39
N ALA F 6 -8.72 5.72 1.27
CA ALA F 6 -7.73 5.04 0.46
C ALA F 6 -6.97 6.04 -0.41
N ALA F 7 -5.69 5.75 -0.66
CA ALA F 7 -4.88 6.47 -1.63
C ALA F 7 -4.85 5.80 -2.99
N ALA F 8 -5.04 4.47 -3.04
CA ALA F 8 -5.22 3.67 -4.26
C ALA F 8 -4.08 3.79 -5.26
N ALA F 9 -2.90 3.29 -4.91
CA ALA F 9 -1.74 3.33 -5.79
C ALA F 9 -1.95 2.44 -7.02
N ALA F 10 -1.82 3.04 -8.21
CA ALA F 10 -2.18 2.39 -9.47
C ALA F 10 -1.09 2.55 -10.53
N ALA F 11 0.13 2.88 -10.12
CA ALA F 11 1.17 3.23 -11.07
C ALA F 11 2.51 2.63 -10.67
N ALA F 12 3.59 3.02 -11.34
CA ALA F 12 4.90 2.43 -11.00
C ALA F 12 5.22 1.36 -12.03
N ALA F 13 6.24 1.58 -12.88
CA ALA F 13 6.57 0.62 -13.96
C ALA F 13 7.93 -0.04 -13.76
N ALA F 14 8.50 0.13 -12.57
CA ALA F 14 9.75 -0.53 -12.10
C ALA F 14 11.01 -0.17 -12.90
N ALA F 15 12.04 -1.00 -12.77
CA ALA F 15 13.31 -0.84 -13.50
C ALA F 15 13.28 -1.66 -14.78
N ALA F 16 14.44 -2.11 -15.27
CA ALA F 16 14.33 -2.86 -16.53
C ALA F 16 15.40 -3.93 -16.64
N ALA F 17 16.67 -3.53 -16.81
CA ALA F 17 17.87 -4.38 -17.01
C ALA F 17 17.94 -4.91 -18.45
N ALA F 18 19.05 -4.65 -19.14
CA ALA F 18 19.26 -5.06 -20.54
C ALA F 18 20.05 -6.36 -20.59
N ALA F 19 20.16 -6.99 -21.76
CA ALA F 19 20.94 -8.24 -21.95
C ALA F 19 21.99 -8.01 -23.05
N ALA F 20 23.19 -7.51 -22.73
CA ALA F 20 24.18 -7.14 -23.75
C ALA F 20 24.77 -8.35 -24.50
N ALA F 21 24.28 -8.66 -25.71
CA ALA F 21 24.80 -9.79 -26.54
C ALA F 21 26.12 -9.38 -27.21
N ALA F 22 27.23 -10.07 -26.88
CA ALA F 22 28.61 -9.79 -27.36
C ALA F 22 28.71 -9.76 -28.89
N ALA F 23 29.61 -8.94 -29.42
CA ALA F 23 29.81 -8.83 -30.89
C ALA F 23 31.23 -9.25 -31.25
N ALA F 24 31.38 -9.87 -32.42
CA ALA F 24 32.70 -10.34 -32.88
C ALA F 24 32.64 -10.63 -34.38
#